data_3FU8
#
_entry.id   3FU8
#
_cell.length_a   174.710
_cell.length_b   62.370
_cell.length_c   125.140
_cell.angle_alpha   90.00
_cell.angle_beta   96.36
_cell.angle_gamma   90.00
#
_symmetry.space_group_name_H-M   'C 1 2 1'
#
loop_
_entity.id
_entity.type
_entity.pdbx_description
1 polymer Laccase-1
2 branched alpha-D-mannopyranose-(1-6)-alpha-D-mannopyranose-(1-4)-2-acetamido-2-deoxy-beta-D-glucopyranose-(1-4)-2-acetamido-2-deoxy-beta-D-glucopyranose
3 branched 2-acetamido-2-deoxy-beta-D-glucopyranose-(1-4)-2-acetamido-2-deoxy-beta-D-glucopyranose
4 branched alpha-D-mannopyranose-(1-4)-2-acetamido-2-deoxy-beta-D-glucopyranose-(1-4)-2-acetamido-2-deoxy-beta-D-glucopyranose
5 non-polymer 'COPPER (II) ION'
6 non-polymer 'CHLORIDE ION'
7 non-polymer 2-acetamido-2-deoxy-beta-D-glucopyranose
8 non-polymer 'SULFATE ION'
9 non-polymer 2,6-dimethoxyphenol
10 non-polymer GLYCEROL
11 water water
#
_entity_poly.entity_id   1
_entity_poly.type   'polypeptide(L)'
_entity_poly.pdbx_seq_one_letter_code
;EPTCNTPSNRACWSDGFDINTDYEVSTPDTGVTQSYVFNLTEVDNWMGPDGVVKEKVMLINGNIMGPNIVANWGDTVEVT
VINNLVTNGTSIHWHGI(OHI)QKDTNLHDGANGVTECPIPPKGGQRTYRWRARQYGTSWYHSHFSAQYGNGVVGTIQIN
GPASLPYDIDLGVFPITDYYYRAADDLVHFTQNNAPPFSDNVLINGTAVNPNTGEGQYANVTLTPGKRHRLRILNTSTEN
HFQVSLVNHTMTVIAADMVPVNAMTVDSLFLAVGQRYDVVIDASRAPDNYWFNVTFGGQAACGGSLNPHPAAIFHYAGAP
GGLPTDEGTPPVDHQCLDTLDVRPVVPRSVPVNSFVKRPDNTLPVALDLTGTPLFVWKVNGSDINVDWGKPIIDYILTGN
TSYPVSDNIVQVDAVDQWTYWLIENDPEGPFSLPHPMHLHGHDFLVLGRSPDVPAASQQRFVFDPAVDLARLNGDNPPRR
DTTMLPAGGWLLLAFRTDNPGAWLFHCHIAWHVSGGLSVDFLERPADLRQRISQEDEDDFNRVCDEWRAYWPTNPYPKID
SGL
;
_entity_poly.pdbx_strand_id   A,B
#
loop_
_chem_comp.id
_chem_comp.type
_chem_comp.name
_chem_comp.formula
3DM non-polymer 2,6-dimethoxyphenol 'C8 H10 O3'
CL non-polymer 'CHLORIDE ION' 'Cl -1'
CU non-polymer 'COPPER (II) ION' 'Cu 2'
GOL non-polymer GLYCEROL 'C3 H8 O3'
MAN D-saccharide, alpha linking alpha-D-mannopyranose 'C6 H12 O6'
NAG D-saccharide, beta linking 2-acetamido-2-deoxy-beta-D-glucopyranose 'C8 H15 N O6'
SO4 non-polymer 'SULFATE ION' 'O4 S -2'
#
# COMPACT_ATOMS: atom_id res chain seq x y z
N GLU A 1 40.89 -23.70 -9.78
CA GLU A 1 41.89 -23.05 -8.87
C GLU A 1 42.52 -21.83 -9.54
N PRO A 2 42.56 -20.68 -8.85
CA PRO A 2 43.23 -19.51 -9.40
C PRO A 2 44.75 -19.58 -9.24
N THR A 3 45.46 -18.76 -10.02
CA THR A 3 46.90 -18.61 -9.84
C THR A 3 47.37 -17.16 -9.66
N CYS A 4 46.52 -16.18 -9.96
CA CYS A 4 46.94 -14.78 -9.93
C CYS A 4 45.91 -13.82 -9.33
N ASN A 5 44.98 -14.37 -8.57
CA ASN A 5 43.94 -13.57 -7.94
C ASN A 5 44.39 -13.19 -6.54
N THR A 6 44.80 -11.94 -6.41
CA THR A 6 45.31 -11.43 -5.13
C THR A 6 44.50 -10.21 -4.71
N PRO A 7 44.72 -9.70 -3.48
CA PRO A 7 43.95 -8.50 -3.10
C PRO A 7 44.06 -7.25 -3.98
N SER A 8 45.24 -6.95 -4.54
CA SER A 8 45.33 -5.77 -5.44
C SER A 8 45.05 -6.04 -6.92
N ASN A 9 44.91 -7.32 -7.29
CA ASN A 9 44.59 -7.69 -8.65
C ASN A 9 43.53 -8.81 -8.63
N ARG A 10 42.30 -8.40 -8.35
CA ARG A 10 41.15 -9.34 -8.30
C ARG A 10 40.62 -9.65 -9.70
N ALA A 11 41.06 -8.86 -10.67
CA ALA A 11 40.69 -9.04 -12.09
C ALA A 11 41.29 -10.31 -12.69
N CYS A 12 42.40 -10.76 -12.10
N CYS A 12 42.45 -10.73 -12.19
CA CYS A 12 43.18 -11.88 -12.59
CA CYS A 12 43.16 -11.92 -12.69
C CYS A 12 42.64 -13.20 -12.03
C CYS A 12 42.60 -13.18 -12.07
N TRP A 13 42.61 -14.26 -12.84
CA TRP A 13 42.21 -15.57 -12.31
C TRP A 13 43.27 -16.67 -12.57
N SER A 14 43.48 -17.01 -13.84
CA SER A 14 44.44 -18.05 -14.23
C SER A 14 44.73 -17.79 -15.71
N ASP A 15 45.68 -18.53 -16.31
CA ASP A 15 46.02 -18.35 -17.73
C ASP A 15 44.80 -18.58 -18.63
N GLY A 16 44.45 -17.56 -19.41
CA GLY A 16 43.26 -17.59 -20.29
C GLY A 16 41.95 -17.14 -19.66
N PHE A 17 41.97 -16.94 -18.34
CA PHE A 17 40.76 -16.64 -17.60
C PHE A 17 40.91 -15.38 -16.73
N ASP A 18 40.11 -14.35 -17.05
CA ASP A 18 40.11 -13.12 -16.26
C ASP A 18 38.72 -12.43 -16.26
N ILE A 19 38.60 -11.24 -15.70
CA ILE A 19 37.27 -10.58 -15.58
C ILE A 19 36.63 -10.22 -16.94
N ASN A 20 37.47 -10.22 -17.98
CA ASN A 20 37.03 -9.87 -19.32
C ASN A 20 36.79 -11.07 -20.24
N THR A 21 37.10 -12.28 -19.77
CA THR A 21 36.79 -13.50 -20.50
C THR A 21 35.28 -13.58 -20.62
N ASP A 22 34.81 -14.07 -21.76
CA ASP A 22 33.38 -14.30 -21.93
C ASP A 22 33.08 -15.66 -21.28
N TYR A 23 32.66 -15.63 -20.02
CA TYR A 23 32.41 -16.83 -19.23
C TYR A 23 31.20 -17.57 -19.79
N GLU A 24 30.49 -16.97 -20.74
CA GLU A 24 29.27 -17.64 -21.28
C GLU A 24 29.69 -18.69 -22.29
N VAL A 25 30.87 -18.49 -22.86
CA VAL A 25 31.36 -19.39 -23.88
C VAL A 25 32.70 -20.09 -23.56
N SER A 26 33.37 -19.66 -22.49
CA SER A 26 34.67 -20.19 -22.11
C SER A 26 34.74 -20.47 -20.60
N THR A 27 35.22 -21.67 -20.26
CA THR A 27 35.16 -22.19 -18.88
C THR A 27 36.45 -22.94 -18.57
N PRO A 28 37.08 -22.71 -17.38
CA PRO A 28 38.28 -23.46 -16.96
C PRO A 28 38.03 -24.92 -16.79
N ASP A 29 38.95 -25.71 -17.33
CA ASP A 29 38.93 -27.12 -17.17
C ASP A 29 39.74 -27.45 -15.90
N THR A 30 39.08 -27.46 -14.74
CA THR A 30 39.80 -27.76 -13.46
C THR A 30 39.90 -29.25 -13.15
N GLY A 31 38.91 -30.00 -13.62
CA GLY A 31 38.80 -31.45 -13.33
C GLY A 31 38.43 -31.77 -11.89
N VAL A 32 37.94 -30.78 -11.15
CA VAL A 32 37.63 -30.93 -9.73
C VAL A 32 36.12 -30.93 -9.54
N THR A 33 35.66 -31.84 -8.67
CA THR A 33 34.26 -31.98 -8.28
C THR A 33 34.12 -31.71 -6.78
N GLN A 34 33.17 -30.84 -6.40
CA GLN A 34 32.81 -30.63 -4.99
C GLN A 34 31.44 -31.23 -4.77
N SER A 35 31.35 -32.18 -3.82
N SER A 35 31.35 -32.19 -3.83
CA SER A 35 30.11 -32.93 -3.59
CA SER A 35 30.11 -32.95 -3.62
C SER A 35 29.56 -32.65 -2.21
C SER A 35 29.56 -32.71 -2.21
N TYR A 36 28.25 -32.83 -2.07
CA TYR A 36 27.48 -32.54 -0.85
C TYR A 36 26.36 -33.59 -0.77
N VAL A 37 25.81 -33.84 0.44
CA VAL A 37 24.60 -34.66 0.57
C VAL A 37 23.60 -33.70 1.22
N PHE A 38 22.37 -33.68 0.71
CA PHE A 38 21.28 -32.89 1.28
C PHE A 38 20.27 -33.88 1.82
N ASN A 39 20.19 -34.00 3.15
CA ASN A 39 19.22 -34.89 3.81
C ASN A 39 18.05 -34.08 4.34
N LEU A 40 16.90 -34.21 3.67
CA LEU A 40 15.70 -33.40 4.01
C LEU A 40 14.93 -34.05 5.10
N THR A 41 14.62 -33.33 6.18
CA THR A 41 13.75 -33.82 7.24
C THR A 41 12.63 -32.86 7.61
N GLU A 42 11.58 -33.47 8.16
CA GLU A 42 10.42 -32.76 8.57
C GLU A 42 10.45 -32.68 10.09
N VAL A 43 10.56 -31.47 10.62
CA VAL A 43 10.67 -31.25 12.06
C VAL A 43 9.46 -30.45 12.56
N ASP A 44 8.76 -30.98 13.57
CA ASP A 44 7.63 -30.28 14.15
C ASP A 44 8.08 -29.58 15.43
N ASN A 45 7.37 -28.53 15.83
CA ASN A 45 7.68 -27.74 17.05
C ASN A 45 9.13 -27.39 17.14
N TRP A 46 9.60 -26.70 16.10
CA TRP A 46 10.99 -26.32 15.95
C TRP A 46 11.22 -24.95 16.53
N MET A 47 12.19 -24.80 17.41
CA MET A 47 12.52 -23.49 17.92
C MET A 47 13.35 -22.69 16.92
N GLY A 48 12.80 -21.60 16.41
CA GLY A 48 13.51 -20.77 15.42
C GLY A 48 14.37 -19.72 16.13
N PRO A 49 15.13 -18.95 15.34
CA PRO A 49 16.14 -18.02 15.89
C PRO A 49 15.62 -16.84 16.69
N ASP A 50 14.37 -16.46 16.54
CA ASP A 50 13.84 -15.35 17.31
C ASP A 50 13.05 -15.77 18.55
N GLY A 51 13.19 -17.02 18.94
CA GLY A 51 12.56 -17.43 20.20
C GLY A 51 11.22 -18.09 20.02
N VAL A 52 10.57 -17.87 18.87
CA VAL A 52 9.28 -18.50 18.59
C VAL A 52 9.39 -19.95 18.01
N VAL A 53 8.56 -20.84 18.53
CA VAL A 53 8.49 -22.22 18.03
C VAL A 53 7.51 -22.34 16.84
N LYS A 54 8.01 -22.87 15.73
CA LYS A 54 7.18 -23.14 14.55
C LYS A 54 6.55 -24.52 14.57
N GLU A 55 5.30 -24.59 14.14
CA GLU A 55 4.53 -25.82 13.99
C GLU A 55 5.32 -26.94 13.25
N LYS A 56 5.85 -26.61 12.07
CA LYS A 56 6.52 -27.57 11.21
C LYS A 56 7.48 -26.81 10.29
N VAL A 57 8.71 -27.34 10.17
CA VAL A 57 9.68 -26.92 9.15
C VAL A 57 10.21 -28.15 8.39
N MET A 58 10.87 -27.86 7.28
CA MET A 58 11.55 -28.86 6.44
C MET A 58 12.98 -28.38 6.20
N LEU A 59 13.94 -29.16 6.70
CA LEU A 59 15.32 -28.69 6.84
C LEU A 59 16.24 -29.58 6.05
N ILE A 60 17.33 -28.99 5.54
CA ILE A 60 18.48 -29.74 4.95
C ILE A 60 19.53 -29.95 6.03
N ASN A 61 19.85 -31.22 6.30
CA ASN A 61 20.92 -31.51 7.28
C ASN A 61 20.72 -30.86 8.67
N GLY A 62 19.45 -30.68 9.03
CA GLY A 62 19.02 -30.28 10.38
C GLY A 62 19.26 -28.82 10.78
N ASN A 63 19.59 -27.97 9.82
CA ASN A 63 19.85 -26.54 10.07
C ASN A 63 18.85 -25.64 9.33
N ILE A 64 18.78 -24.37 9.69
CA ILE A 64 17.83 -23.40 9.08
C ILE A 64 18.02 -23.24 7.59
N MET A 65 19.25 -23.43 7.13
CA MET A 65 19.58 -23.45 5.74
C MET A 65 20.48 -24.64 5.45
N GLY A 66 20.56 -24.98 4.17
CA GLY A 66 21.40 -26.07 3.69
C GLY A 66 22.86 -25.66 3.69
N PRO A 67 23.74 -26.59 3.34
CA PRO A 67 25.17 -26.30 3.30
C PRO A 67 25.47 -25.13 2.36
N ASN A 68 26.49 -24.31 2.66
CA ASN A 68 26.96 -23.28 1.73
C ASN A 68 27.71 -24.01 0.66
N ILE A 69 27.21 -24.03 -0.55
CA ILE A 69 28.01 -24.62 -1.64
C ILE A 69 29.10 -23.63 -1.99
N VAL A 70 30.32 -24.12 -2.15
CA VAL A 70 31.49 -23.30 -2.53
C VAL A 70 32.37 -24.08 -3.51
N ALA A 71 32.71 -23.46 -4.64
CA ALA A 71 33.64 -24.12 -5.55
C ALA A 71 34.31 -23.05 -6.37
N ASN A 72 35.22 -23.45 -7.25
CA ASN A 72 35.87 -22.53 -8.16
C ASN A 72 35.24 -22.57 -9.55
N TRP A 73 35.28 -21.45 -10.24
CA TRP A 73 34.90 -21.34 -11.67
C TRP A 73 35.47 -22.53 -12.46
N GLY A 74 34.59 -23.31 -13.11
CA GLY A 74 35.03 -24.48 -13.89
C GLY A 74 34.99 -25.83 -13.18
N ASP A 75 34.82 -25.80 -11.86
CA ASP A 75 34.57 -26.98 -11.07
C ASP A 75 33.24 -27.61 -11.48
N THR A 76 33.03 -28.86 -11.06
CA THR A 76 31.70 -29.50 -11.13
C THR A 76 31.17 -29.58 -9.72
N VAL A 77 29.88 -29.26 -9.59
CA VAL A 77 29.15 -29.37 -8.34
C VAL A 77 28.18 -30.56 -8.40
N GLU A 78 28.20 -31.38 -7.34
CA GLU A 78 27.41 -32.59 -7.34
C GLU A 78 26.75 -32.73 -5.99
N VAL A 79 25.43 -32.91 -6.01
CA VAL A 79 24.65 -32.92 -4.79
C VAL A 79 23.68 -34.12 -4.83
N THR A 80 23.83 -35.00 -3.84
CA THR A 80 22.88 -36.10 -3.68
C THR A 80 21.80 -35.65 -2.71
N VAL A 81 20.56 -35.50 -3.21
CA VAL A 81 19.41 -35.12 -2.37
C VAL A 81 18.63 -36.33 -1.96
N ILE A 82 18.49 -36.52 -0.64
CA ILE A 82 17.74 -37.64 -0.06
C ILE A 82 16.50 -37.08 0.62
N ASN A 83 15.33 -37.46 0.09
CA ASN A 83 14.10 -36.86 0.58
C ASN A 83 13.51 -37.65 1.76
N ASN A 84 13.81 -37.22 2.98
CA ASN A 84 13.22 -37.87 4.16
C ASN A 84 12.02 -37.16 4.79
N LEU A 85 11.29 -36.42 3.95
CA LEU A 85 10.05 -35.80 4.41
C LEU A 85 8.95 -36.88 4.55
N VAL A 86 7.84 -36.53 5.16
CA VAL A 86 6.80 -37.54 5.39
C VAL A 86 5.95 -37.75 4.16
N THR A 87 5.51 -36.67 3.50
CA THR A 87 4.59 -36.80 2.39
C THR A 87 5.06 -36.10 1.10
N ASN A 88 5.81 -34.99 1.24
CA ASN A 88 6.04 -34.11 0.07
C ASN A 88 7.10 -34.74 -0.81
N GLY A 89 6.96 -34.55 -2.12
CA GLY A 89 8.08 -34.76 -3.01
C GLY A 89 9.04 -33.60 -2.78
N THR A 90 10.14 -33.60 -3.52
CA THR A 90 11.00 -32.42 -3.53
C THR A 90 11.75 -32.34 -4.86
N SER A 91 12.27 -31.17 -5.15
CA SER A 91 13.16 -31.00 -6.32
C SER A 91 13.96 -29.73 -6.06
N ILE A 92 15.28 -29.78 -6.24
CA ILE A 92 16.11 -28.59 -5.86
C ILE A 92 16.53 -27.87 -7.13
N HIS A 93 16.22 -26.56 -7.17
CA HIS A 93 16.56 -25.71 -8.31
C HIS A 93 17.78 -24.88 -7.95
N TRP A 94 18.75 -24.81 -8.87
CA TRP A 94 20.01 -24.07 -8.67
C TRP A 94 19.85 -22.69 -9.32
N HIS A 95 19.37 -21.72 -8.52
CA HIS A 95 18.95 -20.42 -9.04
C HIS A 95 20.13 -19.55 -9.39
N GLY A 96 20.23 -19.19 -10.68
CA GLY A 96 21.38 -18.45 -11.18
C GLY A 96 22.34 -19.31 -12.01
N ILE A 97 22.16 -20.64 -11.92
CA ILE A 97 23.04 -21.56 -12.64
C ILE A 97 22.41 -21.91 -13.97
CE1 OHI A 98 22.14 -17.63 -15.96
ND1 OHI A 98 21.96 -18.93 -16.07
NE2 OHI A 98 23.11 -17.12 -16.77
CD2 OHI A 98 23.57 -18.19 -17.46
CG OHI A 98 22.86 -19.32 -17.02
CB OHI A 98 22.98 -20.78 -17.45
CA OHI A 98 22.23 -21.63 -16.41
N OHI A 98 22.87 -21.54 -15.09
C OHI A 98 22.06 -23.06 -16.88
O OHI A 98 21.20 -23.28 -17.74
O12 OHI A 98 21.42 -17.01 -15.09
N GLN A 99 22.70 -24.06 -16.36
CA GLN A 99 22.53 -25.48 -16.80
C GLN A 99 22.75 -25.63 -18.33
N LYS A 100 23.85 -25.09 -18.83
CA LYS A 100 24.09 -25.10 -20.29
C LYS A 100 24.14 -26.55 -20.80
N ASP A 101 23.16 -26.91 -21.64
CA ASP A 101 22.99 -28.28 -22.09
C ASP A 101 22.87 -29.33 -20.96
N THR A 102 22.47 -28.88 -19.77
CA THR A 102 22.08 -29.79 -18.67
C THR A 102 20.67 -29.50 -18.10
N ASN A 103 19.73 -29.15 -18.97
CA ASN A 103 18.30 -28.91 -18.61
C ASN A 103 17.71 -29.88 -17.58
N LEU A 104 18.02 -31.17 -17.70
CA LEU A 104 17.44 -32.17 -16.78
C LEU A 104 18.02 -32.12 -15.35
N HIS A 105 19.04 -31.29 -15.12
CA HIS A 105 19.47 -31.02 -13.76
C HIS A 105 18.93 -29.68 -13.18
N ASP A 106 18.00 -29.06 -13.88
CA ASP A 106 17.43 -27.77 -13.46
C ASP A 106 16.56 -27.81 -12.18
N GLY A 107 16.05 -28.98 -11.82
CA GLY A 107 15.24 -29.15 -10.58
C GLY A 107 13.84 -28.56 -10.64
N ALA A 108 13.29 -28.41 -11.85
CA ALA A 108 11.95 -27.87 -11.99
C ALA A 108 10.97 -29.03 -12.10
N ASN A 109 10.41 -29.44 -10.98
CA ASN A 109 9.46 -30.56 -11.02
C ASN A 109 8.26 -30.26 -11.92
N GLY A 110 7.87 -31.24 -12.71
CA GLY A 110 6.76 -31.09 -13.63
C GLY A 110 7.30 -30.57 -14.98
N VAL A 111 8.55 -30.11 -15.00
CA VAL A 111 9.16 -29.61 -16.22
C VAL A 111 10.34 -30.47 -16.62
N THR A 112 11.39 -30.52 -15.79
CA THR A 112 12.65 -31.21 -16.16
C THR A 112 12.79 -32.53 -15.42
N GLU A 113 11.83 -32.82 -14.54
CA GLU A 113 11.93 -33.97 -13.66
C GLU A 113 10.63 -34.21 -12.90
N CYS A 114 10.42 -35.47 -12.51
CA CYS A 114 9.38 -35.73 -11.48
C CYS A 114 9.97 -35.39 -10.12
N PRO A 115 9.10 -35.08 -9.10
CA PRO A 115 9.62 -34.83 -7.76
C PRO A 115 10.23 -36.10 -7.17
N ILE A 116 11.28 -35.91 -6.36
CA ILE A 116 11.93 -37.03 -5.65
C ILE A 116 10.96 -37.48 -4.54
N PRO A 117 10.53 -38.79 -4.49
CA PRO A 117 9.53 -39.19 -3.47
C PRO A 117 10.02 -39.16 -2.04
N PRO A 118 9.09 -39.06 -1.06
CA PRO A 118 9.51 -39.01 0.34
C PRO A 118 9.88 -40.39 0.83
N LYS A 119 10.09 -40.47 2.14
CA LYS A 119 10.39 -41.72 2.81
C LYS A 119 11.67 -42.36 2.26
N GLY A 120 12.60 -41.55 1.78
CA GLY A 120 13.89 -42.05 1.39
C GLY A 120 14.28 -41.95 -0.08
N GLY A 121 13.44 -41.33 -0.92
CA GLY A 121 13.78 -41.17 -2.36
C GLY A 121 15.10 -40.42 -2.55
N GLN A 122 15.83 -40.68 -3.62
CA GLN A 122 17.07 -39.97 -3.85
C GLN A 122 17.36 -39.67 -5.32
N ARG A 123 18.11 -38.61 -5.55
CA ARG A 123 18.59 -38.22 -6.89
C ARG A 123 19.87 -37.42 -6.73
N THR A 124 20.83 -37.61 -7.64
CA THR A 124 22.07 -36.86 -7.56
C THR A 124 22.09 -35.88 -8.73
N TYR A 125 22.16 -34.57 -8.41
CA TYR A 125 22.32 -33.48 -9.41
C TYR A 125 23.80 -33.24 -9.72
N ARG A 126 24.16 -33.00 -10.97
CA ARG A 126 25.56 -32.69 -11.25
C ARG A 126 25.57 -31.58 -12.29
N TRP A 127 26.30 -30.50 -11.99
CA TRP A 127 26.35 -29.38 -12.90
C TRP A 127 27.68 -28.65 -12.92
N ARG A 128 27.97 -27.98 -14.04
CA ARG A 128 29.24 -27.30 -14.23
C ARG A 128 29.13 -25.86 -13.74
N ALA A 129 30.17 -25.37 -13.04
CA ALA A 129 30.16 -23.97 -12.58
C ALA A 129 30.74 -23.12 -13.72
N ARG A 130 29.88 -22.72 -14.66
CA ARG A 130 30.32 -21.95 -15.80
C ARG A 130 30.13 -20.44 -15.55
N GLN A 131 29.81 -20.08 -14.33
CA GLN A 131 29.61 -18.67 -13.97
C GLN A 131 30.15 -18.48 -12.56
N TYR A 132 30.85 -17.39 -12.32
CA TYR A 132 31.34 -17.16 -10.95
C TYR A 132 30.53 -15.99 -10.33
N GLY A 133 30.35 -16.07 -9.01
CA GLY A 133 29.49 -15.15 -8.31
C GLY A 133 28.70 -15.80 -7.19
N THR A 134 27.60 -15.11 -6.84
CA THR A 134 26.77 -15.49 -5.71
C THR A 134 25.39 -15.89 -6.21
N SER A 135 25.00 -17.14 -5.95
CA SER A 135 23.65 -17.64 -6.34
C SER A 135 23.03 -18.38 -5.14
N TRP A 136 21.95 -19.13 -5.36
CA TRP A 136 21.27 -19.79 -4.26
C TRP A 136 20.52 -21.00 -4.79
N TYR A 137 20.04 -21.87 -3.90
CA TYR A 137 19.23 -23.00 -4.32
C TYR A 137 18.02 -23.09 -3.41
N HIS A 138 16.97 -23.78 -3.87
CA HIS A 138 15.77 -23.93 -3.11
C HIS A 138 14.89 -25.01 -3.76
N SER A 139 14.01 -25.59 -2.96
CA SER A 139 13.01 -26.54 -3.49
C SER A 139 12.12 -25.80 -4.48
N HIS A 140 11.60 -26.54 -5.49
CA HIS A 140 10.62 -25.98 -6.42
C HIS A 140 9.29 -26.74 -6.33
N PHE A 141 9.13 -27.51 -5.24
CA PHE A 141 7.93 -28.25 -4.99
C PHE A 141 6.89 -27.33 -4.32
N SER A 142 5.98 -26.78 -5.12
CA SER A 142 5.06 -25.70 -4.68
C SER A 142 5.88 -24.67 -3.87
N ALA A 143 5.46 -24.31 -2.65
CA ALA A 143 6.11 -23.25 -1.88
C ALA A 143 6.98 -23.83 -0.76
N GLN A 144 7.39 -25.09 -0.95
CA GLN A 144 8.12 -25.81 0.05
C GLN A 144 9.36 -25.05 0.50
N TYR A 145 9.95 -24.26 -0.37
CA TYR A 145 11.17 -23.54 0.09
C TYR A 145 10.88 -22.60 1.27
N GLY A 146 9.65 -22.14 1.38
CA GLY A 146 9.16 -21.31 2.52
C GLY A 146 9.19 -22.03 3.87
N ASN A 147 9.37 -23.36 3.84
CA ASN A 147 9.55 -24.17 5.08
C ASN A 147 11.00 -24.44 5.48
N GLY A 148 11.97 -24.02 4.65
CA GLY A 148 13.39 -24.14 5.00
C GLY A 148 14.27 -24.85 3.98
N VAL A 149 13.70 -25.28 2.85
CA VAL A 149 14.53 -25.98 1.87
C VAL A 149 15.22 -24.95 0.93
N VAL A 150 16.34 -24.42 1.40
CA VAL A 150 16.95 -23.25 0.83
C VAL A 150 18.40 -23.17 1.28
N GLY A 151 19.28 -22.70 0.38
CA GLY A 151 20.68 -22.44 0.79
C GLY A 151 21.42 -21.61 -0.23
N THR A 152 22.72 -21.40 -0.02
CA THR A 152 23.49 -20.45 -0.87
C THR A 152 24.55 -21.17 -1.72
N ILE A 153 24.98 -20.48 -2.79
CA ILE A 153 26.06 -20.94 -3.67
C ILE A 153 27.07 -19.80 -3.85
N GLN A 154 28.35 -20.07 -3.60
CA GLN A 154 29.45 -19.13 -3.91
C GLN A 154 30.42 -19.80 -4.87
N ILE A 155 30.41 -19.39 -6.14
CA ILE A 155 31.41 -19.82 -7.11
C ILE A 155 32.50 -18.76 -7.26
N ASN A 156 33.68 -19.09 -6.77
CA ASN A 156 34.80 -18.14 -6.78
C ASN A 156 35.39 -17.95 -8.17
N GLY A 157 35.97 -16.76 -8.39
CA GLY A 157 36.43 -16.28 -9.69
C GLY A 157 36.91 -14.84 -9.56
N PRO A 158 37.27 -14.23 -10.72
CA PRO A 158 37.79 -12.85 -10.70
C PRO A 158 36.70 -11.82 -10.30
N ALA A 159 37.10 -10.55 -10.12
CA ALA A 159 36.16 -9.48 -9.78
C ALA A 159 36.52 -8.16 -10.47
N SER A 160 35.59 -7.20 -10.45
CA SER A 160 35.78 -5.91 -11.10
C SER A 160 36.33 -4.83 -10.16
N LEU A 161 36.64 -5.19 -8.92
CA LEU A 161 37.32 -4.26 -8.01
C LEU A 161 38.27 -5.06 -7.12
N PRO A 162 39.45 -4.48 -6.79
CA PRO A 162 40.24 -5.09 -5.69
C PRO A 162 39.54 -5.03 -4.33
N TYR A 163 39.84 -6.01 -3.46
CA TYR A 163 39.34 -6.08 -2.09
C TYR A 163 40.20 -7.03 -1.28
N ASP A 164 40.17 -6.87 0.03
CA ASP A 164 41.06 -7.61 0.88
C ASP A 164 40.44 -8.84 1.49
N ILE A 165 39.17 -8.72 1.90
CA ILE A 165 38.54 -9.80 2.63
C ILE A 165 37.20 -10.15 1.99
N ASP A 166 36.97 -11.45 1.77
CA ASP A 166 35.67 -11.97 1.28
C ASP A 166 34.85 -12.38 2.48
N LEU A 167 33.88 -11.55 2.86
CA LEU A 167 32.99 -11.88 3.98
C LEU A 167 32.04 -13.04 3.70
N GLY A 168 31.88 -13.35 2.43
CA GLY A 168 31.02 -14.49 2.01
C GLY A 168 29.57 -14.09 1.96
N VAL A 169 28.69 -15.08 2.20
CA VAL A 169 27.25 -14.91 1.96
C VAL A 169 26.50 -14.26 3.12
N PHE A 170 25.47 -13.51 2.76
CA PHE A 170 24.66 -12.70 3.66
C PHE A 170 23.22 -12.74 3.12
N PRO A 171 22.55 -13.89 3.34
CA PRO A 171 21.16 -14.09 2.90
C PRO A 171 20.19 -13.39 3.85
N ILE A 172 19.23 -12.67 3.26
CA ILE A 172 18.24 -11.94 4.07
C ILE A 172 16.90 -12.51 3.62
N THR A 173 16.03 -12.88 4.55
CA THR A 173 14.79 -13.53 4.15
C THR A 173 13.61 -13.13 5.04
N ASP A 174 12.42 -13.06 4.44
CA ASP A 174 11.25 -12.96 5.28
C ASP A 174 11.08 -14.21 6.12
N TYR A 175 10.33 -14.11 7.21
CA TYR A 175 10.21 -15.23 8.12
C TYR A 175 8.79 -15.26 8.64
N TYR A 176 8.09 -16.39 8.41
CA TYR A 176 6.68 -16.48 8.81
C TYR A 176 6.54 -17.60 9.85
N TYR A 177 5.65 -17.43 10.81
CA TYR A 177 5.42 -18.54 11.78
C TYR A 177 4.55 -19.66 11.19
N ARG A 178 3.68 -19.27 10.29
CA ARG A 178 2.84 -20.22 9.59
C ARG A 178 3.63 -20.97 8.53
N ALA A 179 3.22 -22.22 8.32
CA ALA A 179 3.91 -23.08 7.37
C ALA A 179 3.47 -22.70 5.93
N ALA A 180 4.30 -23.10 4.97
CA ALA A 180 4.12 -22.69 3.56
C ALA A 180 2.81 -23.11 2.95
N ASP A 181 2.37 -24.34 3.19
CA ASP A 181 1.10 -24.78 2.61
C ASP A 181 -0.09 -24.05 3.20
N ASP A 182 0.02 -23.69 4.48
CA ASP A 182 -1.00 -22.87 5.14
C ASP A 182 -1.00 -21.46 4.50
N LEU A 183 0.18 -20.88 4.20
CA LEU A 183 0.22 -19.57 3.52
C LEU A 183 -0.29 -19.62 2.09
N VAL A 184 -0.02 -20.73 1.40
CA VAL A 184 -0.53 -20.86 0.04
C VAL A 184 -2.05 -20.87 0.04
N HIS A 185 -2.64 -21.69 0.92
CA HIS A 185 -4.09 -21.74 1.07
C HIS A 185 -4.63 -20.33 1.43
N PHE A 186 -3.98 -19.68 2.40
CA PHE A 186 -4.45 -18.37 2.82
C PHE A 186 -4.46 -17.39 1.63
N THR A 187 -3.31 -17.33 0.92
CA THR A 187 -3.11 -16.38 -0.19
C THR A 187 -4.00 -16.63 -1.43
N GLN A 188 -4.58 -17.83 -1.52
CA GLN A 188 -5.56 -18.12 -2.58
C GLN A 188 -6.83 -17.31 -2.42
N ASN A 189 -7.18 -16.94 -1.20
CA ASN A 189 -8.38 -16.13 -1.06
C ASN A 189 -8.24 -14.78 -0.30
N ASN A 190 -7.01 -14.34 0.02
CA ASN A 190 -6.75 -13.21 0.89
C ASN A 190 -5.46 -12.49 0.45
N ALA A 191 -5.41 -11.17 0.61
CA ALA A 191 -4.13 -10.44 0.48
C ALA A 191 -3.06 -11.07 1.40
N PRO A 192 -1.78 -11.08 0.97
CA PRO A 192 -0.75 -11.79 1.77
C PRO A 192 -0.34 -10.96 3.00
N PRO A 193 0.09 -11.67 4.07
CA PRO A 193 0.45 -11.05 5.35
C PRO A 193 1.80 -10.37 5.23
N PHE A 194 2.08 -9.41 6.11
CA PHE A 194 3.43 -9.02 6.40
C PHE A 194 4.16 -10.21 7.01
N SER A 195 5.47 -10.19 6.87
CA SER A 195 6.28 -11.22 7.47
C SER A 195 6.29 -10.97 8.97
N ASP A 196 6.42 -12.05 9.73
CA ASP A 196 6.58 -11.95 11.15
C ASP A 196 7.95 -11.36 11.57
N ASN A 197 8.98 -11.73 10.82
CA ASN A 197 10.33 -11.20 11.03
C ASN A 197 11.11 -11.27 9.75
N VAL A 198 12.31 -10.71 9.75
CA VAL A 198 13.17 -10.72 8.59
C VAL A 198 14.48 -11.19 9.17
N LEU A 199 14.92 -12.38 8.74
CA LEU A 199 16.21 -12.92 9.20
C LEU A 199 17.36 -12.40 8.37
N ILE A 200 18.51 -12.15 9.02
CA ILE A 200 19.70 -11.64 8.35
C ILE A 200 20.79 -12.63 8.72
N ASN A 201 21.30 -13.34 7.71
CA ASN A 201 22.23 -14.44 7.90
C ASN A 201 21.75 -15.43 8.98
N GLY A 202 20.47 -15.78 8.92
CA GLY A 202 19.90 -16.81 9.79
C GLY A 202 19.40 -16.41 11.15
N THR A 203 19.48 -15.12 11.48
CA THR A 203 19.07 -14.62 12.82
C THR A 203 18.31 -13.27 12.85
N ALA A 204 17.63 -13.02 13.96
CA ALA A 204 16.95 -11.75 14.22
C ALA A 204 16.49 -11.67 15.68
N VAL A 205 16.17 -10.46 16.12
CA VAL A 205 15.58 -10.26 17.45
C VAL A 205 14.07 -10.21 17.31
N ASN A 206 13.36 -10.88 18.22
CA ASN A 206 11.92 -10.79 18.23
C ASN A 206 11.55 -9.39 18.71
N PRO A 207 10.75 -8.65 17.92
CA PRO A 207 10.49 -7.25 18.28
C PRO A 207 9.53 -7.13 19.45
N ASN A 208 8.89 -8.24 19.84
CA ASN A 208 8.02 -8.27 21.01
C ASN A 208 8.73 -8.65 22.30
N THR A 209 9.51 -9.73 22.25
CA THR A 209 10.10 -10.30 23.46
C THR A 209 11.58 -9.95 23.65
N GLY A 210 12.22 -9.45 22.60
CA GLY A 210 13.67 -9.22 22.64
C GLY A 210 14.50 -10.50 22.66
N GLU A 211 13.87 -11.64 22.43
CA GLU A 211 14.63 -12.89 22.34
C GLU A 211 15.31 -12.92 20.98
N GLY A 212 16.40 -13.68 20.88
CA GLY A 212 17.14 -13.78 19.65
C GLY A 212 18.41 -12.96 19.67
N GLN A 213 18.99 -12.71 18.50
CA GLN A 213 20.26 -11.98 18.38
C GLN A 213 20.39 -11.30 17.02
N TYR A 214 20.99 -10.12 17.00
CA TYR A 214 21.30 -9.47 15.73
C TYR A 214 22.40 -10.27 15.05
N ALA A 215 22.34 -10.36 13.71
CA ALA A 215 23.51 -10.68 12.91
C ALA A 215 24.64 -9.69 13.24
N ASN A 216 25.86 -10.22 13.40
CA ASN A 216 27.00 -9.40 13.82
C ASN A 216 28.20 -9.65 12.89
N VAL A 217 28.47 -8.65 12.04
CA VAL A 217 29.51 -8.73 11.01
C VAL A 217 30.71 -7.92 11.51
N THR A 218 31.86 -8.57 11.68
CA THR A 218 33.04 -7.83 12.13
C THR A 218 33.87 -7.34 10.94
N LEU A 219 34.02 -6.02 10.86
CA LEU A 219 34.82 -5.35 9.83
C LEU A 219 36.23 -5.10 10.35
N THR A 220 37.22 -5.22 9.46
CA THR A 220 38.63 -4.99 9.79
C THR A 220 38.97 -3.54 9.41
N PRO A 221 39.37 -2.71 10.41
CA PRO A 221 39.57 -1.31 10.12
C PRO A 221 40.55 -1.07 8.98
N GLY A 222 40.16 -0.19 8.05
CA GLY A 222 41.05 0.20 6.94
C GLY A 222 41.08 -0.80 5.78
N LYS A 223 40.25 -1.84 5.88
CA LYS A 223 40.19 -2.88 4.83
C LYS A 223 38.93 -2.83 4.00
N ARG A 224 39.05 -3.37 2.79
CA ARG A 224 37.97 -3.48 1.82
C ARG A 224 37.39 -4.86 1.86
N HIS A 225 36.09 -4.94 2.11
CA HIS A 225 35.41 -6.22 2.32
C HIS A 225 34.37 -6.50 1.23
N ARG A 226 34.46 -7.69 0.64
CA ARG A 226 33.37 -8.13 -0.26
C ARG A 226 32.25 -8.77 0.56
N LEU A 227 31.03 -8.27 0.35
CA LEU A 227 29.81 -8.78 0.97
C LEU A 227 28.81 -9.22 -0.09
N ARG A 228 28.34 -10.44 0.06
CA ARG A 228 27.49 -11.09 -0.95
C ARG A 228 26.06 -11.18 -0.44
N ILE A 229 25.27 -10.17 -0.79
CA ILE A 229 23.90 -10.00 -0.28
C ILE A 229 22.87 -10.71 -1.16
N LEU A 230 22.04 -11.54 -0.54
CA LEU A 230 20.96 -12.27 -1.24
C LEU A 230 19.61 -11.97 -0.60
N ASN A 231 18.56 -11.98 -1.44
CA ASN A 231 17.19 -12.03 -0.97
C ASN A 231 16.62 -13.39 -1.28
N THR A 232 16.51 -14.22 -0.25
CA THR A 232 16.00 -15.58 -0.38
C THR A 232 14.54 -15.72 0.09
N SER A 233 13.82 -14.60 0.06
CA SER A 233 12.41 -14.58 0.54
C SER A 233 11.45 -15.38 -0.29
N THR A 234 10.25 -15.57 0.28
CA THR A 234 9.08 -15.98 -0.49
C THR A 234 8.27 -14.83 -1.03
N GLU A 235 8.24 -13.67 -0.34
CA GLU A 235 7.47 -12.53 -0.84
C GLU A 235 8.13 -11.13 -0.70
N ASN A 236 8.79 -10.91 0.44
CA ASN A 236 9.35 -9.61 0.79
C ASN A 236 10.45 -9.09 -0.16
N HIS A 237 10.33 -7.84 -0.60
CA HIS A 237 11.38 -7.16 -1.37
C HIS A 237 12.02 -6.11 -0.44
N PHE A 238 13.36 -6.09 -0.41
CA PHE A 238 14.07 -5.34 0.62
C PHE A 238 14.88 -4.15 0.07
N GLN A 239 14.98 -3.10 0.88
CA GLN A 239 15.99 -2.03 0.69
C GLN A 239 17.03 -2.29 1.79
N VAL A 240 18.31 -2.15 1.46
CA VAL A 240 19.36 -2.29 2.49
C VAL A 240 20.31 -1.08 2.48
N SER A 241 20.79 -0.70 3.66
CA SER A 241 21.72 0.41 3.81
C SER A 241 22.51 0.16 5.08
N LEU A 242 23.70 0.77 5.11
CA LEU A 242 24.59 0.67 6.26
C LEU A 242 24.92 2.07 6.72
N VAL A 243 24.59 2.37 7.97
CA VAL A 243 24.72 3.73 8.50
C VAL A 243 26.16 4.20 8.31
N ASN A 244 26.29 5.42 7.76
CA ASN A 244 27.60 6.07 7.51
C ASN A 244 28.55 5.44 6.50
N HIS A 245 28.06 4.49 5.70
CA HIS A 245 28.94 3.80 4.78
C HIS A 245 28.24 3.71 3.42
N THR A 246 29.01 3.78 2.33
CA THR A 246 28.47 3.43 1.02
C THR A 246 28.74 1.95 0.71
N MET A 247 28.09 1.45 -0.32
CA MET A 247 28.33 0.10 -0.82
C MET A 247 28.71 0.19 -2.27
N THR A 248 29.81 -0.41 -2.65
CA THR A 248 30.15 -0.35 -4.07
C THR A 248 29.74 -1.67 -4.78
N VAL A 249 28.74 -1.61 -5.65
CA VAL A 249 28.28 -2.82 -6.32
C VAL A 249 29.33 -3.33 -7.35
N ILE A 250 29.70 -4.61 -7.24
CA ILE A 250 30.61 -5.24 -8.22
C ILE A 250 30.02 -6.42 -8.99
N ALA A 251 28.82 -6.85 -8.61
CA ALA A 251 28.05 -7.82 -9.39
C ALA A 251 26.56 -7.68 -9.11
N ALA A 252 25.74 -8.04 -10.09
CA ALA A 252 24.30 -8.08 -9.90
C ALA A 252 23.88 -9.50 -10.28
N ASP A 253 23.13 -10.20 -9.41
CA ASP A 253 22.91 -11.61 -9.62
C ASP A 253 24.26 -12.34 -9.87
N MET A 254 24.42 -13.10 -10.95
CA MET A 254 25.72 -13.78 -11.15
C MET A 254 26.55 -13.16 -12.28
N VAL A 255 26.32 -11.87 -12.51
CA VAL A 255 26.97 -11.13 -13.60
C VAL A 255 27.82 -10.00 -13.02
N PRO A 256 29.14 -10.12 -13.18
CA PRO A 256 30.04 -9.01 -12.76
C PRO A 256 29.72 -7.71 -13.51
N VAL A 257 29.68 -6.58 -12.79
CA VAL A 257 29.39 -5.29 -13.34
C VAL A 257 30.52 -4.32 -12.96
N ASN A 258 30.66 -3.25 -13.75
CA ASN A 258 31.55 -2.14 -13.43
C ASN A 258 31.16 -1.51 -12.06
N ALA A 259 32.15 -1.18 -11.23
CA ALA A 259 31.93 -0.64 -9.89
C ALA A 259 30.92 0.49 -9.88
N MET A 260 29.97 0.43 -8.95
CA MET A 260 28.89 1.40 -8.87
C MET A 260 28.53 1.74 -7.40
N THR A 261 28.96 2.90 -6.94
CA THR A 261 28.80 3.26 -5.54
C THR A 261 27.43 3.86 -5.26
N VAL A 262 26.77 3.36 -4.21
CA VAL A 262 25.40 3.73 -3.83
C VAL A 262 25.21 3.87 -2.34
N ASP A 263 24.15 4.57 -1.93
CA ASP A 263 23.84 4.71 -0.52
C ASP A 263 22.96 3.60 0.02
N SER A 264 22.19 2.97 -0.87
CA SER A 264 21.21 1.95 -0.44
C SER A 264 20.91 1.12 -1.65
N LEU A 265 20.45 -0.12 -1.45
CA LEU A 265 20.12 -0.96 -2.60
C LEU A 265 18.81 -1.66 -2.40
N PHE A 266 18.05 -1.82 -3.48
CA PHE A 266 16.81 -2.63 -3.50
C PHE A 266 17.12 -4.06 -4.03
N LEU A 267 16.70 -5.07 -3.26
CA LEU A 267 16.80 -6.46 -3.71
C LEU A 267 15.41 -7.08 -3.87
N ALA A 268 15.01 -7.34 -5.10
CA ALA A 268 13.83 -8.18 -5.40
C ALA A 268 13.99 -9.62 -4.90
N VAL A 269 12.87 -10.36 -4.78
CA VAL A 269 12.95 -11.78 -4.38
C VAL A 269 13.85 -12.52 -5.38
N GLY A 270 14.88 -13.21 -4.90
CA GLY A 270 15.74 -13.95 -5.82
C GLY A 270 16.99 -13.19 -6.26
N GLN A 271 17.00 -11.88 -6.03
CA GLN A 271 18.12 -11.07 -6.48
C GLN A 271 19.33 -11.14 -5.55
N ARG A 272 20.49 -10.85 -6.14
CA ARG A 272 21.71 -10.77 -5.33
C ARG A 272 22.52 -9.57 -5.78
N TYR A 273 23.25 -8.99 -4.85
CA TYR A 273 24.30 -8.02 -5.13
C TYR A 273 25.57 -8.39 -4.36
N ASP A 274 26.69 -8.43 -5.07
CA ASP A 274 28.03 -8.41 -4.43
C ASP A 274 28.48 -6.97 -4.30
N VAL A 275 28.85 -6.58 -3.08
CA VAL A 275 29.27 -5.19 -2.79
C VAL A 275 30.60 -5.19 -2.05
N VAL A 276 31.31 -4.05 -2.11
CA VAL A 276 32.59 -3.84 -1.43
C VAL A 276 32.29 -2.68 -0.52
N ILE A 277 32.50 -2.94 0.76
CA ILE A 277 32.42 -1.99 1.84
C ILE A 277 33.84 -1.71 2.35
N ASP A 278 34.22 -0.44 2.36
CA ASP A 278 35.48 0.04 2.94
C ASP A 278 35.29 0.42 4.41
N ALA A 279 36.05 -0.22 5.31
CA ALA A 279 35.88 0.14 6.74
C ALA A 279 36.68 1.43 7.02
N SER A 280 36.26 2.51 6.36
CA SER A 280 37.05 3.77 6.31
C SER A 280 36.57 4.82 7.31
N ARG A 281 35.51 4.52 8.06
CA ARG A 281 34.94 5.46 9.01
C ARG A 281 35.53 5.25 10.40
N ALA A 282 34.97 5.98 11.37
CA ALA A 282 35.39 5.85 12.75
C ALA A 282 34.96 4.49 13.34
N PRO A 283 35.87 3.79 14.06
CA PRO A 283 35.55 2.49 14.65
C PRO A 283 34.45 2.58 15.69
N ASP A 284 33.38 1.83 15.47
CA ASP A 284 32.15 1.92 16.25
C ASP A 284 31.29 0.76 15.77
N ASN A 285 30.09 0.67 16.30
CA ASN A 285 29.07 -0.29 15.85
C ASN A 285 28.07 0.44 14.99
N TYR A 286 27.84 -0.10 13.79
CA TYR A 286 26.93 0.57 12.83
C TYR A 286 25.78 -0.35 12.48
N TRP A 287 24.57 0.20 12.38
CA TRP A 287 23.39 -0.58 11.96
C TRP A 287 23.39 -0.84 10.42
N PHE A 288 23.14 -2.09 10.04
CA PHE A 288 22.76 -2.43 8.69
C PHE A 288 21.24 -2.59 8.73
N ASN A 289 20.51 -1.73 8.03
CA ASN A 289 19.07 -1.66 8.12
C ASN A 289 18.39 -2.31 6.94
N VAL A 290 17.39 -3.17 7.21
CA VAL A 290 16.42 -3.59 6.19
C VAL A 290 15.17 -2.68 6.26
N THR A 291 14.80 -2.11 5.12
CA THR A 291 13.61 -1.22 5.06
C THR A 291 12.74 -1.59 3.87
N PHE A 292 11.51 -1.08 3.89
CA PHE A 292 10.53 -1.28 2.83
C PHE A 292 10.18 0.05 2.18
N GLY A 293 10.03 0.04 0.85
CA GLY A 293 9.45 1.16 0.06
C GLY A 293 8.25 0.70 -0.78
N GLY A 294 7.87 1.49 -1.78
CA GLY A 294 6.73 1.14 -2.60
C GLY A 294 5.40 1.04 -1.90
N GLN A 295 5.29 1.68 -0.73
CA GLN A 295 4.06 1.70 0.09
C GLN A 295 3.47 0.33 0.24
N ALA A 296 4.30 -0.63 0.66
CA ALA A 296 3.84 -2.02 0.84
C ALA A 296 3.47 -2.81 -0.42
N ALA A 297 3.63 -2.25 -1.61
CA ALA A 297 3.26 -2.97 -2.79
C ALA A 297 4.13 -4.22 -2.95
N CYS A 298 5.28 -4.27 -2.28
CA CYS A 298 6.13 -5.45 -2.48
C CYS A 298 6.67 -5.99 -1.16
N GLY A 299 5.80 -5.87 -0.16
CA GLY A 299 6.01 -6.48 1.17
C GLY A 299 6.04 -5.50 2.32
N GLY A 300 5.93 -6.06 3.53
CA GLY A 300 6.29 -5.37 4.79
C GLY A 300 6.55 -6.45 5.85
N SER A 301 7.15 -6.06 6.98
CA SER A 301 7.33 -7.01 8.12
C SER A 301 6.64 -6.42 9.35
N LEU A 302 6.19 -7.28 10.27
CA LEU A 302 5.62 -6.85 11.53
C LEU A 302 6.77 -6.50 12.49
N ASN A 303 8.02 -6.79 12.11
CA ASN A 303 9.18 -6.23 12.84
C ASN A 303 9.44 -4.90 12.21
N PRO A 304 9.23 -3.80 12.97
CA PRO A 304 9.35 -2.47 12.33
C PRO A 304 10.77 -2.07 11.90
N HIS A 305 11.80 -2.62 12.54
CA HIS A 305 13.17 -2.21 12.21
C HIS A 305 14.11 -3.40 12.16
N PRO A 306 13.95 -4.30 11.15
CA PRO A 306 14.93 -5.39 11.06
C PRO A 306 16.34 -4.89 10.73
N ALA A 307 17.37 -5.45 11.35
CA ALA A 307 18.72 -4.89 11.25
C ALA A 307 19.85 -5.84 11.65
N ALA A 308 21.06 -5.57 11.13
CA ALA A 308 22.24 -6.28 11.60
C ALA A 308 23.19 -5.26 12.15
N ILE A 309 24.22 -5.75 12.82
CA ILE A 309 25.26 -4.91 13.42
C ILE A 309 26.55 -5.13 12.66
N PHE A 310 27.12 -4.04 12.15
CA PHE A 310 28.47 -4.06 11.67
C PHE A 310 29.38 -3.39 12.70
N HIS A 311 30.28 -4.22 13.24
CA HIS A 311 31.22 -3.91 14.31
C HIS A 311 32.65 -3.78 13.78
N TYR A 312 33.28 -2.63 13.97
CA TYR A 312 34.73 -2.49 13.75
C TYR A 312 35.51 -3.22 14.84
N ALA A 313 36.44 -4.08 14.45
CA ALA A 313 37.22 -4.89 15.39
C ALA A 313 38.02 -3.98 16.31
N GLY A 314 38.01 -4.28 17.60
CA GLY A 314 38.72 -3.46 18.59
C GLY A 314 37.92 -2.26 19.08
N ALA A 315 36.69 -2.09 18.55
CA ALA A 315 35.78 -1.05 19.07
C ALA A 315 35.03 -1.69 20.23
N PRO A 316 34.31 -0.88 21.04
CA PRO A 316 33.41 -1.44 22.01
C PRO A 316 32.33 -2.34 21.41
N GLY A 317 31.86 -3.29 22.21
CA GLY A 317 30.67 -4.07 21.90
C GLY A 317 29.40 -3.29 22.14
N GLY A 318 28.30 -4.02 22.30
CA GLY A 318 26.97 -3.45 22.43
C GLY A 318 26.34 -3.12 21.07
N LEU A 319 25.26 -2.35 21.16
CA LEU A 319 24.46 -1.97 20.01
C LEU A 319 24.83 -0.61 19.46
N PRO A 320 24.74 -0.42 18.12
CA PRO A 320 24.92 0.86 17.49
C PRO A 320 24.02 1.91 18.14
N THR A 321 24.49 3.16 18.17
CA THR A 321 23.79 4.23 18.88
C THR A 321 23.13 5.20 17.91
N ASP A 322 23.59 5.19 16.66
CA ASP A 322 23.10 6.11 15.66
C ASP A 322 22.01 5.48 14.79
N GLU A 323 20.78 5.96 14.92
CA GLU A 323 19.67 5.35 14.16
C GLU A 323 19.73 5.61 12.64
N GLY A 324 20.39 6.68 12.24
CA GLY A 324 20.56 6.98 10.81
C GLY A 324 19.33 7.65 10.20
N THR A 325 19.39 7.90 8.90
CA THR A 325 18.26 8.43 8.18
C THR A 325 17.74 7.36 7.23
N PRO A 326 16.42 7.36 6.97
CA PRO A 326 15.80 6.40 6.10
C PRO A 326 16.41 6.54 4.71
N PRO A 327 16.49 5.43 3.94
CA PRO A 327 17.06 5.65 2.63
C PRO A 327 15.97 6.16 1.71
N VAL A 328 16.34 6.49 0.48
CA VAL A 328 15.38 6.86 -0.51
C VAL A 328 14.43 5.65 -0.81
N ASP A 329 13.15 5.92 -0.99
CA ASP A 329 12.14 4.93 -1.38
C ASP A 329 12.42 4.47 -2.81
N HIS A 330 12.78 3.19 -2.97
CA HIS A 330 13.08 2.61 -4.28
C HIS A 330 11.83 2.24 -5.10
N GLN A 331 10.64 2.47 -4.51
CA GLN A 331 9.35 2.20 -5.17
C GLN A 331 9.27 0.82 -5.82
N CYS A 332 9.77 -0.21 -5.12
CA CYS A 332 9.72 -1.60 -5.62
C CYS A 332 10.35 -1.79 -7.00
N LEU A 333 11.46 -1.10 -7.25
CA LEU A 333 12.15 -1.20 -8.56
C LEU A 333 13.61 -1.40 -8.32
N ASP A 334 14.19 -2.40 -8.99
CA ASP A 334 15.64 -2.50 -9.08
C ASP A 334 16.29 -1.44 -10.02
N THR A 335 17.56 -1.16 -9.77
CA THR A 335 18.29 -0.19 -10.60
C THR A 335 18.62 -0.69 -11.98
N LEU A 336 18.43 0.19 -12.97
CA LEU A 336 18.79 -0.15 -14.33
C LEU A 336 20.11 0.51 -14.72
N ASP A 337 20.83 1.02 -13.74
CA ASP A 337 22.08 1.71 -14.01
C ASP A 337 23.30 0.76 -14.09
N VAL A 338 23.17 -0.48 -13.64
CA VAL A 338 24.35 -1.37 -13.64
C VAL A 338 24.75 -1.73 -15.06
N ARG A 339 26.04 -1.92 -15.29
CA ARG A 339 26.54 -2.24 -16.63
C ARG A 339 27.51 -3.40 -16.50
N PRO A 340 27.20 -4.52 -17.14
CA PRO A 340 28.15 -5.65 -17.17
C PRO A 340 29.53 -5.33 -17.78
N VAL A 341 30.54 -5.91 -17.16
CA VAL A 341 31.92 -5.81 -17.57
C VAL A 341 32.09 -6.47 -18.94
N VAL A 342 31.64 -7.72 -19.10
CA VAL A 342 31.55 -8.30 -20.44
C VAL A 342 30.24 -7.87 -21.12
N PRO A 343 30.34 -7.04 -22.17
CA PRO A 343 29.15 -6.39 -22.74
C PRO A 343 28.39 -7.19 -23.78
N ARG A 344 27.12 -6.83 -23.97
CA ARG A 344 26.27 -7.33 -25.05
C ARG A 344 25.67 -6.15 -25.78
N SER A 345 25.39 -6.29 -27.07
CA SER A 345 24.70 -5.23 -27.79
C SER A 345 23.62 -5.83 -28.65
N VAL A 346 22.40 -5.28 -28.59
CA VAL A 346 21.29 -5.71 -29.45
C VAL A 346 20.51 -4.52 -30.02
N PRO A 347 19.91 -4.69 -31.22
CA PRO A 347 19.11 -3.61 -31.81
C PRO A 347 17.80 -3.43 -31.06
N VAL A 348 17.36 -2.20 -30.89
CA VAL A 348 16.06 -1.95 -30.21
C VAL A 348 15.08 -1.27 -31.17
N ASN A 349 15.60 -0.77 -32.29
CA ASN A 349 14.79 0.05 -33.21
C ASN A 349 13.85 -0.78 -34.04
N SER A 350 14.13 -2.07 -34.12
CA SER A 350 13.36 -2.99 -34.95
C SER A 350 12.21 -3.67 -34.20
N PHE A 351 12.17 -3.53 -32.88
CA PHE A 351 11.15 -4.26 -32.13
C PHE A 351 9.73 -3.87 -32.51
N VAL A 352 8.93 -4.85 -32.91
CA VAL A 352 7.49 -4.66 -33.08
C VAL A 352 6.66 -5.53 -32.13
N LYS A 353 5.76 -4.93 -31.34
CA LYS A 353 4.83 -5.69 -30.51
C LYS A 353 3.91 -6.57 -31.38
N ARG A 354 3.85 -7.87 -31.04
CA ARG A 354 2.91 -8.79 -31.70
C ARG A 354 2.38 -9.80 -30.70
N PRO A 355 1.26 -10.49 -31.03
CA PRO A 355 0.88 -11.51 -30.03
C PRO A 355 1.97 -12.52 -29.66
N ASP A 356 2.78 -12.97 -30.63
CA ASP A 356 3.76 -14.05 -30.35
C ASP A 356 4.99 -13.63 -29.58
N ASN A 357 5.14 -12.34 -29.32
CA ASN A 357 6.23 -11.86 -28.46
C ASN A 357 5.75 -11.13 -27.20
N THR A 358 4.44 -11.18 -26.97
CA THR A 358 3.80 -10.48 -25.87
C THR A 358 3.25 -11.47 -24.86
N LEU A 359 3.57 -11.19 -23.59
CA LEU A 359 3.10 -11.99 -22.42
C LEU A 359 2.22 -11.14 -21.46
N PRO A 360 0.90 -11.11 -21.67
CA PRO A 360 -0.04 -10.33 -20.80
C PRO A 360 -0.30 -11.02 -19.44
N VAL A 361 0.08 -10.38 -18.32
CA VAL A 361 -0.19 -10.91 -16.99
C VAL A 361 -1.52 -10.33 -16.52
N ALA A 362 -2.32 -11.12 -15.81
CA ALA A 362 -3.66 -10.71 -15.42
C ALA A 362 -4.06 -11.52 -14.21
N LEU A 363 -4.74 -10.85 -13.31
CA LEU A 363 -5.35 -11.47 -12.16
C LEU A 363 -6.80 -11.67 -12.51
N ASP A 364 -7.20 -12.94 -12.42
CA ASP A 364 -8.56 -13.33 -12.72
C ASP A 364 -9.28 -13.62 -11.41
N LEU A 365 -10.31 -12.81 -11.14
CA LEU A 365 -11.04 -12.88 -9.86
C LEU A 365 -12.34 -13.67 -9.97
N THR A 366 -12.58 -14.26 -11.13
CA THR A 366 -13.90 -14.84 -11.44
C THR A 366 -14.08 -16.34 -11.11
N GLY A 367 -12.98 -17.04 -10.83
CA GLY A 367 -13.02 -18.47 -10.65
C GLY A 367 -12.99 -18.89 -9.19
N THR A 368 -12.33 -20.01 -8.96
CA THR A 368 -12.11 -20.50 -7.61
C THR A 368 -10.72 -21.04 -7.74
N PRO A 369 -9.84 -20.67 -6.81
CA PRO A 369 -10.09 -19.71 -5.74
C PRO A 369 -10.14 -18.27 -6.30
N LEU A 370 -10.20 -17.29 -5.40
CA LEU A 370 -10.25 -15.86 -5.79
C LEU A 370 -9.05 -15.31 -6.56
N PHE A 371 -7.84 -15.51 -6.01
CA PHE A 371 -6.64 -14.97 -6.60
C PHE A 371 -5.97 -15.98 -7.52
N VAL A 372 -6.19 -15.82 -8.82
CA VAL A 372 -5.60 -16.72 -9.78
C VAL A 372 -4.85 -15.85 -10.75
N TRP A 373 -3.58 -16.17 -10.98
CA TRP A 373 -2.73 -15.42 -11.89
C TRP A 373 -2.62 -16.13 -13.28
N LYS A 374 -2.90 -15.39 -14.36
CA LYS A 374 -2.88 -15.96 -15.72
C LYS A 374 -1.90 -15.20 -16.59
N VAL A 375 -1.20 -15.94 -17.44
CA VAL A 375 -0.33 -15.36 -18.46
C VAL A 375 -0.84 -15.83 -19.80
N ASN A 376 -1.16 -14.84 -20.64
CA ASN A 376 -1.70 -15.06 -21.99
C ASN A 376 -2.94 -15.91 -21.93
N GLY A 377 -3.76 -15.69 -20.90
CA GLY A 377 -5.04 -16.38 -20.78
C GLY A 377 -5.07 -17.63 -19.90
N SER A 378 -3.91 -18.04 -19.38
CA SER A 378 -3.81 -19.34 -18.68
C SER A 378 -2.91 -19.31 -17.45
N ASP A 379 -3.44 -19.78 -16.32
CA ASP A 379 -2.66 -20.03 -15.08
C ASP A 379 -1.90 -21.33 -15.21
N ILE A 380 -0.60 -21.30 -14.99
CA ILE A 380 0.19 -22.51 -15.20
C ILE A 380 -0.22 -23.62 -14.20
N ASN A 381 -0.18 -24.85 -14.64
CA ASN A 381 -0.47 -25.98 -13.74
C ASN A 381 0.25 -27.17 -14.36
N VAL A 382 1.36 -27.56 -13.73
CA VAL A 382 2.21 -28.64 -14.28
C VAL A 382 1.83 -29.98 -13.69
N ASP A 383 2.21 -31.05 -14.38
CA ASP A 383 1.92 -32.40 -13.94
C ASP A 383 3.19 -33.05 -13.44
N TRP A 384 3.30 -33.11 -12.11
CA TRP A 384 4.47 -33.69 -11.45
C TRP A 384 4.76 -35.08 -11.97
N GLY A 385 3.71 -35.79 -12.40
CA GLY A 385 3.85 -37.17 -12.88
C GLY A 385 4.14 -37.32 -14.38
N LYS A 386 4.14 -36.20 -15.11
CA LYS A 386 4.46 -36.27 -16.52
C LYS A 386 5.10 -34.95 -16.93
N PRO A 387 6.38 -34.78 -16.59
CA PRO A 387 7.10 -33.54 -16.90
C PRO A 387 7.19 -33.30 -18.41
N ILE A 388 7.31 -32.04 -18.80
CA ILE A 388 7.59 -31.68 -20.22
C ILE A 388 8.70 -32.55 -20.89
N ILE A 389 9.80 -32.83 -20.16
CA ILE A 389 10.84 -33.75 -20.66
C ILE A 389 10.30 -35.15 -21.08
N ASP A 390 9.19 -35.57 -20.46
CA ASP A 390 8.59 -36.86 -20.82
C ASP A 390 7.99 -36.81 -22.23
N TYR A 391 7.31 -35.69 -22.55
CA TYR A 391 6.79 -35.42 -23.90
C TYR A 391 7.93 -35.40 -24.93
N ILE A 392 9.03 -34.78 -24.54
CA ILE A 392 10.23 -34.71 -25.38
C ILE A 392 10.81 -36.11 -25.67
N LEU A 393 10.98 -36.91 -24.62
CA LEU A 393 11.64 -38.22 -24.73
C LEU A 393 10.79 -39.26 -25.46
N THR A 394 9.49 -39.00 -25.59
CA THR A 394 8.55 -39.89 -26.26
C THR A 394 8.06 -39.31 -27.60
N GLY A 395 8.54 -38.11 -27.94
CA GLY A 395 8.17 -37.44 -29.20
C GLY A 395 6.72 -37.05 -29.29
N ASN A 396 6.10 -36.78 -28.13
CA ASN A 396 4.71 -36.35 -28.05
C ASN A 396 4.65 -34.83 -27.99
N THR A 397 3.96 -34.21 -28.95
CA THR A 397 3.90 -32.75 -29.02
C THR A 397 2.56 -32.16 -28.59
N SER A 398 1.71 -32.98 -27.96
CA SER A 398 0.39 -32.52 -27.49
C SER A 398 0.43 -31.99 -26.05
N TYR A 399 1.21 -30.94 -25.83
CA TYR A 399 1.36 -30.38 -24.48
C TYR A 399 0.03 -29.79 -23.99
N PRO A 400 -0.39 -30.15 -22.75
CA PRO A 400 -1.60 -29.57 -22.21
C PRO A 400 -1.54 -28.04 -22.23
N VAL A 401 -2.69 -27.39 -22.41
CA VAL A 401 -2.81 -25.94 -22.32
C VAL A 401 -2.18 -25.35 -21.03
N SER A 402 -2.44 -26.01 -19.90
N SER A 402 -2.43 -26.00 -19.90
CA SER A 402 -2.01 -25.54 -18.58
CA SER A 402 -2.00 -25.49 -18.60
C SER A 402 -0.50 -25.47 -18.41
C SER A 402 -0.50 -25.54 -18.36
N ASP A 403 0.24 -26.13 -19.30
CA ASP A 403 1.68 -26.12 -19.23
C ASP A 403 2.26 -24.83 -19.74
N ASN A 404 1.42 -23.99 -20.36
CA ASN A 404 1.91 -22.68 -20.84
C ASN A 404 3.24 -22.73 -21.62
N ILE A 405 3.31 -23.69 -22.53
CA ILE A 405 4.44 -23.80 -23.48
C ILE A 405 4.49 -22.62 -24.46
N VAL A 406 5.61 -21.90 -24.46
CA VAL A 406 5.95 -20.93 -25.51
C VAL A 406 7.16 -21.53 -26.28
N GLN A 407 6.88 -22.19 -27.40
CA GLN A 407 7.94 -22.83 -28.17
C GLN A 407 8.76 -21.77 -28.91
N VAL A 408 10.09 -21.90 -28.86
CA VAL A 408 10.99 -20.93 -29.46
C VAL A 408 12.00 -21.68 -30.30
N ASP A 409 11.80 -21.70 -31.61
CA ASP A 409 12.58 -22.56 -32.50
C ASP A 409 13.86 -21.90 -33.02
N ALA A 410 13.90 -20.56 -33.02
CA ALA A 410 15.15 -19.83 -33.35
C ALA A 410 16.44 -20.42 -32.76
N VAL A 411 17.44 -20.61 -33.63
CA VAL A 411 18.73 -21.15 -33.18
C VAL A 411 19.72 -20.02 -32.86
N ASP A 412 20.01 -19.87 -31.57
CA ASP A 412 21.04 -18.95 -31.06
C ASP A 412 20.85 -17.51 -31.56
N GLN A 413 19.60 -17.06 -31.49
CA GLN A 413 19.19 -15.73 -31.93
C GLN A 413 18.63 -15.01 -30.74
N TRP A 414 18.76 -13.68 -30.74
CA TRP A 414 18.09 -12.83 -29.74
C TRP A 414 16.59 -12.86 -29.93
N THR A 415 15.88 -13.11 -28.84
CA THR A 415 14.41 -13.09 -28.86
C THR A 415 13.91 -12.04 -27.86
N TYR A 416 12.83 -11.36 -28.23
CA TYR A 416 12.36 -10.18 -27.51
C TYR A 416 11.04 -10.49 -26.90
N TRP A 417 10.86 -10.08 -25.65
CA TRP A 417 9.68 -10.43 -24.90
C TRP A 417 9.09 -9.20 -24.19
N LEU A 418 7.89 -8.81 -24.58
CA LEU A 418 7.17 -7.74 -23.89
C LEU A 418 6.17 -8.29 -22.86
N ILE A 419 6.50 -8.05 -21.60
CA ILE A 419 5.65 -8.54 -20.50
C ILE A 419 4.73 -7.36 -20.03
N GLU A 420 3.41 -7.55 -20.07
CA GLU A 420 2.43 -6.48 -19.69
C GLU A 420 1.75 -6.78 -18.37
N ASN A 421 1.77 -5.82 -17.45
CA ASN A 421 1.23 -6.02 -16.08
C ASN A 421 -0.23 -5.56 -15.85
N ASP A 422 -1.15 -6.32 -16.45
CA ASP A 422 -2.60 -6.18 -16.19
C ASP A 422 -2.99 -4.71 -16.30
N PRO A 423 -2.58 -4.04 -17.41
CA PRO A 423 -2.85 -2.58 -17.43
C PRO A 423 -4.33 -2.22 -17.41
N GLU A 424 -5.19 -3.18 -17.76
CA GLU A 424 -6.64 -2.98 -17.86
C GLU A 424 -7.40 -3.49 -16.63
N GLY A 425 -6.70 -4.11 -15.69
CA GLY A 425 -7.32 -4.70 -14.51
C GLY A 425 -7.57 -3.68 -13.42
N PRO A 426 -8.40 -4.03 -12.40
CA PRO A 426 -8.79 -3.08 -11.35
C PRO A 426 -7.63 -2.62 -10.45
N PHE A 427 -6.60 -3.47 -10.27
CA PHE A 427 -5.37 -3.06 -9.58
C PHE A 427 -4.18 -3.93 -10.01
N SER A 428 -2.98 -3.38 -9.92
CA SER A 428 -1.80 -4.10 -10.40
C SER A 428 -0.69 -4.00 -9.36
N LEU A 429 0.15 -5.03 -9.33
CA LEU A 429 1.20 -5.16 -8.33
C LEU A 429 2.54 -5.36 -9.02
N PRO A 430 3.64 -4.96 -8.36
CA PRO A 430 4.96 -5.24 -8.93
C PRO A 430 5.23 -6.73 -8.91
N HIS A 431 5.97 -7.24 -9.89
CA HIS A 431 6.31 -8.67 -9.87
C HIS A 431 7.80 -8.86 -10.18
N PRO A 432 8.51 -9.61 -9.35
CA PRO A 432 9.91 -10.00 -9.62
C PRO A 432 10.01 -11.18 -10.61
N MET A 433 10.28 -10.87 -11.87
CA MET A 433 10.25 -11.89 -12.91
C MET A 433 11.60 -12.58 -13.06
N HIS A 434 11.61 -13.91 -13.08
CA HIS A 434 12.82 -14.72 -13.06
C HIS A 434 12.82 -15.67 -14.25
N LEU A 435 13.97 -15.79 -14.95
CA LEU A 435 14.17 -16.69 -16.11
C LEU A 435 15.17 -17.82 -15.79
N HIS A 436 14.73 -19.06 -15.98
CA HIS A 436 15.66 -20.23 -15.86
C HIS A 436 16.51 -20.31 -17.14
N GLY A 437 17.75 -20.80 -17.01
CA GLY A 437 18.56 -21.24 -18.13
C GLY A 437 19.34 -20.20 -18.91
N HIS A 438 19.18 -18.94 -18.53
CA HIS A 438 19.76 -17.80 -19.24
C HIS A 438 19.81 -16.63 -18.26
N ASP A 439 20.73 -15.68 -18.51
CA ASP A 439 20.59 -14.29 -18.10
C ASP A 439 19.85 -13.52 -19.21
N PHE A 440 18.94 -12.61 -18.87
CA PHE A 440 18.32 -11.75 -19.91
C PHE A 440 18.88 -10.34 -19.86
N LEU A 441 18.74 -9.63 -20.98
CA LEU A 441 19.04 -8.22 -21.07
C LEU A 441 17.76 -7.45 -20.74
N VAL A 442 17.90 -6.45 -19.86
CA VAL A 442 16.77 -5.58 -19.55
C VAL A 442 16.78 -4.36 -20.49
N LEU A 443 15.86 -4.35 -21.46
CA LEU A 443 15.94 -3.42 -22.59
C LEU A 443 15.21 -2.14 -22.23
N GLY A 444 14.25 -2.26 -21.32
CA GLY A 444 13.49 -1.12 -20.79
C GLY A 444 12.24 -1.52 -20.03
N ARG A 445 11.62 -0.52 -19.42
CA ARG A 445 10.39 -0.72 -18.71
C ARG A 445 9.57 0.55 -18.77
N SER A 446 8.33 0.44 -18.35
CA SER A 446 7.45 1.63 -18.25
C SER A 446 8.04 2.73 -17.31
N PRO A 447 7.70 4.04 -17.53
CA PRO A 447 8.39 5.09 -16.71
C PRO A 447 8.29 4.84 -15.18
N ASP A 448 9.34 5.16 -14.41
CA ASP A 448 9.34 4.90 -12.96
C ASP A 448 8.32 5.83 -12.27
N VAL A 449 7.33 5.27 -11.57
CA VAL A 449 6.38 6.08 -10.80
C VAL A 449 6.17 5.35 -9.46
N PRO A 450 5.44 5.98 -8.51
CA PRO A 450 5.16 5.31 -7.23
C PRO A 450 4.42 3.99 -7.36
N ALA A 451 4.99 2.96 -6.72
CA ALA A 451 4.49 1.56 -6.79
C ALA A 451 3.03 1.42 -6.51
N ALA A 452 2.48 2.22 -5.56
CA ALA A 452 1.06 2.15 -5.19
C ALA A 452 0.12 3.18 -5.83
N SER A 453 0.62 3.96 -6.79
CA SER A 453 -0.17 5.03 -7.39
C SER A 453 -1.23 4.54 -8.40
N GLN A 454 -1.20 3.26 -8.76
CA GLN A 454 -2.08 2.69 -9.79
C GLN A 454 -2.06 3.43 -11.15
N GLN A 455 -1.03 4.23 -11.43
CA GLN A 455 -0.81 4.75 -12.80
C GLN A 455 -0.42 3.63 -13.74
N ARG A 456 -0.99 3.68 -14.95
CA ARG A 456 -0.88 2.58 -15.89
C ARG A 456 -0.27 3.01 -17.20
N PHE A 457 0.48 2.09 -17.82
CA PHE A 457 1.19 2.33 -19.09
C PHE A 457 1.02 1.16 -20.09
N VAL A 458 0.66 1.49 -21.34
CA VAL A 458 0.67 0.49 -22.39
C VAL A 458 1.74 0.87 -23.39
N PHE A 459 2.59 -0.08 -23.77
CA PHE A 459 3.73 0.21 -24.66
C PHE A 459 3.24 1.03 -25.86
N ASP A 460 3.86 2.19 -26.04
CA ASP A 460 3.54 3.09 -27.15
C ASP A 460 4.83 3.32 -27.89
N PRO A 461 5.00 2.73 -29.09
CA PRO A 461 6.30 2.71 -29.75
C PRO A 461 6.78 4.11 -30.12
N ALA A 462 5.83 5.03 -30.31
CA ALA A 462 6.14 6.41 -30.67
C ALA A 462 6.84 7.13 -29.52
N VAL A 463 6.59 6.70 -28.28
CA VAL A 463 7.24 7.29 -27.09
C VAL A 463 8.31 6.37 -26.48
N ASP A 464 8.07 5.06 -26.58
CA ASP A 464 8.80 4.05 -25.83
C ASP A 464 10.01 3.44 -26.56
N LEU A 465 9.97 3.39 -27.89
CA LEU A 465 11.16 2.95 -28.61
C LEU A 465 12.39 3.74 -28.18
N ALA A 466 12.23 5.06 -28.03
CA ALA A 466 13.34 5.94 -27.61
C ALA A 466 13.85 5.68 -26.18
N ARG A 467 13.05 4.99 -25.38
CA ARG A 467 13.39 4.79 -23.99
C ARG A 467 14.11 3.43 -23.83
N LEU A 468 14.27 2.69 -24.91
CA LEU A 468 14.96 1.38 -24.85
C LEU A 468 16.45 1.51 -24.92
N ASN A 469 17.16 0.55 -24.33
CA ASN A 469 18.62 0.51 -24.32
C ASN A 469 19.10 -0.89 -24.68
N GLY A 470 19.79 -0.96 -25.81
CA GLY A 470 20.43 -2.20 -26.21
C GLY A 470 21.94 -2.10 -26.22
N ASP A 471 22.48 -0.97 -25.72
CA ASP A 471 23.93 -0.77 -25.60
C ASP A 471 24.40 -1.26 -24.22
N ASN A 472 24.74 -2.56 -24.13
CA ASN A 472 25.15 -3.15 -22.85
C ASN A 472 24.21 -2.85 -21.67
N PRO A 473 22.92 -3.22 -21.80
CA PRO A 473 21.97 -3.01 -20.73
C PRO A 473 22.27 -3.95 -19.58
N PRO A 474 21.58 -3.76 -18.43
CA PRO A 474 21.63 -4.68 -17.31
C PRO A 474 21.32 -6.10 -17.75
N ARG A 475 22.07 -7.06 -17.24
CA ARG A 475 22.02 -8.45 -17.64
C ARG A 475 22.05 -9.21 -16.33
N ARG A 476 21.04 -10.05 -16.12
CA ARG A 476 20.89 -10.76 -14.85
C ARG A 476 19.74 -11.76 -15.01
N ASP A 477 19.35 -12.43 -13.93
CA ASP A 477 18.33 -13.50 -14.00
C ASP A 477 16.98 -13.15 -13.39
N THR A 478 16.92 -11.99 -12.76
CA THR A 478 15.69 -11.50 -12.09
C THR A 478 15.61 -9.98 -12.21
N THR A 479 14.43 -9.45 -12.51
CA THR A 479 14.21 -8.02 -12.55
C THR A 479 12.73 -7.73 -12.30
N MET A 480 12.42 -6.48 -11.98
CA MET A 480 11.06 -6.05 -11.67
C MET A 480 10.18 -5.67 -12.87
N LEU A 481 8.98 -6.27 -12.90
CA LEU A 481 7.89 -5.85 -13.74
C LEU A 481 7.16 -4.74 -12.96
N PRO A 482 7.19 -3.50 -13.48
CA PRO A 482 6.47 -2.46 -12.77
C PRO A 482 4.93 -2.65 -12.62
N ALA A 483 4.45 -2.38 -11.40
CA ALA A 483 3.06 -2.16 -11.16
C ALA A 483 2.42 -1.43 -12.36
N GLY A 484 1.42 -2.03 -12.98
CA GLY A 484 0.51 -1.38 -13.93
C GLY A 484 1.16 -1.03 -15.23
N GLY A 485 2.42 -1.46 -15.40
CA GLY A 485 3.20 -1.15 -16.60
C GLY A 485 3.65 -2.32 -17.45
N TRP A 486 4.91 -2.25 -17.85
CA TRP A 486 5.44 -3.22 -18.83
C TRP A 486 6.94 -3.30 -18.70
N LEU A 487 7.48 -4.37 -19.30
CA LEU A 487 8.88 -4.67 -19.24
C LEU A 487 9.27 -5.33 -20.54
N LEU A 488 10.37 -4.85 -21.13
CA LEU A 488 10.94 -5.45 -22.32
C LEU A 488 12.26 -6.20 -22.07
N LEU A 489 12.25 -7.53 -22.28
CA LEU A 489 13.44 -8.41 -22.07
C LEU A 489 13.94 -9.04 -23.35
N ALA A 490 15.19 -9.49 -23.33
CA ALA A 490 15.74 -10.24 -24.44
C ALA A 490 16.70 -11.31 -23.94
N PHE A 491 16.58 -12.51 -24.49
CA PHE A 491 17.61 -13.53 -24.29
C PHE A 491 17.94 -14.22 -25.60
N ARG A 492 19.16 -14.75 -25.67
CA ARG A 492 19.69 -15.43 -26.86
C ARG A 492 19.47 -16.93 -26.70
N THR A 493 18.87 -17.56 -27.72
CA THR A 493 18.46 -18.98 -27.67
C THR A 493 19.63 -19.95 -27.81
N ASP A 494 20.52 -19.95 -26.82
CA ASP A 494 21.78 -20.71 -26.85
C ASP A 494 21.76 -21.95 -25.94
N ASN A 495 20.57 -22.36 -25.50
CA ASN A 495 20.50 -23.39 -24.48
C ASN A 495 19.22 -24.23 -24.59
N PRO A 496 19.22 -25.26 -25.49
CA PRO A 496 18.02 -26.05 -25.78
C PRO A 496 17.54 -26.61 -24.45
N GLY A 497 16.25 -26.45 -24.19
CA GLY A 497 15.69 -26.92 -22.91
C GLY A 497 14.28 -26.39 -22.62
N ALA A 498 13.63 -26.95 -21.60
CA ALA A 498 12.36 -26.46 -21.11
C ALA A 498 12.65 -25.51 -19.90
N TRP A 499 12.43 -24.20 -20.09
CA TRP A 499 12.87 -23.18 -19.09
C TRP A 499 11.73 -22.37 -18.50
N LEU A 500 11.44 -22.53 -17.21
CA LEU A 500 10.40 -21.67 -16.59
C LEU A 500 10.74 -20.18 -16.64
N PHE A 501 9.71 -19.33 -16.70
CA PHE A 501 9.90 -17.89 -16.64
C PHE A 501 8.73 -17.38 -15.81
N HIS A 502 8.98 -16.95 -14.58
CA HIS A 502 7.90 -16.81 -13.59
C HIS A 502 8.11 -15.72 -12.58
N CYS A 503 7.01 -15.26 -11.96
CA CYS A 503 7.15 -14.34 -10.83
C CYS A 503 7.73 -15.14 -9.71
N HIS A 504 8.67 -14.56 -8.99
CA HIS A 504 9.33 -15.36 -7.94
C HIS A 504 8.65 -15.20 -6.60
N ILE A 505 7.57 -14.43 -6.52
CA ILE A 505 6.77 -14.40 -5.26
C ILE A 505 6.05 -15.73 -5.16
N ALA A 506 6.37 -16.49 -4.10
CA ALA A 506 5.87 -17.88 -4.02
C ALA A 506 4.36 -17.92 -4.23
N TRP A 507 3.65 -17.08 -3.52
CA TRP A 507 2.19 -17.06 -3.61
C TRP A 507 1.65 -16.88 -5.03
N HIS A 508 2.34 -16.08 -5.85
CA HIS A 508 1.92 -15.83 -7.24
C HIS A 508 2.20 -16.98 -8.21
N VAL A 509 3.41 -17.53 -8.15
CA VAL A 509 3.73 -18.68 -8.98
C VAL A 509 2.90 -19.90 -8.58
N SER A 510 2.66 -20.06 -7.27
N SER A 510 2.66 -20.07 -7.28
CA SER A 510 1.68 -21.02 -6.80
CA SER A 510 1.70 -21.08 -6.88
C SER A 510 0.36 -20.79 -7.53
C SER A 510 0.35 -20.80 -7.52
N GLY A 511 0.03 -19.50 -7.68
CA GLY A 511 -1.26 -19.06 -8.21
C GLY A 511 -1.35 -19.11 -9.73
N GLY A 512 -0.24 -19.37 -10.43
CA GLY A 512 -0.32 -19.59 -11.85
C GLY A 512 0.59 -18.72 -12.69
N LEU A 513 1.35 -17.84 -12.04
CA LEU A 513 2.12 -16.80 -12.73
C LEU A 513 3.46 -17.32 -13.27
N SER A 514 3.37 -18.02 -14.40
CA SER A 514 4.55 -18.59 -15.12
C SER A 514 4.21 -18.91 -16.56
N VAL A 515 5.26 -19.00 -17.39
CA VAL A 515 5.17 -19.75 -18.63
C VAL A 515 6.40 -20.66 -18.62
N ASP A 516 6.51 -21.47 -19.68
CA ASP A 516 7.57 -22.45 -19.87
C ASP A 516 8.10 -22.23 -21.27
N PHE A 517 9.31 -21.70 -21.38
CA PHE A 517 9.94 -21.49 -22.70
C PHE A 517 10.50 -22.81 -23.18
N LEU A 518 9.87 -23.40 -24.18
CA LEU A 518 10.40 -24.64 -24.72
C LEU A 518 11.37 -24.32 -25.85
N GLU A 519 12.65 -24.24 -25.51
CA GLU A 519 13.67 -23.70 -26.40
C GLU A 519 14.32 -24.81 -27.24
N ARG A 520 14.08 -24.73 -28.55
CA ARG A 520 14.75 -25.60 -29.54
C ARG A 520 14.57 -27.09 -29.27
N PRO A 521 13.31 -27.55 -29.17
CA PRO A 521 13.01 -28.89 -28.66
C PRO A 521 13.63 -30.03 -29.47
N ALA A 522 13.73 -29.83 -30.79
CA ALA A 522 14.43 -30.81 -31.65
C ALA A 522 15.87 -31.01 -31.16
N ASP A 523 16.62 -29.93 -30.93
CA ASP A 523 18.00 -30.04 -30.44
C ASP A 523 18.07 -30.63 -29.03
N LEU A 524 17.10 -30.23 -28.19
CA LEU A 524 17.00 -30.76 -26.84
C LEU A 524 17.07 -32.28 -26.80
N ARG A 525 16.21 -32.95 -27.57
CA ARG A 525 16.15 -34.43 -27.51
C ARG A 525 17.48 -35.14 -27.85
N GLN A 526 18.21 -34.64 -28.84
CA GLN A 526 19.51 -35.22 -29.25
C GLN A 526 20.61 -35.09 -28.19
N ARG A 527 20.55 -34.02 -27.40
CA ARG A 527 21.56 -33.76 -26.37
C ARG A 527 21.26 -34.36 -25.00
N ILE A 528 20.15 -35.07 -24.85
CA ILE A 528 19.89 -35.75 -23.59
C ILE A 528 20.65 -37.09 -23.54
N SER A 529 21.62 -37.23 -22.62
CA SER A 529 22.39 -38.48 -22.40
C SER A 529 21.58 -39.68 -21.92
N GLN A 530 22.13 -40.88 -22.15
CA GLN A 530 21.48 -42.12 -21.71
C GLN A 530 21.35 -42.19 -20.19
N GLU A 531 22.34 -41.66 -19.47
CA GLU A 531 22.31 -41.63 -18.01
C GLU A 531 21.21 -40.68 -17.53
N ASP A 532 21.15 -39.48 -18.12
CA ASP A 532 20.13 -38.52 -17.71
C ASP A 532 18.73 -39.06 -18.00
N GLU A 533 18.53 -39.64 -19.19
CA GLU A 533 17.24 -40.24 -19.57
C GLU A 533 16.87 -41.40 -18.66
N ASP A 534 17.81 -42.32 -18.46
CA ASP A 534 17.56 -43.42 -17.54
C ASP A 534 17.18 -42.92 -16.14
N ASP A 535 17.93 -41.96 -15.60
CA ASP A 535 17.67 -41.62 -14.20
C ASP A 535 16.34 -40.83 -14.11
N PHE A 536 16.04 -40.05 -15.14
CA PHE A 536 14.73 -39.34 -15.23
C PHE A 536 13.63 -40.37 -15.16
N ASN A 537 13.74 -41.44 -15.94
CA ASN A 537 12.71 -42.47 -15.98
C ASN A 537 12.63 -43.24 -14.64
N ARG A 538 13.77 -43.46 -14.00
CA ARG A 538 13.80 -44.06 -12.65
C ARG A 538 13.02 -43.23 -11.62
N VAL A 539 13.33 -41.94 -11.54
CA VAL A 539 12.65 -41.08 -10.54
C VAL A 539 11.18 -40.93 -10.84
N CYS A 540 10.83 -40.78 -12.12
CA CYS A 540 9.42 -40.69 -12.46
C CYS A 540 8.67 -41.98 -12.08
N ASP A 541 9.28 -43.11 -12.35
CA ASP A 541 8.66 -44.40 -11.99
C ASP A 541 8.40 -44.50 -10.49
N GLU A 542 9.40 -44.13 -9.66
CA GLU A 542 9.21 -44.11 -8.20
C GLU A 542 8.18 -43.06 -7.78
N TRP A 543 8.15 -41.89 -8.43
CA TRP A 543 7.18 -40.85 -8.05
C TRP A 543 5.76 -41.31 -8.38
N ARG A 544 5.61 -41.94 -9.54
CA ARG A 544 4.28 -42.40 -9.95
C ARG A 544 3.70 -43.53 -9.07
N ALA A 545 4.57 -44.45 -8.67
CA ALA A 545 4.25 -45.47 -7.68
C ALA A 545 3.84 -44.88 -6.32
N TYR A 546 4.52 -43.81 -5.89
CA TYR A 546 4.26 -43.19 -4.61
C TYR A 546 2.97 -42.37 -4.57
N TRP A 547 2.71 -41.57 -5.60
CA TRP A 547 1.67 -40.53 -5.54
C TRP A 547 0.28 -41.02 -5.13
N PRO A 548 -0.21 -42.15 -5.72
CA PRO A 548 -1.52 -42.66 -5.30
C PRO A 548 -1.65 -42.84 -3.81
N THR A 549 -0.53 -42.99 -3.10
CA THR A 549 -0.54 -43.25 -1.63
C THR A 549 -0.51 -41.98 -0.78
N ASN A 550 -0.27 -40.84 -1.42
CA ASN A 550 -0.28 -39.55 -0.72
C ASN A 550 -1.63 -39.19 -0.09
N PRO A 551 -1.65 -38.82 1.22
CA PRO A 551 -2.92 -38.48 1.85
C PRO A 551 -3.40 -37.06 1.59
N TYR A 552 -2.61 -36.27 0.87
CA TYR A 552 -2.90 -34.86 0.66
C TYR A 552 -3.02 -34.55 -0.85
N PRO A 553 -3.98 -33.68 -1.23
CA PRO A 553 -4.03 -33.27 -2.64
C PRO A 553 -2.96 -32.21 -2.98
N LYS A 554 -2.68 -32.04 -4.27
CA LYS A 554 -1.96 -30.83 -4.71
C LYS A 554 -3.01 -29.71 -4.82
N ILE A 555 -2.73 -28.58 -4.19
CA ILE A 555 -3.73 -27.48 -4.13
C ILE A 555 -3.33 -26.24 -4.97
N ASP A 556 -2.17 -26.27 -5.61
CA ASP A 556 -1.74 -25.12 -6.41
C ASP A 556 -1.09 -25.53 -7.75
N SER A 557 -0.25 -24.68 -8.33
CA SER A 557 0.27 -24.91 -9.67
C SER A 557 1.28 -26.06 -9.72
N GLY A 558 1.83 -26.44 -8.55
CA GLY A 558 2.98 -27.38 -8.56
C GLY A 558 4.32 -26.70 -8.49
N LEU A 559 4.35 -25.38 -8.75
CA LEU A 559 5.58 -24.59 -8.78
C LEU A 559 5.84 -23.61 -7.63
N GLU B 1 -22.35 37.94 20.15
CA GLU B 1 -21.21 38.89 20.37
C GLU B 1 -20.59 38.63 21.76
N PRO B 2 -19.26 38.49 21.83
CA PRO B 2 -18.49 38.41 23.09
C PRO B 2 -18.39 39.73 23.88
N THR B 3 -18.23 39.63 25.20
CA THR B 3 -17.98 40.81 26.05
C THR B 3 -16.73 40.73 26.95
N CYS B 4 -16.00 39.61 26.92
CA CYS B 4 -14.84 39.44 27.77
C CYS B 4 -13.81 38.45 27.19
N ASN B 5 -13.89 38.25 25.89
CA ASN B 5 -12.91 37.43 25.16
C ASN B 5 -11.69 38.22 24.68
N THR B 6 -10.55 38.00 25.37
CA THR B 6 -9.31 38.71 25.10
C THR B 6 -8.14 37.72 24.93
N PRO B 7 -7.02 38.16 24.33
CA PRO B 7 -5.83 37.28 24.18
C PRO B 7 -5.43 36.57 25.46
N SER B 8 -5.47 37.26 26.61
CA SER B 8 -5.09 36.66 27.90
C SER B 8 -6.21 35.89 28.59
N ASN B 9 -7.40 35.94 28.02
CA ASN B 9 -8.56 35.27 28.59
C ASN B 9 -9.48 34.83 27.46
N ARG B 10 -9.08 33.73 26.84
CA ARG B 10 -9.85 33.18 25.71
C ARG B 10 -10.93 32.23 26.23
N ALA B 11 -10.80 31.83 27.49
CA ALA B 11 -11.81 30.99 28.15
C ALA B 11 -13.16 31.70 28.33
N CYS B 12 -13.11 33.02 28.36
N CYS B 12 -13.13 33.02 28.50
CA CYS B 12 -14.28 33.82 28.63
CA CYS B 12 -14.34 33.88 28.67
C CYS B 12 -14.99 34.29 27.36
C CYS B 12 -15.00 34.14 27.33
N TRP B 13 -16.31 34.31 27.37
CA TRP B 13 -17.05 34.75 26.17
C TRP B 13 -18.04 35.87 26.47
N SER B 14 -19.06 35.56 27.27
CA SER B 14 -20.11 36.52 27.69
C SER B 14 -20.77 36.07 29.00
N ASP B 15 -21.64 36.89 29.56
CA ASP B 15 -22.32 36.54 30.83
C ASP B 15 -23.08 35.21 30.70
N GLY B 16 -22.68 34.24 31.50
CA GLY B 16 -23.25 32.90 31.51
C GLY B 16 -22.62 31.91 30.54
N PHE B 17 -21.71 32.39 29.69
CA PHE B 17 -21.16 31.56 28.62
C PHE B 17 -19.65 31.61 28.62
N ASP B 18 -19.04 30.45 28.83
CA ASP B 18 -17.56 30.30 28.78
C ASP B 18 -17.14 28.89 28.29
N ILE B 19 -15.84 28.61 28.26
CA ILE B 19 -15.32 27.31 27.78
C ILE B 19 -15.92 26.09 28.52
N ASN B 20 -16.50 26.31 29.71
CA ASN B 20 -16.99 25.18 30.53
C ASN B 20 -18.50 24.97 30.44
N THR B 21 -19.19 25.92 29.82
CA THR B 21 -20.61 25.79 29.48
C THR B 21 -20.90 24.56 28.68
N ASP B 22 -21.98 23.88 29.01
CA ASP B 22 -22.37 22.76 28.19
C ASP B 22 -23.11 23.32 26.97
N TYR B 23 -22.35 23.55 25.90
CA TYR B 23 -22.83 24.18 24.67
C TYR B 23 -23.84 23.29 23.94
N GLU B 24 -23.96 22.01 24.33
CA GLU B 24 -24.92 21.11 23.69
C GLU B 24 -26.36 21.34 24.22
N VAL B 25 -26.45 22.05 25.36
CA VAL B 25 -27.76 22.37 25.93
C VAL B 25 -28.06 23.85 26.19
N SER B 26 -27.02 24.70 26.16
CA SER B 26 -27.11 26.14 26.38
C SER B 26 -26.46 26.96 25.25
N THR B 27 -27.20 27.92 24.72
CA THR B 27 -26.76 28.68 23.55
C THR B 27 -27.12 30.15 23.82
N PRO B 28 -26.20 31.09 23.56
CA PRO B 28 -26.42 32.54 23.62
C PRO B 28 -27.56 33.01 22.73
N ASP B 29 -28.40 33.90 23.25
CA ASP B 29 -29.39 34.50 22.39
C ASP B 29 -28.94 35.88 21.87
N THR B 30 -28.27 35.86 20.72
CA THR B 30 -27.69 37.05 20.10
C THR B 30 -28.71 37.82 19.26
N GLY B 31 -29.68 37.11 18.69
CA GLY B 31 -30.70 37.72 17.85
C GLY B 31 -30.15 38.23 16.54
N VAL B 32 -28.88 37.91 16.24
CA VAL B 32 -28.21 38.28 14.97
C VAL B 32 -28.26 37.13 13.94
N THR B 33 -28.51 37.49 12.67
CA THR B 33 -28.39 36.57 11.53
C THR B 33 -27.24 37.03 10.59
N GLN B 34 -26.43 36.06 10.14
CA GLN B 34 -25.43 36.31 9.11
C GLN B 34 -25.95 35.55 7.93
N SER B 35 -26.09 36.23 6.81
CA SER B 35 -26.67 35.64 5.59
C SER B 35 -25.73 35.74 4.38
N TYR B 36 -25.93 34.85 3.41
CA TYR B 36 -25.01 34.62 2.31
C TYR B 36 -25.85 34.09 1.16
N VAL B 37 -25.38 34.31 -0.06
CA VAL B 37 -25.92 33.68 -1.27
C VAL B 37 -24.81 32.81 -1.93
N PHE B 38 -25.20 31.61 -2.32
CA PHE B 38 -24.32 30.70 -3.06
C PHE B 38 -24.91 30.49 -4.46
N ASN B 39 -24.27 31.03 -5.48
CA ASN B 39 -24.72 30.88 -6.83
C ASN B 39 -23.78 29.87 -7.46
N LEU B 40 -24.31 28.69 -7.71
CA LEU B 40 -23.45 27.58 -8.19
C LEU B 40 -23.43 27.72 -9.68
N THR B 41 -22.25 27.73 -10.29
CA THR B 41 -22.15 27.71 -11.76
C THR B 41 -21.23 26.62 -12.23
N GLU B 42 -21.37 26.30 -13.51
CA GLU B 42 -20.68 25.21 -14.12
C GLU B 42 -19.72 25.87 -15.09
N VAL B 43 -18.43 25.61 -14.91
CA VAL B 43 -17.38 26.29 -15.70
C VAL B 43 -16.54 25.24 -16.42
N ASP B 44 -16.57 25.28 -17.76
CA ASP B 44 -15.65 24.48 -18.56
C ASP B 44 -14.29 25.16 -18.80
N ASN B 45 -13.28 24.32 -18.98
CA ASN B 45 -11.91 24.74 -19.26
C ASN B 45 -11.39 25.81 -18.31
N TRP B 46 -11.45 25.48 -17.02
CA TRP B 46 -11.13 26.41 -15.92
C TRP B 46 -9.67 26.24 -15.58
N MET B 47 -8.97 27.35 -15.57
CA MET B 47 -7.59 27.39 -15.16
C MET B 47 -7.48 27.30 -13.64
N GLY B 48 -6.87 26.22 -13.16
CA GLY B 48 -6.66 25.97 -11.74
C GLY B 48 -5.39 26.58 -11.19
N PRO B 49 -5.23 26.52 -9.86
CA PRO B 49 -4.14 27.21 -9.18
C PRO B 49 -2.74 26.63 -9.44
N ASP B 50 -2.61 25.43 -10.00
CA ASP B 50 -1.30 24.88 -10.33
C ASP B 50 -0.92 24.98 -11.84
N GLY B 51 -1.68 25.76 -12.58
CA GLY B 51 -1.39 26.03 -13.99
C GLY B 51 -2.15 25.11 -14.91
N VAL B 52 -2.77 24.06 -14.36
CA VAL B 52 -3.44 23.11 -15.24
C VAL B 52 -4.90 23.50 -15.44
N VAL B 53 -5.34 23.39 -16.69
CA VAL B 53 -6.71 23.66 -17.05
C VAL B 53 -7.56 22.37 -16.94
N LYS B 54 -8.64 22.46 -16.18
CA LYS B 54 -9.54 21.35 -15.95
C LYS B 54 -10.73 21.46 -16.87
N GLU B 55 -11.11 20.33 -17.46
CA GLU B 55 -12.31 20.12 -18.28
C GLU B 55 -13.58 20.79 -17.72
N LYS B 56 -13.91 20.47 -16.48
CA LYS B 56 -15.14 21.02 -15.88
C LYS B 56 -15.02 21.09 -14.36
N VAL B 57 -15.47 22.22 -13.82
CA VAL B 57 -15.56 22.46 -12.39
C VAL B 57 -16.96 23.03 -12.03
N MET B 58 -17.33 22.94 -10.76
CA MET B 58 -18.61 23.44 -10.28
C MET B 58 -18.34 24.34 -9.09
N LEU B 59 -18.58 25.65 -9.27
CA LEU B 59 -18.05 26.70 -8.35
C LEU B 59 -19.16 27.47 -7.68
N ILE B 60 -18.92 27.88 -6.45
CA ILE B 60 -19.81 28.83 -5.77
C ILE B 60 -19.26 30.26 -5.94
N ASN B 61 -20.12 31.17 -6.38
CA ASN B 61 -19.70 32.57 -6.62
C ASN B 61 -18.39 32.73 -7.44
N GLY B 62 -18.22 31.83 -8.40
CA GLY B 62 -17.09 31.88 -9.34
C GLY B 62 -15.68 31.62 -8.82
N ASN B 63 -15.55 31.15 -7.59
CA ASN B 63 -14.24 30.91 -6.96
C ASN B 63 -13.98 29.44 -6.64
N ILE B 64 -12.77 29.12 -6.26
CA ILE B 64 -12.42 27.74 -6.04
C ILE B 64 -13.16 27.20 -4.83
N MET B 65 -13.40 28.04 -3.83
CA MET B 65 -14.23 27.63 -2.71
C MET B 65 -15.34 28.66 -2.53
N GLY B 66 -16.45 28.26 -1.89
CA GLY B 66 -17.53 29.18 -1.54
C GLY B 66 -17.09 30.19 -0.48
N PRO B 67 -17.98 31.11 -0.11
CA PRO B 67 -17.77 32.04 1.00
C PRO B 67 -17.26 31.40 2.29
N ASN B 68 -16.34 32.07 3.01
CA ASN B 68 -15.95 31.64 4.36
C ASN B 68 -17.09 32.09 5.26
N ILE B 69 -17.85 31.15 5.79
CA ILE B 69 -18.95 31.49 6.70
C ILE B 69 -18.33 31.88 8.02
N VAL B 70 -18.74 33.06 8.53
CA VAL B 70 -18.26 33.60 9.83
C VAL B 70 -19.42 34.17 10.63
N ALA B 71 -19.61 33.65 11.86
CA ALA B 71 -20.62 34.17 12.79
C ALA B 71 -20.19 33.88 14.23
N ASN B 72 -20.91 34.42 15.23
CA ASN B 72 -20.61 34.14 16.62
C ASN B 72 -21.49 33.03 17.14
N TRP B 73 -21.03 32.35 18.19
CA TRP B 73 -21.82 31.41 18.97
C TRP B 73 -23.20 31.99 19.34
N GLY B 74 -24.26 31.30 18.90
CA GLY B 74 -25.63 31.76 19.16
C GLY B 74 -26.28 32.50 17.99
N ASP B 75 -25.50 32.98 17.05
CA ASP B 75 -26.02 33.57 15.80
C ASP B 75 -26.87 32.55 15.01
N THR B 76 -27.62 33.07 14.05
CA THR B 76 -28.27 32.24 13.05
C THR B 76 -27.51 32.44 11.75
N VAL B 77 -27.18 31.33 11.06
CA VAL B 77 -26.59 31.40 9.75
C VAL B 77 -27.64 31.09 8.67
N GLU B 78 -27.77 31.96 7.67
CA GLU B 78 -28.78 31.75 6.64
C GLU B 78 -28.18 31.81 5.25
N VAL B 79 -28.46 30.84 4.39
CA VAL B 79 -27.79 30.78 3.10
C VAL B 79 -28.77 30.47 2.00
N THR B 80 -28.95 31.39 1.05
CA THR B 80 -29.79 31.08 -0.11
C THR B 80 -28.91 30.43 -1.18
N VAL B 81 -29.26 29.20 -1.53
CA VAL B 81 -28.50 28.48 -2.58
C VAL B 81 -29.26 28.50 -3.88
N ILE B 82 -28.61 29.04 -4.92
CA ILE B 82 -29.21 29.14 -6.26
C ILE B 82 -28.46 28.20 -7.19
N ASN B 83 -29.15 27.18 -7.70
CA ASN B 83 -28.50 26.19 -8.55
C ASN B 83 -28.55 26.54 -10.05
N ASN B 84 -27.45 27.12 -10.54
CA ASN B 84 -27.32 27.43 -11.97
C ASN B 84 -26.42 26.47 -12.74
N LEU B 85 -26.30 25.25 -12.20
CA LEU B 85 -25.64 24.20 -12.97
C LEU B 85 -26.49 23.84 -14.21
N VAL B 86 -25.92 23.07 -15.12
CA VAL B 86 -26.63 22.70 -16.36
C VAL B 86 -27.61 21.53 -16.14
N THR B 87 -27.11 20.38 -15.63
CA THR B 87 -27.94 19.18 -15.36
C THR B 87 -28.12 18.74 -13.89
N ASN B 88 -27.11 18.97 -13.05
CA ASN B 88 -27.06 18.34 -11.69
C ASN B 88 -28.05 19.00 -10.75
N GLY B 89 -28.71 18.24 -9.89
CA GLY B 89 -29.36 18.84 -8.73
C GLY B 89 -28.27 19.21 -7.75
N THR B 90 -28.62 19.83 -6.61
CA THR B 90 -27.60 20.09 -5.57
C THR B 90 -28.21 20.09 -4.16
N SER B 91 -27.38 19.87 -3.15
CA SER B 91 -27.82 19.95 -1.75
C SER B 91 -26.59 20.29 -0.93
N ILE B 92 -26.68 21.32 -0.10
CA ILE B 92 -25.52 21.70 0.70
C ILE B 92 -25.67 21.19 2.13
N HIS B 93 -24.68 20.41 2.55
CA HIS B 93 -24.57 19.87 3.88
C HIS B 93 -23.60 20.68 4.76
N TRP B 94 -24.02 20.95 6.02
CA TRP B 94 -23.24 21.74 6.98
C TRP B 94 -22.57 20.73 7.93
N HIS B 95 -21.36 20.35 7.54
CA HIS B 95 -20.66 19.22 8.15
C HIS B 95 -20.13 19.67 9.53
N GLY B 96 -20.58 19.01 10.60
CA GLY B 96 -20.17 19.39 11.92
C GLY B 96 -21.28 20.16 12.61
N ILE B 97 -22.22 20.63 11.82
CA ILE B 97 -23.28 21.44 12.38
C ILE B 97 -24.45 20.56 12.83
CE1 OHI B 98 -22.75 18.18 17.61
ND1 OHI B 98 -23.97 18.70 17.65
NE2 OHI B 98 -22.28 17.76 16.42
CD2 OHI B 98 -23.34 17.98 15.58
CG OHI B 98 -24.35 18.57 16.36
CB OHI B 98 -25.71 19.01 15.93
CA OHI B 98 -25.71 19.13 14.41
N OHI B 98 -24.85 20.23 14.02
C OHI B 98 -27.15 19.37 14.08
O OHI B 98 -27.90 18.41 14.11
O12 OHI B 98 -22.10 18.14 18.70
N GLN B 99 -27.55 20.54 13.81
CA GLN B 99 -28.94 20.78 13.33
C GLN B 99 -29.94 20.27 14.36
N LYS B 100 -29.78 20.72 15.61
CA LYS B 100 -30.67 20.30 16.71
C LYS B 100 -32.10 20.75 16.41
N ASP B 101 -32.96 19.76 16.19
CA ASP B 101 -34.35 19.93 15.82
C ASP B 101 -34.56 20.70 14.49
N THR B 102 -33.54 20.68 13.63
CA THR B 102 -33.67 21.25 12.27
C THR B 102 -33.10 20.29 11.20
N ASN B 103 -33.44 19.00 11.34
CA ASN B 103 -33.08 17.92 10.40
C ASN B 103 -33.36 18.30 8.95
N LEU B 104 -34.46 19.01 8.70
CA LEU B 104 -34.76 19.37 7.28
C LEU B 104 -33.80 20.39 6.64
N HIS B 105 -32.89 20.93 7.45
CA HIS B 105 -31.83 21.83 6.98
C HIS B 105 -30.43 21.14 6.77
N ASP B 106 -30.40 19.82 7.01
CA ASP B 106 -29.14 19.05 6.97
C ASP B 106 -28.49 18.93 5.58
N GLY B 107 -29.30 19.02 4.51
CA GLY B 107 -28.70 19.09 3.17
C GLY B 107 -28.35 17.71 2.60
N ALA B 108 -28.89 16.67 3.23
CA ALA B 108 -28.64 15.33 2.75
C ALA B 108 -29.74 14.90 1.79
N ASN B 109 -29.48 15.06 0.49
CA ASN B 109 -30.49 14.78 -0.50
C ASN B 109 -30.86 13.28 -0.51
N GLY B 110 -32.14 12.96 -0.74
CA GLY B 110 -32.64 11.60 -0.53
C GLY B 110 -33.00 11.25 0.91
N VAL B 111 -32.55 12.07 1.85
CA VAL B 111 -32.78 11.79 3.30
C VAL B 111 -33.64 12.93 3.83
N THR B 112 -33.13 14.16 3.78
CA THR B 112 -33.82 15.30 4.47
C THR B 112 -34.46 16.27 3.51
N GLU B 113 -34.22 16.08 2.21
CA GLU B 113 -34.64 16.97 1.12
C GLU B 113 -34.53 16.27 -0.26
N CYS B 114 -35.25 16.80 -1.25
CA CYS B 114 -34.95 16.57 -2.66
C CYS B 114 -33.79 17.46 -3.13
N PRO B 115 -33.05 17.09 -4.20
CA PRO B 115 -32.05 18.03 -4.72
C PRO B 115 -32.66 19.34 -5.25
N ILE B 116 -31.94 20.46 -5.13
CA ILE B 116 -32.38 21.73 -5.71
C ILE B 116 -32.12 21.54 -7.19
N PRO B 117 -33.17 21.69 -8.01
CA PRO B 117 -32.97 21.55 -9.47
C PRO B 117 -32.09 22.62 -10.13
N PRO B 118 -31.51 22.27 -11.28
CA PRO B 118 -30.61 23.17 -11.98
C PRO B 118 -31.38 24.21 -12.76
N LYS B 119 -30.65 25.09 -13.46
CA LYS B 119 -31.23 26.13 -14.31
C LYS B 119 -32.00 27.18 -13.50
N GLY B 120 -31.56 27.46 -12.26
CA GLY B 120 -32.19 28.49 -11.46
C GLY B 120 -32.98 28.08 -10.23
N GLY B 121 -33.03 26.79 -9.90
CA GLY B 121 -33.78 26.37 -8.67
C GLY B 121 -33.10 26.94 -7.43
N GLN B 122 -33.87 27.19 -6.37
CA GLN B 122 -33.28 27.81 -5.18
C GLN B 122 -33.91 27.31 -3.89
N ARG B 123 -33.19 27.49 -2.78
CA ARG B 123 -33.68 27.08 -1.46
C ARG B 123 -32.90 27.88 -0.45
N THR B 124 -33.54 28.29 0.63
CA THR B 124 -32.79 29.00 1.69
C THR B 124 -32.62 28.09 2.89
N TYR B 125 -31.37 27.87 3.30
CA TYR B 125 -31.06 27.06 4.50
C TYR B 125 -30.96 28.01 5.70
N ARG B 126 -31.43 27.58 6.87
CA ARG B 126 -31.36 28.42 8.07
C ARG B 126 -31.06 27.58 9.31
N TRP B 127 -29.95 27.90 10.01
CA TRP B 127 -29.53 27.07 11.15
C TRP B 127 -28.90 27.87 12.30
N ARG B 128 -29.13 27.40 13.53
CA ARG B 128 -28.61 28.04 14.73
C ARG B 128 -27.18 27.56 15.03
N ALA B 129 -26.31 28.52 15.31
CA ALA B 129 -24.92 28.20 15.56
C ALA B 129 -24.78 27.89 17.04
N ARG B 130 -25.01 26.61 17.37
CA ARG B 130 -25.09 26.16 18.76
C ARG B 130 -23.77 25.49 19.20
N GLN B 131 -22.73 25.63 18.38
CA GLN B 131 -21.41 25.03 18.62
C GLN B 131 -20.39 25.99 18.02
N TYR B 132 -19.31 26.28 18.74
CA TYR B 132 -18.27 27.20 18.23
C TYR B 132 -17.02 26.36 17.85
N GLY B 133 -16.32 26.82 16.83
CA GLY B 133 -15.20 26.06 16.27
C GLY B 133 -15.15 26.13 14.76
N THR B 134 -14.46 25.15 14.19
CA THR B 134 -14.16 25.14 12.76
C THR B 134 -14.87 23.98 12.15
N SER B 135 -15.73 24.29 11.17
CA SER B 135 -16.42 23.26 10.38
C SER B 135 -16.35 23.55 8.85
N TRP B 136 -17.13 22.84 8.05
CA TRP B 136 -17.08 23.05 6.60
C TRP B 136 -18.41 22.67 5.99
N TYR B 137 -18.66 23.06 4.75
CA TYR B 137 -19.90 22.66 4.04
C TYR B 137 -19.52 22.10 2.66
N HIS B 138 -20.42 21.30 2.07
CA HIS B 138 -20.13 20.71 0.78
C HIS B 138 -21.42 20.15 0.21
N SER B 139 -21.51 20.09 -1.11
CA SER B 139 -22.58 19.32 -1.79
C SER B 139 -22.66 17.88 -1.26
N HIS B 140 -23.86 17.33 -1.23
CA HIS B 140 -24.05 15.90 -0.92
C HIS B 140 -24.69 15.20 -2.12
N PHE B 141 -24.71 15.86 -3.25
CA PHE B 141 -25.26 15.27 -4.47
C PHE B 141 -24.18 14.39 -5.11
N SER B 142 -24.29 13.08 -4.90
CA SER B 142 -23.23 12.10 -5.25
C SER B 142 -21.87 12.74 -4.81
N ALA B 143 -20.90 12.83 -5.73
CA ALA B 143 -19.53 13.27 -5.45
C ALA B 143 -19.25 14.67 -6.00
N GLN B 144 -20.31 15.47 -6.17
CA GLN B 144 -20.24 16.80 -6.76
C GLN B 144 -19.26 17.73 -6.02
N TYR B 145 -19.07 17.52 -4.72
CA TYR B 145 -18.18 18.42 -3.99
C TYR B 145 -16.74 18.36 -4.50
N GLY B 146 -16.40 17.24 -5.11
CA GLY B 146 -15.10 17.05 -5.74
C GLY B 146 -14.90 17.96 -6.95
N ASN B 147 -15.98 18.57 -7.46
CA ASN B 147 -15.90 19.54 -8.57
C ASN B 147 -15.75 20.99 -8.11
N GLY B 148 -15.86 21.23 -6.79
CA GLY B 148 -15.72 22.58 -6.25
C GLY B 148 -16.78 23.11 -5.30
N VAL B 149 -17.90 22.40 -5.16
CA VAL B 149 -18.99 22.87 -4.28
C VAL B 149 -18.64 22.58 -2.82
N VAL B 150 -17.82 23.45 -2.24
CA VAL B 150 -17.18 23.24 -0.94
C VAL B 150 -16.79 24.60 -0.33
N GLY B 151 -16.81 24.71 0.99
CA GLY B 151 -16.39 25.94 1.70
C GLY B 151 -16.19 25.72 3.18
N THR B 152 -15.77 26.75 3.92
CA THR B 152 -15.51 26.60 5.37
C THR B 152 -16.49 27.40 6.27
N ILE B 153 -16.52 27.06 7.56
CA ILE B 153 -17.37 27.70 8.57
C ILE B 153 -16.48 28.01 9.81
N GLN B 154 -16.55 29.25 10.29
CA GLN B 154 -15.89 29.65 11.52
C GLN B 154 -16.92 30.27 12.45
N ILE B 155 -17.28 29.57 13.53
CA ILE B 155 -18.19 30.14 14.54
C ILE B 155 -17.36 30.51 15.75
N ASN B 156 -17.19 31.81 15.97
CA ASN B 156 -16.34 32.27 17.04
C ASN B 156 -16.94 32.03 18.40
N GLY B 157 -16.07 31.94 19.39
CA GLY B 157 -16.51 31.55 20.75
C GLY B 157 -15.25 31.43 21.58
N PRO B 158 -15.38 30.87 22.79
CA PRO B 158 -14.22 30.76 23.67
C PRO B 158 -13.23 29.61 23.25
N ALA B 159 -12.14 29.49 23.97
CA ALA B 159 -11.11 28.48 23.59
C ALA B 159 -10.39 28.03 24.85
N SER B 160 -9.66 26.92 24.76
CA SER B 160 -9.02 26.26 25.92
C SER B 160 -7.59 26.71 26.20
N LEU B 161 -7.10 27.65 25.40
CA LEU B 161 -5.84 28.32 25.67
C LEU B 161 -5.96 29.78 25.29
N PRO B 162 -5.14 30.63 25.91
CA PRO B 162 -4.92 31.98 25.38
C PRO B 162 -4.10 32.05 24.08
N TYR B 163 -4.36 33.08 23.27
CA TYR B 163 -3.62 33.31 22.01
C TYR B 163 -3.86 34.68 21.47
N ASP B 164 -2.92 35.17 20.67
CA ASP B 164 -2.94 36.55 20.31
C ASP B 164 -3.64 36.79 19.01
N ILE B 165 -3.48 35.83 18.09
CA ILE B 165 -3.88 36.05 16.70
C ILE B 165 -4.66 34.84 16.18
N ASP B 166 -5.81 35.09 15.59
CA ASP B 166 -6.56 34.05 14.89
C ASP B 166 -6.23 34.14 13.38
N LEU B 167 -5.43 33.17 12.91
CA LEU B 167 -5.05 33.15 11.49
C LEU B 167 -6.21 32.70 10.55
N GLY B 168 -7.23 32.12 11.14
CA GLY B 168 -8.42 31.74 10.39
C GLY B 168 -8.25 30.37 9.76
N VAL B 169 -9.01 30.12 8.70
CA VAL B 169 -9.13 28.76 8.19
C VAL B 169 -7.99 28.38 7.25
N PHE B 170 -7.66 27.09 7.27
CA PHE B 170 -6.55 26.54 6.50
C PHE B 170 -6.93 25.16 5.90
N PRO B 171 -7.81 25.18 4.89
CA PRO B 171 -8.26 23.93 4.23
C PRO B 171 -7.18 23.31 3.37
N ILE B 172 -7.02 22.01 3.52
CA ILE B 172 -6.08 21.23 2.69
C ILE B 172 -6.92 20.18 1.97
N THR B 173 -6.71 20.03 0.68
CA THR B 173 -7.53 19.10 -0.08
C THR B 173 -6.78 18.43 -1.18
N ASP B 174 -7.21 17.20 -1.51
CA ASP B 174 -6.72 16.57 -2.70
C ASP B 174 -7.29 17.31 -3.91
N TYR B 175 -6.61 17.16 -5.02
CA TYR B 175 -6.97 17.90 -6.22
C TYR B 175 -6.69 17.00 -7.39
N TYR B 176 -7.75 16.74 -8.16
CA TYR B 176 -7.70 15.90 -9.33
C TYR B 176 -8.08 16.69 -10.56
N TYR B 177 -7.43 16.38 -11.69
CA TYR B 177 -7.78 17.05 -12.94
C TYR B 177 -9.05 16.47 -13.55
N ARG B 178 -9.34 15.21 -13.24
N ARG B 178 -9.31 15.18 -13.31
CA ARG B 178 -10.55 14.55 -13.72
CA ARG B 178 -10.56 14.54 -13.73
C ARG B 178 -11.76 14.93 -12.87
C ARG B 178 -11.73 15.07 -12.91
N ALA B 179 -12.91 15.09 -13.54
CA ALA B 179 -14.12 15.59 -12.92
C ALA B 179 -14.68 14.48 -12.01
N ALA B 180 -15.50 14.85 -11.06
CA ALA B 180 -15.99 13.93 -10.03
C ALA B 180 -16.77 12.72 -10.60
N ASP B 181 -17.66 12.96 -11.57
CA ASP B 181 -18.42 11.82 -12.07
C ASP B 181 -17.57 10.81 -12.83
N ASP B 182 -16.53 11.32 -13.48
CA ASP B 182 -15.58 10.47 -14.17
C ASP B 182 -14.84 9.62 -13.13
N LEU B 183 -14.50 10.21 -11.98
CA LEU B 183 -13.78 9.46 -10.95
C LEU B 183 -14.68 8.42 -10.24
N VAL B 184 -15.95 8.77 -9.98
CA VAL B 184 -16.94 7.80 -9.53
C VAL B 184 -17.00 6.60 -10.50
N HIS B 185 -17.19 6.89 -11.79
CA HIS B 185 -17.26 5.82 -12.77
C HIS B 185 -16.00 4.95 -12.75
N PHE B 186 -14.83 5.59 -12.66
CA PHE B 186 -13.55 4.89 -12.63
C PHE B 186 -13.45 4.04 -11.35
N THR B 187 -13.80 4.62 -10.21
CA THR B 187 -13.60 3.89 -8.94
C THR B 187 -14.58 2.71 -8.75
N GLN B 188 -15.62 2.63 -9.59
CA GLN B 188 -16.55 1.47 -9.54
C GLN B 188 -15.89 0.17 -10.00
N ASN B 189 -14.87 0.29 -10.82
CA ASN B 189 -14.18 -0.92 -11.37
C ASN B 189 -12.68 -0.87 -11.28
N ASN B 190 -12.13 0.14 -10.59
CA ASN B 190 -10.68 0.31 -10.39
C ASN B 190 -10.31 0.85 -9.02
N ALA B 191 -9.15 0.44 -8.50
CA ALA B 191 -8.63 1.04 -7.29
C ALA B 191 -8.42 2.55 -7.54
N PRO B 192 -8.65 3.41 -6.51
CA PRO B 192 -8.59 4.85 -6.71
C PRO B 192 -7.18 5.40 -7.00
N PRO B 193 -7.09 6.46 -7.81
CA PRO B 193 -5.82 7.07 -8.17
C PRO B 193 -5.22 7.85 -6.98
N PHE B 194 -3.89 8.11 -7.02
CA PHE B 194 -3.35 9.20 -6.21
C PHE B 194 -3.91 10.52 -6.74
N SER B 195 -3.81 11.54 -5.93
CA SER B 195 -4.31 12.84 -6.34
C SER B 195 -3.27 13.47 -7.22
N ASP B 196 -3.70 14.39 -8.08
CA ASP B 196 -2.76 15.09 -8.94
C ASP B 196 -1.92 16.11 -8.18
N ASN B 197 -2.52 16.76 -7.19
CA ASN B 197 -1.83 17.68 -6.32
C ASN B 197 -2.57 17.75 -4.97
N VAL B 198 -2.06 18.51 -4.00
CA VAL B 198 -2.75 18.74 -2.74
C VAL B 198 -2.71 20.23 -2.54
N LEU B 199 -3.88 20.86 -2.54
CA LEU B 199 -3.98 22.30 -2.33
C LEU B 199 -4.03 22.62 -0.85
N ILE B 200 -3.26 23.61 -0.47
CA ILE B 200 -3.27 24.18 0.87
C ILE B 200 -3.78 25.62 0.78
N ASN B 201 -4.92 25.86 1.43
CA ASN B 201 -5.58 27.16 1.36
C ASN B 201 -5.70 27.64 -0.11
N GLY B 202 -6.10 26.71 -0.98
CA GLY B 202 -6.45 26.99 -2.35
C GLY B 202 -5.33 27.06 -3.37
N THR B 203 -4.09 26.84 -2.95
CA THR B 203 -2.97 26.88 -3.92
C THR B 203 -1.88 25.80 -3.70
N ALA B 204 -1.15 25.49 -4.77
CA ALA B 204 -0.02 24.57 -4.71
C ALA B 204 0.84 24.86 -5.90
N VAL B 205 2.06 24.36 -5.86
CA VAL B 205 2.96 24.46 -6.99
C VAL B 205 2.90 23.16 -7.81
N ASN B 206 2.98 23.27 -9.13
CA ASN B 206 2.90 22.10 -10.00
C ASN B 206 4.22 21.34 -9.95
N PRO B 207 4.18 20.05 -9.58
CA PRO B 207 5.42 19.30 -9.37
C PRO B 207 6.23 19.10 -10.64
N ASN B 208 5.57 19.24 -11.79
CA ASN B 208 6.23 19.09 -13.07
C ASN B 208 6.72 20.39 -13.69
N THR B 209 5.85 21.41 -13.72
CA THR B 209 6.13 22.62 -14.51
C THR B 209 6.63 23.75 -13.62
N GLY B 210 6.44 23.62 -12.32
CA GLY B 210 6.74 24.70 -11.40
C GLY B 210 5.76 25.85 -11.43
N GLU B 211 4.66 25.72 -12.17
CA GLU B 211 3.60 26.73 -12.15
C GLU B 211 2.82 26.72 -10.81
N GLY B 212 2.18 27.84 -10.47
CA GLY B 212 1.46 27.94 -9.22
C GLY B 212 2.25 28.60 -8.10
N GLN B 213 1.73 28.51 -6.88
CA GLN B 213 2.34 29.20 -5.74
C GLN B 213 2.14 28.38 -4.47
N TYR B 214 3.13 28.44 -3.59
CA TYR B 214 2.98 27.95 -2.22
C TYR B 214 2.07 28.88 -1.40
N ALA B 215 1.13 28.31 -0.65
CA ALA B 215 0.47 29.05 0.43
C ALA B 215 1.54 29.67 1.35
N ASN B 216 1.33 30.92 1.78
CA ASN B 216 2.35 31.69 2.53
C ASN B 216 1.68 32.31 3.75
N VAL B 217 1.98 31.79 4.94
CA VAL B 217 1.35 32.22 6.18
C VAL B 217 2.37 33.12 6.88
N THR B 218 2.01 34.36 7.21
CA THR B 218 2.94 35.24 7.97
C THR B 218 2.69 35.19 9.48
N LEU B 219 3.70 34.70 10.19
CA LEU B 219 3.71 34.63 11.64
C LEU B 219 4.30 35.92 12.18
N THR B 220 3.70 36.46 13.25
CA THR B 220 4.22 37.62 13.95
C THR B 220 5.17 37.14 15.08
N PRO B 221 6.47 37.52 15.05
CA PRO B 221 7.38 36.90 16.02
C PRO B 221 7.00 37.10 17.49
N GLY B 222 7.19 36.05 18.28
CA GLY B 222 6.84 36.04 19.68
C GLY B 222 5.37 35.90 20.00
N LYS B 223 4.51 35.77 18.98
CA LYS B 223 3.07 35.70 19.16
C LYS B 223 2.54 34.27 19.07
N ARG B 224 1.41 34.03 19.75
CA ARG B 224 0.74 32.74 19.72
C ARG B 224 -0.37 32.84 18.66
N HIS B 225 -0.41 31.90 17.72
CA HIS B 225 -1.36 32.02 16.58
C HIS B 225 -2.28 30.79 16.58
N ARG B 226 -3.57 31.02 16.44
CA ARG B 226 -4.52 29.91 16.26
C ARG B 226 -4.60 29.69 14.76
N LEU B 227 -4.45 28.43 14.35
CA LEU B 227 -4.59 28.01 12.96
C LEU B 227 -5.66 26.90 12.90
N ARG B 228 -6.65 27.08 12.02
CA ARG B 228 -7.79 26.17 11.94
C ARG B 228 -7.65 25.25 10.74
N ILE B 229 -7.07 24.08 10.97
CA ILE B 229 -6.73 23.18 9.88
C ILE B 229 -7.92 22.28 9.53
N LEU B 230 -8.20 22.16 8.23
CA LEU B 230 -9.26 21.25 7.77
C LEU B 230 -8.76 20.29 6.69
N ASN B 231 -9.36 19.11 6.64
CA ASN B 231 -9.17 18.17 5.50
C ASN B 231 -10.48 18.13 4.72
N THR B 232 -10.54 18.87 3.61
CA THR B 232 -11.76 18.93 2.77
C THR B 232 -11.72 18.03 1.54
N SER B 233 -10.84 17.03 1.55
CA SER B 233 -10.67 16.06 0.43
C SER B 233 -11.87 15.18 0.08
N THR B 234 -11.79 14.54 -1.07
CA THR B 234 -12.70 13.44 -1.39
C THR B 234 -12.16 12.06 -0.99
N GLU B 235 -10.84 11.90 -0.95
CA GLU B 235 -10.20 10.64 -0.52
C GLU B 235 -8.90 10.73 0.32
N ASN B 236 -8.01 11.69 0.02
CA ASN B 236 -6.71 11.68 0.69
C ASN B 236 -6.86 11.99 2.20
N HIS B 237 -6.07 11.27 3.02
CA HIS B 237 -5.95 11.47 4.46
C HIS B 237 -4.51 11.91 4.72
N PHE B 238 -4.33 12.98 5.48
CA PHE B 238 -3.09 13.74 5.51
C PHE B 238 -2.43 13.71 6.88
N GLN B 239 -1.10 13.87 6.89
CA GLN B 239 -0.33 14.09 8.12
C GLN B 239 0.29 15.44 7.88
N VAL B 240 0.21 16.31 8.88
CA VAL B 240 0.75 17.69 8.77
C VAL B 240 1.80 17.94 9.86
N SER B 241 2.72 18.84 9.58
CA SER B 241 3.78 19.15 10.53
C SER B 241 4.45 20.40 10.05
N LEU B 242 4.97 21.19 11.01
CA LEU B 242 5.70 22.42 10.72
C LEU B 242 7.15 22.25 11.14
N VAL B 243 8.07 22.31 10.17
CA VAL B 243 9.51 22.07 10.47
C VAL B 243 9.98 22.96 11.65
N ASN B 244 10.63 22.33 12.62
CA ASN B 244 11.19 23.00 13.81
C ASN B 244 10.18 23.52 14.86
N HIS B 245 8.88 23.24 14.67
CA HIS B 245 7.83 23.73 15.58
C HIS B 245 6.94 22.58 16.08
N THR B 246 6.30 22.81 17.22
CA THR B 246 5.23 21.95 17.70
C THR B 246 3.90 22.67 17.42
N MET B 247 2.81 21.93 17.56
CA MET B 247 1.47 22.51 17.42
C MET B 247 0.67 22.08 18.65
N THR B 248 -0.02 23.00 19.30
CA THR B 248 -0.83 22.61 20.46
C THR B 248 -2.30 22.56 20.08
N VAL B 249 -2.87 21.36 20.13
CA VAL B 249 -4.29 21.14 19.75
C VAL B 249 -5.20 21.79 20.80
N ILE B 250 -6.15 22.62 20.37
CA ILE B 250 -7.14 23.11 21.33
C ILE B 250 -8.59 22.69 20.98
N ALA B 251 -8.77 22.07 19.83
CA ALA B 251 -10.10 21.51 19.47
C ALA B 251 -9.94 20.44 18.41
N ALA B 252 -10.88 19.51 18.39
CA ALA B 252 -10.92 18.41 17.45
C ALA B 252 -12.31 18.43 16.80
N ASP B 253 -12.34 18.52 15.48
CA ASP B 253 -13.62 18.78 14.78
C ASP B 253 -14.23 20.01 15.44
N MET B 254 -15.50 20.02 15.85
CA MET B 254 -16.06 21.21 16.49
C MET B 254 -16.17 21.09 18.01
N VAL B 255 -15.31 20.25 18.60
CA VAL B 255 -15.26 20.05 20.06
C VAL B 255 -13.98 20.60 20.74
N PRO B 256 -14.09 21.69 21.55
CA PRO B 256 -12.91 22.16 22.34
C PRO B 256 -12.30 21.07 23.23
N VAL B 257 -10.97 20.91 23.18
CA VAL B 257 -10.30 19.89 24.01
C VAL B 257 -9.25 20.53 24.89
N ASN B 258 -8.82 19.85 25.95
CA ASN B 258 -7.64 20.34 26.71
C ASN B 258 -6.36 20.38 25.85
N ALA B 259 -5.61 21.48 25.99
CA ALA B 259 -4.34 21.71 25.29
C ALA B 259 -3.51 20.42 25.21
N MET B 260 -3.18 20.03 23.98
CA MET B 260 -2.37 18.84 23.69
C MET B 260 -1.30 19.11 22.65
N THR B 261 -0.03 19.17 23.08
CA THR B 261 1.09 19.50 22.17
C THR B 261 1.67 18.27 21.46
N VAL B 262 1.86 18.40 20.15
CA VAL B 262 2.28 17.31 19.29
C VAL B 262 3.27 17.82 18.25
N ASP B 263 4.00 16.90 17.62
CA ASP B 263 4.92 17.22 16.53
C ASP B 263 4.24 17.16 15.16
N SER B 264 3.23 16.31 15.06
CA SER B 264 2.48 16.16 13.78
C SER B 264 1.05 15.69 14.06
N LEU B 265 0.17 15.84 13.09
CA LEU B 265 -1.24 15.48 13.30
C LEU B 265 -1.70 14.75 12.08
N PHE B 266 -2.51 13.73 12.31
CA PHE B 266 -3.22 13.06 11.25
C PHE B 266 -4.62 13.71 11.10
N LEU B 267 -4.99 14.05 9.87
CA LEU B 267 -6.36 14.47 9.58
C LEU B 267 -7.04 13.51 8.59
N ALA B 268 -8.05 12.81 9.08
CA ALA B 268 -8.91 12.01 8.18
C ALA B 268 -9.71 12.91 7.25
N VAL B 269 -10.26 12.36 6.16
CA VAL B 269 -11.18 13.18 5.32
C VAL B 269 -12.30 13.77 6.20
N GLY B 270 -12.50 15.09 6.15
CA GLY B 270 -13.59 15.72 6.91
C GLY B 270 -13.22 16.12 8.33
N GLN B 271 -12.05 15.68 8.80
CA GLN B 271 -11.63 16.10 10.17
C GLN B 271 -11.07 17.52 10.22
N ARG B 272 -11.12 18.12 11.42
CA ARG B 272 -10.52 19.43 11.64
C ARG B 272 -9.72 19.44 12.91
N TYR B 273 -8.66 20.25 12.96
CA TYR B 273 -7.96 20.50 14.22
C TYR B 273 -7.69 21.99 14.31
N ASP B 274 -8.05 22.60 15.44
CA ASP B 274 -7.62 23.92 15.80
C ASP B 274 -6.36 23.84 16.63
N VAL B 275 -5.31 24.50 16.16
CA VAL B 275 -4.05 24.45 16.86
C VAL B 275 -3.56 25.84 17.25
N VAL B 276 -2.69 25.92 18.25
CA VAL B 276 -1.95 27.16 18.57
C VAL B 276 -0.46 26.93 18.27
N ILE B 277 0.11 27.81 17.45
CA ILE B 277 1.55 27.78 17.10
C ILE B 277 2.22 29.05 17.64
N ASP B 278 3.26 28.81 18.42
CA ASP B 278 4.06 29.88 18.99
C ASP B 278 5.19 30.20 18.07
N ALA B 279 5.31 31.47 17.69
CA ALA B 279 6.38 31.87 16.80
C ALA B 279 7.63 32.17 17.65
N SER B 280 8.19 31.12 18.27
CA SER B 280 9.30 31.25 19.24
C SER B 280 10.64 30.71 18.73
N ARG B 281 10.68 30.44 17.44
CA ARG B 281 11.90 30.00 16.81
C ARG B 281 12.66 31.17 16.18
N ALA B 282 13.88 30.89 15.71
CA ALA B 282 14.65 31.85 14.94
C ALA B 282 13.81 32.36 13.77
N PRO B 283 13.75 33.69 13.57
CA PRO B 283 13.04 34.29 12.44
C PRO B 283 13.53 33.80 11.05
N ASP B 284 12.67 33.03 10.39
CA ASP B 284 13.04 32.36 9.14
C ASP B 284 11.81 31.94 8.36
N ASN B 285 12.05 31.34 7.20
CA ASN B 285 10.99 30.70 6.44
C ASN B 285 11.03 29.20 6.74
N TYR B 286 9.87 28.67 7.14
CA TYR B 286 9.73 27.27 7.55
C TYR B 286 8.69 26.50 6.73
N TRP B 287 9.01 25.26 6.34
CA TRP B 287 8.05 24.42 5.58
C TRP B 287 6.91 23.91 6.48
N PHE B 288 5.70 23.92 5.92
CA PHE B 288 4.56 23.19 6.51
C PHE B 288 4.39 22.04 5.54
N ASN B 289 4.68 20.82 5.99
CA ASN B 289 4.62 19.66 5.10
C ASN B 289 3.37 18.79 5.20
N VAL B 290 2.77 18.47 4.06
CA VAL B 290 1.75 17.39 3.97
C VAL B 290 2.42 16.07 3.55
N THR B 291 2.23 15.04 4.38
CA THR B 291 2.86 13.73 4.15
C THR B 291 1.79 12.64 4.29
N PHE B 292 2.14 11.46 3.78
CA PHE B 292 1.26 10.29 3.83
C PHE B 292 1.89 9.17 4.63
N GLY B 293 1.06 8.47 5.38
CA GLY B 293 1.49 7.35 6.16
C GLY B 293 0.61 6.18 5.80
N GLY B 294 0.69 5.10 6.57
CA GLY B 294 -0.22 4.00 6.34
C GLY B 294 0.04 3.30 5.04
N GLN B 295 1.24 3.47 4.48
CA GLN B 295 1.63 2.75 3.25
C GLN B 295 0.58 2.85 2.13
N ALA B 296 0.15 4.06 1.83
CA ALA B 296 -0.90 4.34 0.81
C ALA B 296 -2.30 3.76 1.04
N ALA B 297 -2.56 3.22 2.21
CA ALA B 297 -3.86 2.66 2.49
C ALA B 297 -4.94 3.74 2.57
N CYS B 298 -4.55 4.98 2.80
CA CYS B 298 -5.56 6.06 2.93
C CYS B 298 -5.11 7.27 2.11
N GLY B 299 -4.47 6.94 0.99
CA GLY B 299 -4.20 7.93 -0.04
C GLY B 299 -2.74 8.18 -0.33
N GLY B 300 -2.52 8.84 -1.46
CA GLY B 300 -1.23 9.50 -1.74
C GLY B 300 -1.44 10.55 -2.84
N SER B 301 -0.35 11.21 -3.19
CA SER B 301 -0.37 12.25 -4.24
C SER B 301 0.81 12.06 -5.20
N LEU B 302 0.60 12.46 -6.44
CA LEU B 302 1.58 12.48 -7.48
C LEU B 302 2.49 13.70 -7.33
N ASN B 303 2.12 14.64 -6.46
CA ASN B 303 3.09 15.63 -5.96
C ASN B 303 3.81 15.01 -4.74
N PRO B 304 5.13 14.72 -4.86
CA PRO B 304 5.89 14.03 -3.83
C PRO B 304 6.01 14.79 -2.51
N HIS B 305 5.87 16.13 -2.57
CA HIS B 305 6.07 16.97 -1.38
C HIS B 305 5.20 18.21 -1.38
N PRO B 306 3.88 18.06 -1.15
CA PRO B 306 3.05 19.26 -1.03
C PRO B 306 3.35 19.99 0.29
N ALA B 307 3.36 21.32 0.23
CA ALA B 307 3.83 22.11 1.36
C ALA B 307 3.39 23.57 1.25
N ALA B 308 3.40 24.26 2.37
CA ALA B 308 3.23 25.68 2.36
C ALA B 308 4.41 26.27 3.13
N ILE B 309 4.47 27.61 3.13
CA ILE B 309 5.55 28.41 3.75
C ILE B 309 5.02 29.19 4.94
N PHE B 310 5.65 28.97 6.09
CA PHE B 310 5.42 29.79 7.26
C PHE B 310 6.59 30.78 7.39
N HIS B 311 6.28 32.06 7.17
CA HIS B 311 7.26 33.18 7.12
C HIS B 311 7.20 34.04 8.40
N TYR B 312 8.32 34.14 9.13
CA TYR B 312 8.40 35.09 10.23
C TYR B 312 8.40 36.54 9.68
N ALA B 313 7.42 37.34 10.09
CA ALA B 313 7.39 38.77 9.78
C ALA B 313 8.75 39.41 10.05
N GLY B 314 9.28 40.16 9.08
CA GLY B 314 10.58 40.82 9.20
C GLY B 314 11.79 39.98 8.79
N ALA B 315 11.54 38.76 8.31
CA ALA B 315 12.64 37.89 7.86
C ALA B 315 12.78 37.97 6.34
N PRO B 316 13.86 37.38 5.77
CA PRO B 316 14.00 37.31 4.31
C PRO B 316 12.83 36.56 3.66
N GLY B 317 12.56 36.87 2.40
CA GLY B 317 11.60 36.13 1.59
C GLY B 317 12.28 34.87 1.06
N GLY B 318 11.73 34.31 -0.02
CA GLY B 318 12.32 33.11 -0.63
C GLY B 318 11.92 31.82 0.08
N LEU B 319 12.47 30.71 -0.36
CA LEU B 319 12.01 29.40 0.14
C LEU B 319 12.73 28.93 1.40
N PRO B 320 11.99 28.21 2.29
CA PRO B 320 12.62 27.55 3.43
C PRO B 320 13.82 26.76 2.92
N THR B 321 14.84 26.63 3.74
CA THR B 321 16.02 25.88 3.35
C THR B 321 16.15 24.56 4.11
N ASP B 322 15.37 24.38 5.17
CA ASP B 322 15.41 23.16 5.96
C ASP B 322 14.28 22.23 5.55
N GLU B 323 14.61 21.11 4.90
CA GLU B 323 13.60 20.10 4.51
C GLU B 323 13.06 19.38 5.71
N GLY B 324 13.87 19.33 6.77
CA GLY B 324 13.51 18.66 8.01
C GLY B 324 13.43 17.14 7.88
N THR B 325 12.81 16.53 8.87
CA THR B 325 12.76 15.09 8.98
C THR B 325 11.32 14.57 8.87
N PRO B 326 11.16 13.36 8.32
CA PRO B 326 9.83 12.80 8.12
C PRO B 326 9.10 12.67 9.47
N PRO B 327 7.80 13.04 9.51
CA PRO B 327 7.02 12.74 10.73
C PRO B 327 6.89 11.27 10.99
N VAL B 328 6.46 10.95 12.22
CA VAL B 328 6.02 9.60 12.57
C VAL B 328 4.90 9.16 11.59
N ASP B 329 4.94 7.90 11.19
CA ASP B 329 3.92 7.28 10.36
C ASP B 329 2.69 6.98 11.24
N HIS B 330 1.60 7.73 11.01
CA HIS B 330 0.33 7.65 11.78
C HIS B 330 -0.53 6.43 11.40
N GLN B 331 -0.12 5.73 10.34
CA GLN B 331 -0.78 4.49 9.92
C GLN B 331 -2.29 4.68 9.74
N CYS B 332 -2.64 5.82 9.16
CA CYS B 332 -4.03 6.13 8.86
C CYS B 332 -4.94 6.08 10.08
N LEU B 333 -4.49 6.59 11.23
CA LEU B 333 -5.28 6.56 12.47
C LEU B 333 -5.22 7.90 13.12
N ASP B 334 -6.37 8.43 13.54
CA ASP B 334 -6.42 9.66 14.30
C ASP B 334 -6.09 9.34 15.76
N THR B 335 -5.67 10.37 16.49
CA THR B 335 -5.27 10.13 17.89
C THR B 335 -6.45 10.03 18.82
N LEU B 336 -6.36 9.11 19.75
CA LEU B 336 -7.44 9.02 20.75
C LEU B 336 -7.03 9.58 22.11
N ASP B 337 -6.01 10.44 22.08
CA ASP B 337 -5.46 11.08 23.27
C ASP B 337 -6.14 12.39 23.60
N VAL B 338 -6.92 12.93 22.66
CA VAL B 338 -7.67 14.19 22.92
C VAL B 338 -8.73 14.02 24.03
N ARG B 339 -8.90 15.06 24.85
CA ARG B 339 -9.83 14.97 25.96
C ARG B 339 -10.69 16.27 25.97
N PRO B 340 -11.99 16.17 25.64
CA PRO B 340 -12.86 17.39 25.62
C PRO B 340 -12.88 18.13 26.94
N VAL B 341 -12.96 19.46 26.87
CA VAL B 341 -13.06 20.32 28.05
C VAL B 341 -14.35 20.03 28.82
N VAL B 342 -15.48 20.09 28.14
CA VAL B 342 -16.78 19.66 28.73
C VAL B 342 -16.89 18.12 28.65
N PRO B 343 -16.84 17.42 29.82
CA PRO B 343 -16.70 15.99 29.78
C PRO B 343 -18.03 15.27 29.60
N ARG B 344 -17.94 14.03 29.16
CA ARG B 344 -19.06 13.10 29.17
C ARG B 344 -18.56 11.80 29.78
N SER B 345 -19.47 11.03 30.36
CA SER B 345 -19.07 9.78 30.95
C SER B 345 -20.12 8.72 30.62
N VAL B 346 -19.69 7.56 30.11
CA VAL B 346 -20.60 6.43 29.86
C VAL B 346 -20.04 5.10 30.38
N PRO B 347 -20.94 4.15 30.74
CA PRO B 347 -20.43 2.82 31.12
C PRO B 347 -20.05 1.99 29.90
N VAL B 348 -19.01 1.20 30.04
CA VAL B 348 -18.54 0.33 28.95
C VAL B 348 -18.54 -1.16 29.35
N ASN B 349 -18.62 -1.45 30.66
CA ASN B 349 -18.56 -2.84 31.14
C ASN B 349 -19.75 -3.69 30.70
N SER B 350 -20.89 -3.03 30.50
CA SER B 350 -22.14 -3.67 30.14
C SER B 350 -22.34 -3.95 28.64
N PHE B 351 -21.49 -3.40 27.77
CA PHE B 351 -21.70 -3.61 26.32
C PHE B 351 -21.66 -5.09 25.99
N VAL B 352 -22.68 -5.54 25.24
CA VAL B 352 -22.71 -6.86 24.61
C VAL B 352 -23.05 -6.76 23.11
N LYS B 353 -22.24 -7.43 22.29
CA LYS B 353 -22.40 -7.41 20.84
C LYS B 353 -23.59 -8.29 20.41
N ARG B 354 -24.46 -7.70 19.60
CA ARG B 354 -25.75 -8.26 19.18
C ARG B 354 -26.03 -7.74 17.78
N PRO B 355 -26.78 -8.50 16.96
CA PRO B 355 -27.06 -7.98 15.60
C PRO B 355 -27.56 -6.54 15.60
N ASP B 356 -28.37 -6.16 16.60
CA ASP B 356 -29.01 -4.84 16.56
C ASP B 356 -28.14 -3.67 17.02
N ASN B 357 -26.91 -3.98 17.42
CA ASN B 357 -25.94 -2.91 17.65
C ASN B 357 -24.65 -3.03 16.82
N THR B 358 -24.69 -3.92 15.85
CA THR B 358 -23.50 -4.25 15.06
C THR B 358 -23.70 -3.89 13.61
N LEU B 359 -22.72 -3.15 13.13
CA LEU B 359 -22.65 -2.67 11.73
C LEU B 359 -21.49 -3.25 10.87
N PRO B 360 -21.67 -4.46 10.32
CA PRO B 360 -20.59 -5.04 9.47
C PRO B 360 -20.47 -4.38 8.09
N VAL B 361 -19.29 -3.84 7.82
CA VAL B 361 -19.00 -3.25 6.49
C VAL B 361 -18.37 -4.33 5.65
N ALA B 362 -18.79 -4.49 4.38
CA ALA B 362 -18.21 -5.53 3.53
C ALA B 362 -18.10 -5.04 2.12
N LEU B 363 -16.97 -5.34 1.50
CA LEU B 363 -16.79 -5.14 0.05
C LEU B 363 -17.22 -6.38 -0.74
N ASP B 364 -18.21 -6.17 -1.63
CA ASP B 364 -18.78 -7.19 -2.48
C ASP B 364 -18.24 -7.12 -3.92
N LEU B 365 -17.58 -8.19 -4.36
CA LEU B 365 -16.94 -8.20 -5.69
C LEU B 365 -17.71 -9.05 -6.69
N THR B 366 -18.90 -9.50 -6.30
CA THR B 366 -19.65 -10.48 -7.11
C THR B 366 -20.66 -9.86 -8.10
N GLY B 367 -21.13 -8.63 -7.84
CA GLY B 367 -22.22 -8.02 -8.62
C GLY B 367 -21.70 -7.11 -9.72
N THR B 368 -22.51 -6.13 -10.10
CA THR B 368 -22.11 -5.10 -11.06
C THR B 368 -22.41 -3.78 -10.36
N PRO B 369 -21.42 -2.87 -10.32
CA PRO B 369 -20.04 -3.03 -10.79
C PRO B 369 -19.18 -3.81 -9.79
N LEU B 370 -17.87 -3.85 -10.01
CA LEU B 370 -16.99 -4.65 -9.16
C LEU B 370 -16.96 -4.20 -7.70
N PHE B 371 -16.79 -2.90 -7.47
CA PHE B 371 -16.61 -2.39 -6.12
C PHE B 371 -17.91 -1.79 -5.57
N VAL B 372 -18.60 -2.59 -4.75
CA VAL B 372 -19.86 -2.18 -4.09
C VAL B 372 -19.62 -2.42 -2.62
N TRP B 373 -19.89 -1.40 -1.81
CA TRP B 373 -19.74 -1.46 -0.36
C TRP B 373 -21.09 -1.65 0.33
N LYS B 374 -21.15 -2.57 1.27
CA LYS B 374 -22.40 -2.95 1.89
C LYS B 374 -22.27 -2.84 3.41
N VAL B 375 -23.29 -2.28 4.05
CA VAL B 375 -23.33 -2.27 5.53
C VAL B 375 -24.52 -3.09 5.98
N ASN B 376 -24.25 -4.04 6.88
CA ASN B 376 -25.31 -5.03 7.27
C ASN B 376 -26.01 -5.74 6.10
N GLY B 377 -25.23 -6.03 5.08
CA GLY B 377 -25.72 -6.74 3.90
C GLY B 377 -26.29 -5.90 2.74
N SER B 378 -26.33 -4.59 2.90
CA SER B 378 -27.02 -3.74 1.89
C SER B 378 -26.16 -2.50 1.54
N ASP B 379 -25.97 -2.23 0.23
CA ASP B 379 -25.37 -0.94 -0.23
C ASP B 379 -26.47 0.10 -0.30
N ILE B 380 -26.25 1.26 0.31
CA ILE B 380 -27.28 2.32 0.36
C ILE B 380 -27.55 2.83 -1.08
N ASN B 381 -28.80 3.18 -1.36
CA ASN B 381 -29.22 3.77 -2.63
C ASN B 381 -30.43 4.63 -2.27
N VAL B 382 -30.25 5.93 -2.20
CA VAL B 382 -31.36 6.80 -1.79
C VAL B 382 -32.17 7.19 -3.02
N ASP B 383 -33.41 7.58 -2.79
CA ASP B 383 -34.25 8.09 -3.87
C ASP B 383 -34.31 9.60 -3.71
N TRP B 384 -33.64 10.30 -4.63
CA TRP B 384 -33.60 11.78 -4.62
C TRP B 384 -35.02 12.38 -4.70
N GLY B 385 -35.93 11.65 -5.33
CA GLY B 385 -37.32 12.09 -5.50
C GLY B 385 -38.33 11.64 -4.46
N LYS B 386 -37.88 10.86 -3.51
CA LYS B 386 -38.75 10.51 -2.36
C LYS B 386 -37.87 10.31 -1.15
N PRO B 387 -37.48 11.43 -0.55
CA PRO B 387 -36.62 11.41 0.63
C PRO B 387 -37.29 10.71 1.81
N ILE B 388 -36.48 10.20 2.73
CA ILE B 388 -37.01 9.63 4.00
C ILE B 388 -37.99 10.59 4.72
N ILE B 389 -37.67 11.89 4.71
CA ILE B 389 -38.60 12.89 5.29
C ILE B 389 -40.01 12.81 4.62
N ASP B 390 -40.06 12.53 3.31
CA ASP B 390 -41.38 12.33 2.66
C ASP B 390 -42.19 11.19 3.30
N TYR B 391 -41.52 10.10 3.63
CA TYR B 391 -42.20 8.98 4.27
C TYR B 391 -42.69 9.45 5.64
N ILE B 392 -41.85 10.20 6.36
CA ILE B 392 -42.24 10.63 7.68
C ILE B 392 -43.49 11.51 7.60
N LEU B 393 -43.51 12.43 6.62
CA LEU B 393 -44.58 13.43 6.52
C LEU B 393 -45.90 12.86 6.02
N THR B 394 -45.85 11.66 5.46
CA THR B 394 -47.04 10.96 4.95
C THR B 394 -47.35 9.71 5.80
N GLY B 395 -46.63 9.55 6.89
CA GLY B 395 -46.87 8.41 7.80
C GLY B 395 -46.70 7.02 7.19
N ASN B 396 -45.74 6.93 6.28
CA ASN B 396 -45.40 5.72 5.57
C ASN B 396 -44.18 5.12 6.27
N THR B 397 -44.34 3.95 6.90
CA THR B 397 -43.21 3.27 7.52
C THR B 397 -42.57 2.19 6.65
N SER B 398 -43.01 2.10 5.39
CA SER B 398 -42.53 1.04 4.51
C SER B 398 -41.24 1.46 3.81
N TYR B 399 -40.19 1.73 4.59
CA TYR B 399 -38.90 2.19 4.01
C TYR B 399 -38.25 1.09 3.15
N PRO B 400 -37.75 1.45 1.94
CA PRO B 400 -37.05 0.46 1.14
C PRO B 400 -35.79 -0.05 1.83
N VAL B 401 -35.48 -1.31 1.57
CA VAL B 401 -34.25 -1.97 2.01
C VAL B 401 -32.97 -1.15 1.71
N SER B 402 -32.87 -0.64 0.48
CA SER B 402 -31.72 0.14 0.03
C SER B 402 -31.52 1.45 0.81
N ASP B 403 -32.54 1.93 1.51
CA ASP B 403 -32.29 3.10 2.38
C ASP B 403 -31.48 2.81 3.65
N ASN B 404 -31.19 1.54 3.93
CA ASN B 404 -30.39 1.25 5.15
C ASN B 404 -30.83 1.99 6.40
N ILE B 405 -32.12 1.97 6.64
CA ILE B 405 -32.67 2.58 7.85
C ILE B 405 -32.40 1.73 9.12
N VAL B 406 -31.76 2.35 10.12
CA VAL B 406 -31.56 1.76 11.44
C VAL B 406 -32.40 2.60 12.42
N GLN B 407 -33.57 2.06 12.78
CA GLN B 407 -34.51 2.89 13.58
C GLN B 407 -34.12 2.84 15.04
N VAL B 408 -33.99 4.01 15.67
CA VAL B 408 -33.50 4.11 17.06
C VAL B 408 -34.55 4.84 17.88
N ASP B 409 -35.27 4.08 18.69
CA ASP B 409 -36.46 4.60 19.32
C ASP B 409 -36.20 5.22 20.70
N ALA B 410 -35.09 4.82 21.34
CA ALA B 410 -34.69 5.33 22.67
C ALA B 410 -34.72 6.86 22.77
N VAL B 411 -35.25 7.36 23.89
CA VAL B 411 -35.38 8.81 24.04
C VAL B 411 -34.27 9.32 24.93
N ASP B 412 -33.39 10.14 24.36
CA ASP B 412 -32.29 10.75 25.09
C ASP B 412 -31.42 9.72 25.87
N GLN B 413 -31.18 8.57 25.25
CA GLN B 413 -30.36 7.54 25.88
C GLN B 413 -29.08 7.35 25.11
N TRP B 414 -28.05 6.87 25.81
CA TRP B 414 -26.79 6.49 25.15
C TRP B 414 -26.99 5.22 24.35
N THR B 415 -26.62 5.27 23.07
CA THR B 415 -26.70 4.08 22.22
C THR B 415 -25.30 3.70 21.71
N TYR B 416 -25.05 2.38 21.64
CA TYR B 416 -23.72 1.78 21.39
C TYR B 416 -23.69 1.04 20.05
N TRP B 417 -22.64 1.29 19.25
CA TRP B 417 -22.54 0.82 17.88
C TRP B 417 -21.17 0.24 17.62
N LEU B 418 -21.16 -1.03 17.26
CA LEU B 418 -19.91 -1.69 16.86
C LEU B 418 -19.85 -1.86 15.35
N ILE B 419 -18.89 -1.18 14.74
CA ILE B 419 -18.69 -1.20 13.31
C ILE B 419 -17.52 -2.19 13.06
N GLU B 420 -17.75 -3.14 12.15
CA GLU B 420 -16.79 -4.20 11.86
C GLU B 420 -16.26 -4.00 10.47
N ASN B 421 -14.94 -3.90 10.33
CA ASN B 421 -14.31 -3.69 9.00
C ASN B 421 -13.99 -4.90 8.14
N ASP B 422 -15.04 -5.59 7.63
CA ASP B 422 -14.84 -6.71 6.70
C ASP B 422 -13.78 -7.73 7.22
N PRO B 423 -13.87 -8.10 8.52
CA PRO B 423 -12.75 -8.89 9.08
C PRO B 423 -12.49 -10.17 8.32
N GLU B 424 -13.50 -10.66 7.61
CA GLU B 424 -13.36 -11.93 6.88
C GLU B 424 -13.17 -11.81 5.36
N GLY B 425 -13.21 -10.59 4.82
CA GLY B 425 -12.97 -10.36 3.40
C GLY B 425 -11.51 -10.58 3.00
N PRO B 426 -11.21 -10.58 1.69
CA PRO B 426 -9.84 -10.78 1.21
C PRO B 426 -8.94 -9.58 1.45
N PHE B 427 -9.55 -8.43 1.67
CA PHE B 427 -8.76 -7.21 1.71
C PHE B 427 -9.57 -6.18 2.51
N SER B 428 -8.93 -5.32 3.30
CA SER B 428 -9.67 -4.33 4.08
C SER B 428 -8.91 -3.03 4.18
N LEU B 429 -9.64 -1.92 4.09
CA LEU B 429 -9.08 -0.58 4.07
C LEU B 429 -9.54 0.26 5.24
N PRO B 430 -8.72 1.26 5.63
CA PRO B 430 -9.25 2.16 6.66
C PRO B 430 -10.40 2.98 6.09
N HIS B 431 -11.36 3.35 6.94
CA HIS B 431 -12.46 4.21 6.50
C HIS B 431 -12.73 5.37 7.49
N PRO B 432 -12.79 6.63 7.01
CA PRO B 432 -13.11 7.77 7.88
C PRO B 432 -14.62 7.88 8.09
N MET B 433 -15.10 7.43 9.25
CA MET B 433 -16.53 7.33 9.51
C MET B 433 -17.06 8.61 10.11
N HIS B 434 -18.16 9.09 9.52
CA HIS B 434 -18.73 10.39 9.85
C HIS B 434 -20.23 10.28 10.21
N LEU B 435 -20.63 10.88 11.33
CA LEU B 435 -22.04 10.87 11.81
C LEU B 435 -22.71 12.26 11.72
N HIS B 436 -23.88 12.31 11.06
CA HIS B 436 -24.68 13.54 10.95
C HIS B 436 -25.45 13.70 12.24
N GLY B 437 -25.83 14.96 12.57
CA GLY B 437 -26.71 15.27 13.70
C GLY B 437 -26.17 15.19 15.14
N HIS B 438 -24.96 14.64 15.32
CA HIS B 438 -24.40 14.36 16.64
C HIS B 438 -22.87 14.34 16.60
N ASP B 439 -22.22 14.72 17.70
CA ASP B 439 -20.87 14.19 17.97
C ASP B 439 -20.99 12.82 18.62
N PHE B 440 -20.14 11.86 18.25
CA PHE B 440 -20.11 10.58 18.96
C PHE B 440 -18.93 10.51 19.93
N LEU B 441 -19.02 9.57 20.86
CA LEU B 441 -17.87 9.24 21.71
C LEU B 441 -17.11 8.08 21.09
N VAL B 442 -15.79 8.18 21.01
CA VAL B 442 -14.97 7.06 20.51
C VAL B 442 -14.52 6.19 21.71
N LEU B 443 -15.21 5.08 21.93
CA LEU B 443 -15.01 4.30 23.17
C LEU B 443 -13.82 3.37 23.01
N GLY B 444 -13.53 2.96 21.78
CA GLY B 444 -12.39 2.04 21.56
C GLY B 444 -12.29 1.60 20.12
N ARG B 445 -11.16 1.02 19.75
CA ARG B 445 -11.04 0.37 18.46
C ARG B 445 -10.06 -0.80 18.62
N SER B 446 -9.96 -1.63 17.58
CA SER B 446 -9.02 -2.76 17.51
C SER B 446 -7.57 -2.26 17.68
N PRO B 447 -6.64 -3.12 18.17
CA PRO B 447 -5.31 -2.59 18.51
C PRO B 447 -4.64 -1.88 17.30
N ASP B 448 -3.91 -0.82 17.56
CA ASP B 448 -3.26 -0.04 16.48
C ASP B 448 -2.13 -0.90 15.81
N VAL B 449 -2.21 -1.13 14.50
CA VAL B 449 -1.21 -1.92 13.80
C VAL B 449 -0.96 -1.20 12.46
N PRO B 450 0.06 -1.62 11.69
CA PRO B 450 0.34 -0.96 10.39
C PRO B 450 -0.82 -1.14 9.44
N ALA B 451 -1.21 -0.05 8.77
CA ALA B 451 -2.46 -0.03 7.97
C ALA B 451 -2.54 -1.07 6.84
N ALA B 452 -1.39 -1.36 6.20
CA ALA B 452 -1.30 -2.31 5.08
C ALA B 452 -0.92 -3.74 5.50
N SER B 453 -0.80 -3.96 6.81
N SER B 453 -0.82 -3.96 6.81
CA SER B 453 -0.41 -5.27 7.35
CA SER B 453 -0.38 -5.26 7.32
C SER B 453 -1.39 -6.40 7.03
C SER B 453 -1.40 -6.40 7.11
N GLN B 454 -2.64 -6.03 6.73
CA GLN B 454 -3.80 -6.99 6.59
C GLN B 454 -4.04 -7.84 7.89
N GLN B 455 -3.67 -7.29 9.04
CA GLN B 455 -4.00 -7.91 10.34
C GLN B 455 -5.49 -7.71 10.64
N ARG B 456 -6.11 -8.76 11.18
CA ARG B 456 -7.56 -8.81 11.34
C ARG B 456 -7.88 -8.98 12.82
N PHE B 457 -8.91 -8.28 13.31
CA PHE B 457 -9.39 -8.43 14.70
C PHE B 457 -10.92 -8.53 14.70
N VAL B 458 -11.46 -9.45 15.48
CA VAL B 458 -12.89 -9.47 15.73
C VAL B 458 -13.06 -9.16 17.21
N PHE B 459 -14.03 -8.33 17.55
CA PHE B 459 -14.24 -7.88 18.93
C PHE B 459 -14.34 -9.09 19.86
N ASP B 460 -13.40 -9.20 20.79
CA ASP B 460 -13.44 -10.24 21.81
C ASP B 460 -13.66 -9.63 23.21
N PRO B 461 -14.81 -9.90 23.82
CA PRO B 461 -15.09 -9.35 25.16
C PRO B 461 -14.01 -9.64 26.22
N ALA B 462 -13.37 -10.82 26.11
CA ALA B 462 -12.39 -11.30 27.09
C ALA B 462 -11.04 -10.57 27.05
N VAL B 463 -10.82 -9.78 26.00
CA VAL B 463 -9.61 -8.96 25.86
C VAL B 463 -9.96 -7.50 25.63
N ASP B 464 -11.07 -7.26 24.91
CA ASP B 464 -11.41 -5.90 24.45
C ASP B 464 -12.23 -5.02 25.39
N LEU B 465 -13.13 -5.62 26.17
CA LEU B 465 -13.86 -4.80 27.15
C LEU B 465 -12.95 -3.90 27.98
N ALA B 466 -11.80 -4.43 28.39
CA ALA B 466 -10.83 -3.70 29.19
C ALA B 466 -10.05 -2.67 28.38
N ARG B 467 -10.19 -2.73 27.07
CA ARG B 467 -9.53 -1.79 26.20
C ARG B 467 -10.39 -0.55 25.86
N LEU B 468 -11.68 -0.61 26.22
CA LEU B 468 -12.63 0.52 26.07
C LEU B 468 -12.48 1.60 27.16
N ASN B 469 -12.72 2.86 26.77
CA ASN B 469 -12.69 4.01 27.69
C ASN B 469 -14.01 4.78 27.66
N GLY B 470 -14.76 4.70 28.76
CA GLY B 470 -15.98 5.49 28.91
C GLY B 470 -15.85 6.78 29.71
N ASP B 471 -14.64 7.08 30.22
CA ASP B 471 -14.39 8.27 31.04
C ASP B 471 -13.80 9.42 30.19
N ASN B 472 -14.69 10.33 29.80
CA ASN B 472 -14.37 11.47 28.91
C ASN B 472 -13.55 11.12 27.63
N PRO B 473 -14.05 10.16 26.83
CA PRO B 473 -13.34 9.75 25.62
C PRO B 473 -13.38 10.85 24.57
N PRO B 474 -12.51 10.76 23.55
CA PRO B 474 -12.55 11.66 22.40
C PRO B 474 -13.99 11.79 21.92
N ARG B 475 -14.43 13.01 21.66
CA ARG B 475 -15.83 13.27 21.26
C ARG B 475 -15.75 14.17 20.01
N ARG B 476 -16.31 13.68 18.90
CA ARG B 476 -16.20 14.39 17.63
C ARG B 476 -17.13 13.81 16.57
N ASP B 477 -17.03 14.31 15.32
CA ASP B 477 -17.98 13.93 14.28
C ASP B 477 -17.39 13.01 13.21
N THR B 478 -16.07 12.92 13.15
CA THR B 478 -15.41 11.99 12.24
C THR B 478 -14.23 11.28 12.97
N THR B 479 -14.16 9.94 12.80
CA THR B 479 -13.03 9.10 13.33
C THR B 479 -12.73 7.88 12.43
N MET B 480 -11.52 7.30 12.58
CA MET B 480 -11.06 6.16 11.73
C MET B 480 -11.55 4.77 12.18
N LEU B 481 -12.20 4.05 11.25
CA LEU B 481 -12.37 2.61 11.35
C LEU B 481 -11.09 1.91 10.86
N PRO B 482 -10.37 1.22 11.76
CA PRO B 482 -9.11 0.56 11.37
C PRO B 482 -9.29 -0.57 10.34
N ALA B 483 -8.39 -0.58 9.35
CA ALA B 483 -8.31 -1.64 8.38
C ALA B 483 -8.34 -2.97 9.12
N GLY B 484 -9.29 -3.83 8.72
CA GLY B 484 -9.40 -5.22 9.14
C GLY B 484 -9.93 -5.40 10.54
N GLY B 485 -10.26 -4.29 11.21
CA GLY B 485 -10.59 -4.34 12.63
C GLY B 485 -12.00 -3.88 12.96
N TRP B 486 -12.10 -3.13 14.03
CA TRP B 486 -13.44 -2.73 14.54
C TRP B 486 -13.37 -1.42 15.29
N LEU B 487 -14.52 -0.79 15.48
CA LEU B 487 -14.64 0.50 16.10
C LEU B 487 -15.89 0.45 16.97
N LEU B 488 -15.80 0.96 18.19
CA LEU B 488 -17.03 1.04 19.02
C LEU B 488 -17.37 2.47 19.32
N LEU B 489 -18.56 2.90 18.93
CA LEU B 489 -18.98 4.31 19.12
C LEU B 489 -20.21 4.37 19.96
N ALA B 490 -20.43 5.52 20.59
CA ALA B 490 -21.68 5.85 21.31
C ALA B 490 -22.18 7.27 21.03
N PHE B 491 -23.51 7.40 20.90
CA PHE B 491 -24.11 8.75 20.85
C PHE B 491 -25.42 8.78 21.58
N ARG B 492 -25.80 9.97 22.05
CA ARG B 492 -27.04 10.13 22.77
C ARG B 492 -28.18 10.57 21.87
N THR B 493 -29.34 9.93 22.01
CA THR B 493 -30.47 10.18 21.09
C THR B 493 -31.28 11.43 21.51
N ASP B 494 -30.60 12.58 21.44
CA ASP B 494 -31.16 13.89 21.83
C ASP B 494 -31.67 14.71 20.65
N ASN B 495 -31.76 14.09 19.47
CA ASN B 495 -32.00 14.91 18.27
C ASN B 495 -32.79 14.16 17.20
N PRO B 496 -34.16 14.16 17.29
CA PRO B 496 -34.96 13.34 16.37
C PRO B 496 -34.76 13.78 14.92
N GLY B 497 -34.61 12.81 14.04
CA GLY B 497 -34.13 13.15 12.70
C GLY B 497 -33.69 11.90 11.97
N ALA B 498 -33.59 12.01 10.65
CA ALA B 498 -32.92 10.98 9.83
C ALA B 498 -31.51 11.45 9.59
N TRP B 499 -30.55 10.71 10.12
CA TRP B 499 -29.13 11.13 10.13
C TRP B 499 -28.20 10.11 9.46
N LEU B 500 -27.52 10.50 8.37
CA LEU B 500 -26.59 9.54 7.74
C LEU B 500 -25.39 9.22 8.64
N PHE B 501 -24.85 8.01 8.46
CA PHE B 501 -23.60 7.61 9.09
C PHE B 501 -22.81 6.85 8.05
N HIS B 502 -21.68 7.41 7.63
CA HIS B 502 -21.13 6.98 6.36
C HIS B 502 -19.61 7.24 6.27
N CYS B 503 -18.93 6.44 5.44
CA CYS B 503 -17.53 6.65 5.14
C CYS B 503 -17.43 7.95 4.29
N HIS B 504 -16.55 8.86 4.68
CA HIS B 504 -16.47 10.14 3.95
C HIS B 504 -15.56 10.09 2.70
N ILE B 505 -15.00 8.92 2.38
CA ILE B 505 -14.28 8.80 1.10
C ILE B 505 -15.34 8.81 0.02
N ALA B 506 -15.35 9.85 -0.82
CA ALA B 506 -16.44 10.00 -1.82
C ALA B 506 -16.69 8.75 -2.62
N TRP B 507 -15.63 8.10 -3.08
CA TRP B 507 -15.84 6.89 -3.86
C TRP B 507 -16.54 5.78 -3.10
N HIS B 508 -16.38 5.73 -1.77
CA HIS B 508 -16.94 4.67 -0.95
C HIS B 508 -18.44 4.82 -0.67
N VAL B 509 -18.82 6.01 -0.19
CA VAL B 509 -20.24 6.35 0.02
C VAL B 509 -21.01 6.37 -1.29
N SER B 510 -20.37 6.85 -2.36
CA SER B 510 -20.93 6.65 -3.71
C SER B 510 -21.21 5.18 -3.98
N GLY B 511 -20.33 4.32 -3.46
CA GLY B 511 -20.43 2.88 -3.67
C GLY B 511 -21.32 2.13 -2.69
N GLY B 512 -21.92 2.82 -1.72
CA GLY B 512 -22.97 2.20 -0.88
C GLY B 512 -22.68 2.24 0.62
N LEU B 513 -21.51 2.78 0.98
CA LEU B 513 -21.02 2.65 2.36
C LEU B 513 -21.68 3.70 3.29
N SER B 514 -22.94 3.44 3.64
CA SER B 514 -23.70 4.27 4.56
C SER B 514 -24.86 3.51 5.21
N VAL B 515 -25.32 4.02 6.37
CA VAL B 515 -26.66 3.67 6.85
C VAL B 515 -27.33 5.00 7.19
N ASP B 516 -28.56 4.92 7.69
CA ASP B 516 -29.36 6.10 8.01
C ASP B 516 -29.99 5.79 9.33
N PHE B 517 -29.48 6.41 10.41
CA PHE B 517 -30.15 6.34 11.72
C PHE B 517 -31.42 7.15 11.72
N LEU B 518 -32.53 6.44 11.80
CA LEU B 518 -33.84 7.03 12.00
C LEU B 518 -34.17 7.15 13.45
N GLU B 519 -33.76 8.31 13.98
CA GLU B 519 -33.86 8.66 15.37
C GLU B 519 -35.23 9.23 15.76
N ARG B 520 -35.91 8.49 16.63
CA ARG B 520 -37.14 8.99 17.26
C ARG B 520 -38.12 9.57 16.24
N PRO B 521 -38.56 8.75 15.26
CA PRO B 521 -39.33 9.25 14.10
C PRO B 521 -40.70 9.87 14.48
N ALA B 522 -41.33 9.28 15.48
CA ALA B 522 -42.58 9.81 16.08
C ALA B 522 -42.37 11.23 16.56
N ASP B 523 -41.30 11.44 17.33
CA ASP B 523 -40.96 12.80 17.79
C ASP B 523 -40.59 13.71 16.63
N LEU B 524 -39.85 13.18 15.67
CA LEU B 524 -39.53 13.93 14.45
C LEU B 524 -40.75 14.55 13.73
N ARG B 525 -41.78 13.76 13.40
CA ARG B 525 -42.94 14.34 12.72
C ARG B 525 -43.61 15.54 13.44
N GLN B 526 -43.75 15.46 14.77
CA GLN B 526 -44.30 16.56 15.60
C GLN B 526 -43.49 17.83 15.53
N ARG B 527 -42.20 17.71 15.29
CA ARG B 527 -41.32 18.87 15.36
C ARG B 527 -41.08 19.59 14.05
N ILE B 528 -41.61 19.08 12.94
CA ILE B 528 -41.42 19.74 11.64
C ILE B 528 -42.39 20.93 11.52
N SER B 529 -41.85 22.16 11.43
CA SER B 529 -42.63 23.41 11.22
C SER B 529 -43.40 23.44 9.90
N GLN B 530 -44.50 24.19 9.83
CA GLN B 530 -45.28 24.24 8.60
C GLN B 530 -44.40 24.85 7.51
N GLU B 531 -43.56 25.78 7.92
CA GLU B 531 -42.60 26.42 7.03
C GLU B 531 -41.66 25.40 6.39
N ASP B 532 -41.10 24.50 7.22
CA ASP B 532 -40.11 23.49 6.77
C ASP B 532 -40.81 22.45 5.90
N GLU B 533 -42.03 22.05 6.28
CA GLU B 533 -42.78 21.09 5.52
C GLU B 533 -43.15 21.64 4.13
N ASP B 534 -43.70 22.87 4.10
CA ASP B 534 -44.16 23.44 2.83
C ASP B 534 -43.00 23.58 1.86
N ASP B 535 -41.86 24.06 2.35
CA ASP B 535 -40.75 24.31 1.48
C ASP B 535 -40.06 22.99 1.02
N PHE B 536 -40.13 21.95 1.85
CA PHE B 536 -39.61 20.60 1.49
C PHE B 536 -40.47 20.06 0.34
N ASN B 537 -41.79 20.25 0.47
CA ASN B 537 -42.69 19.87 -0.60
C ASN B 537 -42.50 20.68 -1.86
N ARG B 538 -42.21 21.97 -1.75
CA ARG B 538 -42.00 22.84 -2.94
C ARG B 538 -40.80 22.36 -3.76
N VAL B 539 -39.70 22.07 -3.07
CA VAL B 539 -38.47 21.64 -3.75
C VAL B 539 -38.65 20.27 -4.37
N CYS B 540 -39.30 19.38 -3.64
CA CYS B 540 -39.57 18.07 -4.15
C CYS B 540 -40.46 18.13 -5.40
N ASP B 541 -41.47 18.98 -5.39
CA ASP B 541 -42.33 19.13 -6.58
C ASP B 541 -41.49 19.59 -7.81
N GLU B 542 -40.56 20.53 -7.59
CA GLU B 542 -39.76 21.07 -8.66
C GLU B 542 -38.74 20.05 -9.15
N TRP B 543 -38.15 19.30 -8.21
CA TRP B 543 -37.18 18.24 -8.55
C TRP B 543 -37.91 17.17 -9.35
N ARG B 544 -39.09 16.78 -8.89
CA ARG B 544 -39.82 15.67 -9.53
C ARG B 544 -40.27 16.01 -10.94
N ALA B 545 -40.57 17.28 -11.19
CA ALA B 545 -40.86 17.81 -12.52
C ALA B 545 -39.62 17.88 -13.42
N TYR B 546 -38.47 18.22 -12.82
CA TYR B 546 -37.23 18.35 -13.54
C TYR B 546 -36.68 16.99 -14.00
N TRP B 547 -36.69 16.00 -13.12
CA TRP B 547 -35.84 14.81 -13.31
C TRP B 547 -36.07 14.07 -14.66
N PRO B 548 -37.34 13.89 -15.06
CA PRO B 548 -37.57 13.21 -16.35
C PRO B 548 -36.94 13.87 -17.55
N THR B 549 -36.53 15.12 -17.39
CA THR B 549 -35.92 15.87 -18.47
C THR B 549 -34.40 15.78 -18.40
N ASN B 550 -33.86 15.29 -17.28
CA ASN B 550 -32.40 15.21 -17.17
C ASN B 550 -31.84 14.20 -18.20
N PRO B 551 -30.77 14.57 -18.91
CA PRO B 551 -30.22 13.65 -19.92
C PRO B 551 -29.23 12.57 -19.41
N TYR B 552 -28.89 12.60 -18.11
CA TYR B 552 -27.93 11.64 -17.59
C TYR B 552 -28.59 10.77 -16.50
N PRO B 553 -28.18 9.49 -16.41
CA PRO B 553 -28.77 8.74 -15.34
C PRO B 553 -28.06 9.00 -14.02
N LYS B 554 -28.62 8.46 -12.95
CA LYS B 554 -27.94 8.38 -11.66
C LYS B 554 -27.15 7.07 -11.66
N ILE B 555 -25.86 7.12 -11.42
CA ILE B 555 -25.14 5.84 -11.49
C ILE B 555 -24.48 5.37 -10.18
N ASP B 556 -24.78 6.04 -9.07
CA ASP B 556 -24.26 5.61 -7.78
C ASP B 556 -25.34 5.72 -6.70
N SER B 557 -24.92 5.76 -5.45
CA SER B 557 -25.87 5.75 -4.34
C SER B 557 -26.67 7.05 -4.23
N GLY B 558 -26.15 8.12 -4.82
CA GLY B 558 -26.80 9.42 -4.74
C GLY B 558 -26.17 10.33 -3.72
N LEU B 559 -25.24 9.78 -2.92
CA LEU B 559 -24.70 10.47 -1.74
C LEU B 559 -23.19 10.71 -1.80
C1 NAG C . 3.46 -31.32 2.00
C2 NAG C . 2.01 -31.63 1.60
C3 NAG C . 1.04 -30.67 2.31
C4 NAG C . 1.25 -30.61 3.84
C5 NAG C . 2.74 -30.52 4.20
C6 NAG C . 3.02 -30.75 5.68
C7 NAG C . 1.68 -32.55 -0.65
C8 NAG C . 1.41 -32.27 -2.10
N2 NAG C . 1.82 -31.50 0.16
O3 NAG C . -0.30 -31.05 1.92
O4 NAG C . 0.57 -29.49 4.44
O5 NAG C . 3.50 -31.47 3.42
O6 NAG C . 2.45 -31.98 6.09
O7 NAG C . 1.83 -33.72 -0.28
C1 NAG C . -0.57 -29.90 5.18
C2 NAG C . -0.90 -28.78 6.16
C3 NAG C . -2.17 -29.14 6.92
C4 NAG C . -3.31 -29.37 5.91
C5 NAG C . -2.83 -30.51 4.99
C6 NAG C . -3.81 -30.95 3.92
C7 NAG C . 1.09 -27.65 7.15
C8 NAG C . 1.96 -27.62 8.39
N2 NAG C . 0.16 -28.59 7.14
O3 NAG C . -2.45 -28.18 7.95
O4 NAG C . -4.44 -29.79 6.65
O5 NAG C . -1.63 -30.21 4.31
O6 NAG C . -4.30 -29.79 3.30
O7 NAG C . 1.30 -26.84 6.25
C1 MAN C . -5.53 -28.85 6.72
C2 MAN C . -6.80 -29.57 7.20
C3 MAN C . -7.94 -28.64 7.67
C4 MAN C . -7.47 -27.31 8.27
C5 MAN C . -6.13 -26.84 7.69
C6 MAN C . -5.57 -25.67 8.49
O2 MAN C . -6.45 -30.34 8.34
O3 MAN C . -8.72 -29.30 8.66
O4 MAN C . -8.45 -26.31 8.04
O5 MAN C . -5.23 -27.93 7.73
O6 MAN C . -5.06 -26.15 9.73
C1 MAN C . -4.09 -25.22 10.26
C2 MAN C . -3.51 -25.88 11.50
C3 MAN C . -4.57 -25.89 12.64
C4 MAN C . -5.22 -24.52 12.83
C5 MAN C . -5.66 -23.89 11.48
C6 MAN C . -6.25 -22.49 11.65
O2 MAN C . -2.30 -25.21 11.81
O3 MAN C . -4.09 -26.34 13.89
O4 MAN C . -6.34 -24.73 13.66
O5 MAN C . -4.59 -23.90 10.54
O6 MAN C . -5.31 -21.48 11.41
C1 NAG D . 30.11 -8.67 17.57
C2 NAG D . 29.77 -8.38 19.04
C3 NAG D . 30.94 -7.69 19.74
C4 NAG D . 32.28 -8.40 19.48
C5 NAG D . 32.42 -8.94 18.04
C6 NAG D . 33.49 -10.01 17.91
C7 NAG D . 27.48 -7.98 19.75
C8 NAG D . 26.26 -7.12 19.67
N2 NAG D . 28.60 -7.54 19.17
O3 NAG D . 30.63 -7.62 21.14
O4 NAG D . 33.34 -7.48 19.70
O5 NAG D . 31.22 -9.53 17.53
O6 NAG D . 34.18 -9.74 16.72
O7 NAG D . 27.42 -9.03 20.37
C1 NAG D . 33.99 -7.78 20.95
C2 NAG D . 35.49 -7.43 20.98
C3 NAG D . 36.01 -7.85 22.35
C4 NAG D . 35.25 -7.14 23.45
C5 NAG D . 33.77 -7.51 23.30
C6 NAG D . 32.95 -6.75 24.34
C7 NAG D . 36.72 -7.52 18.82
C8 NAG D . 37.53 -8.41 17.91
N2 NAG D . 36.28 -8.08 19.94
O3 NAG D . 37.34 -7.48 22.53
O4 NAG D . 35.78 -7.51 24.70
O5 NAG D . 33.32 -7.12 22.02
O6 NAG D . 31.63 -7.22 24.27
O7 NAG D . 36.52 -6.33 18.49
C1 NAG E . 18.09 0.66 11.81
C2 NAG E . 17.04 1.79 11.88
C3 NAG E . 16.86 2.30 13.30
C4 NAG E . 16.70 1.15 14.32
C5 NAG E . 17.80 0.13 14.11
C6 NAG E . 17.60 -1.05 15.07
C7 NAG E . 16.88 3.09 9.80
C8 NAG E . 17.43 4.25 9.02
N2 NAG E . 17.39 2.91 11.02
O3 NAG E . 15.71 3.12 13.35
O4 NAG E . 16.86 1.58 15.66
O5 NAG E . 17.75 -0.32 12.76
O6 NAG E . 16.34 -1.65 14.85
O7 NAG E . 16.01 2.36 9.31
C1 NAG E . 15.60 1.69 16.35
C2 NAG E . 15.80 1.64 17.85
C3 NAG E . 14.46 1.85 18.58
C4 NAG E . 13.62 2.99 18.00
C5 NAG E . 13.62 2.92 16.46
C6 NAG E . 12.93 4.09 15.78
C7 NAG E . 17.55 0.21 18.90
C8 NAG E . 17.87 -1.15 19.44
N2 NAG E . 16.38 0.35 18.25
O3 NAG E . 14.72 2.10 19.94
O4 NAG E . 12.30 2.81 18.47
O5 NAG E . 14.96 2.87 15.95
O6 NAG E . 13.54 5.25 16.26
O7 NAG E . 18.36 1.12 19.05
C1 MAN E . 11.84 3.90 19.31
C2 MAN E . 10.31 3.95 19.22
C3 MAN E . 9.71 5.02 20.13
C4 MAN E . 10.40 5.16 21.50
C5 MAN E . 11.89 4.81 21.51
C6 MAN E . 12.37 4.47 22.91
O2 MAN E . 9.74 2.69 19.54
O3 MAN E . 8.32 4.75 20.27
O4 MAN E . 10.30 6.51 21.85
O5 MAN E . 12.19 3.71 20.66
O6 MAN E . 13.78 4.60 23.02
C1 NAG F . -0.64 -15.65 -26.68
C2 NAG F . 0.52 -16.03 -27.61
C3 NAG F . 0.22 -15.64 -29.05
C4 NAG F . -1.12 -16.17 -29.51
C5 NAG F . -2.24 -15.91 -28.50
C6 NAG F . -3.43 -16.83 -28.85
C7 NAG F . 2.74 -16.02 -26.51
C8 NAG F . 4.04 -15.30 -26.32
N2 NAG F . 1.80 -15.40 -27.24
O3 NAG F . 1.19 -16.24 -29.86
O4 NAG F . -1.45 -15.51 -30.72
O5 NAG F . -1.83 -16.25 -27.17
O6 NAG F . -4.58 -16.12 -28.51
O7 NAG F . 2.55 -17.12 -25.99
C1 NAG F . -1.42 -16.40 -31.85
C2 NAG F . -2.26 -15.71 -32.91
C3 NAG F . -2.16 -16.32 -34.30
C4 NAG F . -0.72 -16.52 -34.69
C5 NAG F . 0.06 -17.24 -33.59
C6 NAG F . 1.54 -17.18 -33.92
C7 NAG F . -4.16 -14.48 -32.27
C8 NAG F . -5.55 -14.48 -31.67
N2 NAG F . -3.66 -15.66 -32.59
O3 NAG F . -2.72 -15.38 -35.20
O4 NAG F . -0.75 -17.22 -35.92
O5 NAG F . -0.09 -16.63 -32.30
O6 NAG F . 2.20 -18.12 -33.12
O7 NAG F . -3.52 -13.45 -32.43
C1 NAG G . 26.91 -15.70 8.65
C2 NAG G . 28.24 -14.99 8.90
C3 NAG G . 29.38 -16.00 9.13
C4 NAG G . 29.00 -17.11 10.12
C5 NAG G . 27.53 -17.51 10.01
C6 NAG G . 27.08 -18.21 11.29
C7 NAG G . 28.81 -12.73 8.20
C8 NAG G . 29.15 -11.82 7.06
N2 NAG G . 28.57 -14.01 7.89
O3 NAG G . 30.54 -15.35 9.57
O4 NAG G . 29.83 -18.24 9.94
O5 NAG G . 26.69 -16.39 9.84
O6 NAG G . 27.61 -19.52 11.28
O7 NAG G . 28.77 -12.31 9.37
C1 NAG G . 30.68 -18.50 11.09
C2 NAG G . 31.47 -19.79 10.79
C3 NAG G . 32.70 -19.87 11.70
C4 NAG G . 33.49 -18.58 11.49
C5 NAG G . 32.63 -17.53 12.19
C6 NAG G . 33.34 -16.19 12.41
C7 NAG G . 30.05 -21.62 9.87
C8 NAG G . 29.34 -22.92 10.15
N2 NAG G . 30.62 -20.97 10.91
O3 NAG G . 33.51 -21.00 11.46
O4 NAG G . 34.80 -18.66 12.01
O5 NAG G . 31.46 -17.35 11.42
O6 NAG G . 33.57 -15.54 11.17
O7 NAG G . 30.06 -21.21 8.70
C1 NAG H . -23.86 16.06 -13.33
C2 NAG H . -24.38 14.78 -13.97
C3 NAG H . -23.25 13.92 -14.55
C4 NAG H . -22.34 14.77 -15.48
C5 NAG H . -21.99 16.12 -14.82
C6 NAG H . -21.29 17.10 -15.75
C7 NAG H . -26.50 13.91 -13.10
C8 NAG H . -27.15 12.89 -12.20
N2 NAG H . -25.16 13.96 -13.03
O3 NAG H . -23.90 12.81 -15.23
O4 NAG H . -21.16 14.06 -15.75
O5 NAG H . -23.13 16.75 -14.34
O6 NAG H . -21.91 17.08 -17.02
O7 NAG H . -27.18 14.69 -13.79
C1 NAG H . -21.10 13.56 -17.10
C2 NAG H . -19.62 13.36 -17.45
C3 NAG H . -19.51 12.68 -18.81
C4 NAG H . -20.37 11.41 -18.87
C5 NAG H . -21.80 11.67 -18.38
C6 NAG H . -22.62 10.38 -18.30
C7 NAG H . -17.99 14.88 -16.44
C8 NAG H . -17.10 16.06 -16.62
N2 NAG H . -18.84 14.57 -17.45
O3 NAG H . -18.12 12.42 -19.05
O4 NAG H . -20.51 11.10 -20.24
O5 NAG H . -21.79 12.34 -17.15
O6 NAG H . -22.24 9.65 -17.16
O7 NAG H . -17.90 14.23 -15.38
C1 MAN H . -19.72 9.95 -20.55
C2 MAN H . -20.29 9.26 -21.78
C3 MAN H . -19.46 8.02 -22.07
C4 MAN H . -17.97 8.40 -22.16
C5 MAN H . -17.66 9.04 -20.80
C6 MAN H . -16.17 9.12 -20.44
O2 MAN H . -20.25 10.17 -22.85
O3 MAN H . -19.90 7.28 -23.20
O4 MAN H . -17.17 7.27 -22.34
O5 MAN H . -18.36 10.27 -20.74
O6 MAN H . -15.55 10.24 -21.00
C1 MAN H . -14.20 10.19 -20.50
C2 MAN H . -13.82 11.55 -19.95
C3 MAN H . -13.64 12.57 -21.09
C4 MAN H . -13.04 12.02 -22.41
C5 MAN H . -13.33 10.54 -22.66
C6 MAN H . -12.36 9.93 -23.67
O2 MAN H . -12.66 11.41 -19.14
O3 MAN H . -12.82 13.62 -20.61
O4 MAN H . -13.56 12.76 -23.51
O5 MAN H . -13.23 9.81 -21.45
O6 MAN H . -12.87 8.68 -24.12
C1 NAG I . 5.48 35.50 2.17
C2 NAG I . 6.48 35.82 1.05
C3 NAG I . 7.46 36.92 1.47
C4 NAG I . 6.75 38.14 2.09
C5 NAG I . 5.63 37.71 3.02
C6 NAG I . 4.72 38.87 3.43
C7 NAG I . 7.16 34.14 -0.57
C8 NAG I . 7.82 32.81 -0.81
N2 NAG I . 7.22 34.62 0.66
O3 NAG I . 8.24 37.24 0.35
O4 NAG I . 7.63 38.84 2.95
O5 NAG I . 4.80 36.70 2.44
O6 NAG I . 4.19 39.44 2.23
O7 NAG I . 6.60 34.75 -1.48
C1 NAG I . 8.25 40.01 2.41
C2 NAG I . 8.70 40.91 3.57
C3 NAG I . 9.42 42.15 3.00
C4 NAG I . 10.49 41.73 1.97
C5 NAG I . 9.94 40.74 0.95
C6 NAG I . 11.04 40.24 0.01
C7 NAG I . 7.47 40.88 5.77
C8 NAG I . 6.29 41.45 6.50
N2 NAG I . 7.59 41.26 4.47
O3 NAG I . 9.98 42.86 4.09
O4 NAG I . 11.03 42.82 1.24
O5 NAG I . 9.40 39.64 1.66
O6 NAG I . 10.60 39.12 -0.73
O7 NAG I . 8.22 40.12 6.41
C1 NAG J . 8.53 19.70 2.91
C2 NAG J . 9.40 18.43 2.73
C3 NAG J . 10.66 18.68 1.90
C4 NAG J . 10.31 19.40 0.59
C5 NAG J . 9.42 20.62 0.89
C6 NAG J . 9.01 21.39 -0.37
C7 NAG J . 9.21 16.86 4.69
C8 NAG J . 9.86 16.40 5.96
N2 NAG J . 9.77 17.91 4.05
O3 NAG J . 11.34 17.46 1.61
O4 NAG J . 11.47 19.90 -0.04
O5 NAG J . 8.28 20.25 1.63
O6 NAG J . 8.19 20.56 -1.18
O7 NAG J . 8.22 16.25 4.31
C1 NAG J . 11.92 19.14 -1.14
C2 NAG J . 12.75 20.03 -2.06
C3 NAG J . 13.33 19.20 -3.20
C4 NAG J . 13.93 17.83 -2.77
C5 NAG J . 13.03 17.18 -1.71
C6 NAG J . 13.57 15.92 -1.04
C7 NAG J . 12.33 22.46 -2.38
C8 NAG J . 11.55 23.48 -3.17
N2 NAG J . 11.98 21.17 -2.55
O3 NAG J . 14.29 20.01 -3.87
O4 NAG J . 14.00 17.00 -3.91
O5 NAG J . 12.76 18.11 -0.68
O6 NAG J . 14.82 16.19 -0.46
O7 NAG J . 13.22 22.85 -1.62
C1 MAN J . 15.29 16.39 -4.14
C2 MAN J . 15.11 15.36 -5.26
C3 MAN J . 16.43 14.77 -5.75
C4 MAN J . 17.56 15.79 -5.89
C5 MAN J . 17.59 16.76 -4.72
C6 MAN J . 18.56 17.89 -5.06
O2 MAN J . 14.42 15.93 -6.36
O3 MAN J . 16.24 14.11 -6.99
O4 MAN J . 18.81 15.11 -5.97
O5 MAN J . 16.32 17.31 -4.46
O6 MAN J . 18.08 18.59 -6.20
C1 NAG K . -28.47 -6.07 10.79
C2 NAG K . -29.37 -5.30 11.77
C3 NAG K . -30.04 -6.34 12.68
C4 NAG K . -30.72 -7.51 11.96
C5 NAG K . -29.76 -8.06 10.89
C6 NAG K . -30.39 -9.07 9.95
C7 NAG K . -28.51 -3.04 12.42
C8 NAG K . -27.56 -2.30 13.29
N2 NAG K . -28.57 -4.39 12.57
O3 NAG K . -30.92 -5.73 13.59
O4 NAG K . -30.97 -8.57 12.88
O5 NAG K . -29.28 -7.00 10.09
O6 NAG K . -31.52 -8.45 9.36
O7 NAG K . -29.18 -2.37 11.62
C1 NAG K . -32.32 -8.57 13.39
C2 NAG K . -32.67 -9.93 13.96
C3 NAG K . -34.05 -9.99 14.61
C4 NAG K . -34.38 -8.75 15.43
C5 NAG K . -33.90 -7.46 14.77
C6 NAG K . -33.98 -6.34 15.79
C7 NAG K . -31.70 -11.80 12.83
C8 NAG K . -31.99 -12.99 11.97
N2 NAG K . -32.63 -10.87 12.86
O3 NAG K . -34.17 -11.11 15.45
O4 NAG K . -35.77 -8.70 15.65
O5 NAG K . -32.54 -7.59 14.37
O6 NAG K . -33.21 -6.73 16.91
O7 NAG K . -30.66 -11.70 13.46
CU CU L . 4.08 -11.74 -8.64
CU CU M . 11.86 -21.14 -10.93
CU CU N . 14.72 -19.14 -7.48
CU CU O . 15.77 -20.10 -11.25
CL CL P . 18.14 -20.07 -12.81
C1 NAG Q . 18.92 -38.12 7.53
C2 NAG Q . 19.55 -39.54 7.58
C3 NAG Q . 18.86 -40.45 8.60
C4 NAG Q . 18.71 -39.79 9.95
C5 NAG Q . 17.99 -38.46 9.74
C6 NAG Q . 17.84 -37.78 11.09
C7 NAG Q . 20.24 -40.39 5.38
C8 NAG Q . 19.95 -41.43 4.34
N2 NAG Q . 19.35 -40.29 6.37
O3 NAG Q . 19.58 -41.65 8.80
O4 NAG Q . 17.98 -40.66 10.76
O5 NAG Q . 18.72 -37.62 8.84
O6 NAG Q . 18.90 -36.87 11.29
O7 NAG Q . 21.23 -39.69 5.30
C1 NAG R . 0.60 -37.58 -25.73
C2 NAG R . -0.02 -38.97 -25.50
C3 NAG R . -1.46 -38.86 -25.07
C4 NAG R . -1.51 -38.02 -23.82
C5 NAG R . -0.89 -36.65 -24.10
C6 NAG R . -0.86 -35.80 -22.83
C7 NAG R . 0.93 -40.82 -26.77
C8 NAG R . 1.06 -41.47 -28.12
N2 NAG R . 0.04 -39.84 -26.67
O3 NAG R . -1.96 -40.15 -24.78
O4 NAG R . -2.84 -37.94 -23.35
O5 NAG R . 0.44 -36.81 -24.55
O6 NAG R . -0.45 -36.63 -21.76
O7 NAG R . 1.63 -41.22 -25.84
S SO4 S . 33.78 -27.60 -21.87
O1 SO4 S . 33.45 -26.28 -21.36
O2 SO4 S . 32.63 -28.39 -22.30
O3 SO4 S . 34.44 -28.36 -20.81
O4 SO4 S . 34.70 -27.37 -22.99
S SO4 T . 24.60 -24.95 -30.33
O1 SO4 T . 24.90 -25.70 -29.11
O2 SO4 T . 24.45 -25.85 -31.48
O3 SO4 T . 25.71 -24.02 -30.60
O4 SO4 T . 23.41 -24.13 -30.09
O1 3DM U . 0.32 -10.31 -3.54
C1 3DM U . -0.74 -9.54 -3.30
C2 3DM U . -2.09 -9.99 -3.73
O2 3DM U . -2.23 -11.17 -4.39
C7 3DM U . -3.15 -11.32 -5.48
C3 3DM U . -3.20 -9.18 -3.46
C4 3DM U . -3.04 -7.97 -2.79
C5 3DM U . -1.82 -7.50 -2.35
C6 3DM U . -0.64 -8.23 -2.57
O3 3DM U . 0.57 -7.74 -2.11
C8 3DM U . 0.80 -6.33 -2.03
C1 GOL V . -6.30 -5.60 -3.04
O1 GOL V . -5.80 -6.91 -3.21
C2 GOL V . -7.22 -5.25 -4.21
O2 GOL V . -8.13 -6.29 -4.49
C3 GOL V . -7.95 -3.92 -4.03
O3 GOL V . -8.14 -3.38 -5.32
CU CU W . -14.40 4.12 3.06
CU CU X . -22.73 13.03 4.98
CU CU Y . -18.90 16.15 5.21
CU CU Z . -21.85 15.66 7.96
CL CL AA . -22.65 16.80 10.46
C1 NAG BA . -25.18 33.47 -10.98
C2 NAG BA . -26.08 34.69 -11.21
C3 NAG BA . -26.04 35.06 -12.71
C4 NAG BA . -24.60 35.28 -13.15
C5 NAG BA . -23.78 34.03 -12.82
C6 NAG BA . -22.32 34.11 -13.25
C7 NAG BA . -28.10 34.69 -9.78
C8 NAG BA . -29.60 34.68 -9.76
N2 NAG BA . -27.47 34.38 -10.91
O3 NAG BA . -26.87 36.17 -12.99
O4 NAG BA . -24.60 35.50 -14.53
O5 NAG BA . -23.85 33.73 -11.43
O6 NAG BA . -21.77 35.36 -12.89
O7 NAG BA . -27.50 34.98 -8.77
C1 NAG CA . -45.07 4.20 0.92
C2 NAG CA . -46.57 4.17 0.50
C3 NAG CA . -46.74 3.33 -0.77
C4 NAG CA . -45.83 3.85 -1.90
C5 NAG CA . -44.38 3.99 -1.44
C6 NAG CA . -43.59 4.74 -2.52
C7 NAG CA . -48.18 4.44 2.38
C8 NAG CA . -48.69 3.73 3.61
N2 NAG CA . -47.43 3.68 1.58
O3 NAG CA . -48.08 3.47 -1.21
O4 NAG CA . -45.85 3.00 -3.05
O5 NAG CA . -44.27 4.66 -0.18
O6 NAG CA . -44.12 6.03 -2.84
O7 NAG CA . -48.44 5.63 2.14
C1 NAG DA . -5.83 31.74 3.17
C2 NAG DA . -4.98 32.65 4.11
C3 NAG DA . -5.58 34.06 4.24
C4 NAG DA . -5.83 34.68 2.88
C5 NAG DA . -6.56 33.67 2.00
C6 NAG DA . -6.72 34.21 0.59
C7 NAG DA . -3.64 31.69 5.90
C8 NAG DA . -3.62 31.20 7.32
N2 NAG DA . -4.82 32.10 5.43
O3 NAG DA . -4.72 34.90 5.00
O4 NAG DA . -6.69 35.80 3.03
O5 NAG DA . -5.89 32.43 1.93
O6 NAG DA . -7.94 33.68 0.11
O7 NAG DA . -2.62 31.70 5.22
S SO4 EA . -33.52 28.81 22.00
O1 SO4 EA . -33.58 28.46 20.59
O2 SO4 EA . -34.86 28.65 22.55
O3 SO4 EA . -33.11 30.21 22.11
O4 SO4 EA . -32.55 27.97 22.73
O1 3DM FA . -10.45 2.65 -2.04
C1 3DM FA . -9.58 1.70 -2.35
C2 3DM FA . -10.06 0.44 -2.97
O2 3DM FA . -11.40 0.30 -3.20
C7 3DM FA . -11.89 -0.75 -4.04
C3 3DM FA . -9.13 -0.56 -3.28
C4 3DM FA . -7.76 -0.38 -3.03
C5 3DM FA . -7.27 0.80 -2.46
C6 3DM FA . -8.12 1.85 -2.09
O3 3DM FA . -7.66 3.02 -1.52
C8 3DM FA . -6.35 3.19 -0.97
C1 GOL GA . -6.21 -3.46 -4.01
O1 GOL GA . -5.27 -2.73 -3.26
C2 GOL GA . -6.11 -4.92 -3.64
O2 GOL GA . -5.36 -5.04 -2.44
C3 GOL GA . -7.51 -5.53 -3.52
O3 GOL GA . -7.44 -6.85 -3.02
#